data_2YNM
#
_entry.id   2YNM
#
_cell.length_a   308.400
_cell.length_b   74.110
_cell.length_c   74.230
_cell.angle_alpha   90.00
_cell.angle_beta   91.24
_cell.angle_gamma   90.00
#
_symmetry.space_group_name_H-M   'C 1 2 1'
#
loop_
_entity.id
_entity.type
_entity.pdbx_description
1 polymer 'LIGHT-INDEPENDENT PROTOCHLOROPHYLLIDE REDUCTASE IRON-SULFUR ATP-BINDING PROTEIN'
2 polymer 'LIGHT-INDEPENDENT PROTOCHLOROPHYLLIDE REDUCTASE SUBUNIT N'
3 polymer 'LIGHT-INDEPENDENT PROTOCHLOROPHYLLIDE REDUCTASE SUBUNIT B'
4 non-polymer 'PENTAETHYLENE GLYCOL'
5 non-polymer '4-(2-HYDROXYETHYL)-1-PIPERAZINE ETHANESULFONIC ACID'
6 non-polymer 'ALUMINUM FLUORIDE'
7 non-polymer "ADENOSINE-5'-DIPHOSPHATE"
8 non-polymer 'MAGNESIUM ION'
9 non-polymer 'IRON/SULFUR CLUSTER'
10 non-polymer GLYCEROL
11 non-polymer Protochlorophyllide
12 non-polymer 'POTASSIUM ION'
13 water water
#
loop_
_entity_poly.entity_id
_entity_poly.type
_entity_poly.pdbx_seq_one_letter_code
_entity_poly.pdbx_strand_id
1 'polypeptide(L)'
;GPLGSMTTTLANRPDGEGSVQVKLDPKVNIEEGALVIAVYGKGGIGKSTTSSNLSAAFSKLGKKVLQIGCDPKHDSTFTL
THKMVPTVIDILEEVDFHSEELRPQDFMFEGFNGVQCVESGGPPAGTGCGGYVTGQTVKLLKEHHLLEDTDVVIFDVLGD
VVCGGFAAPLQHANYCLIVTANDFDSIFAMNRIVAAINAKAKNYKVRLGGVIANRSAELDQIEKFNEKTGLKTMAHFRNV
DAIRRSRLKKCTIFEMDPEEEGVLEVQNEYLSLAKKMIDNVEPLEAEPLKDREIFDLLGFD
;
A,B
2 'polypeptide(L)'
;GPLGSPEFMSGSTLLKETGPREVFCGLTSIVWLHRRMPDAFFLVVGSRTCAHLIQSAAGVMIFAEPRFGTAILEERDLAG
LADAHEELDRVVKSLLKRRPEIRTLFLVGSCPSEVIKIDLSRAAERLSSQFNGQVRILNYSGSGIETTFTQGEDGALKAL
VPLMPSSQEEQLLLAGTLANPVEDRLKTIFNRLGIQKVESFPPRESTKLPAIGPGTKVLLAQPYLTDTARELKDRGAEIL
QAPFPLGVEGSQLWIEAAANAFKIKKTLVDATLEPLITRAHKALKPYVEQLSGKKLFLLPESQLEIPLARFLSNECGMKL
IEVGVPYLNREMMGPELDLLPQNTRIVEGQHVEKQLDRVREHHPDLVVCGMGLANPLEAEGISTKWSIEMVFSPIHGIDQ
ASDLAELFARPLHRQNLLNKKTLEAV
;
C
3 'polypeptide(L)'
;MELTLWTYEGPPHIGAMRIATSMKGLHYVLHAPQGDTYADLLFTMIERRGSRPPVTYTTFQARDLGGDTAELVKGHIFEA
VERFKPEALLVGESCTAELIQDQPGSLAKGMGLNIPIVSLELPAYSKKENWGASETFYQLIRGLLKEISEDSSNNAKQSW
QEEGRRPRVNLLGPSLLGFRCRDDVLEIQKILGENGIDINVIAPLGASPSDLMRLPKADANVCLYPEIAESTCLWLERNF
KTPFTKVVPIGVKATQDFLEELYELLGMEVSNSISNSDQSKLPWYSKSVDSNYLTGKRVFIFGDGTHVLAAARIANEELG
FEVVGIGTYSREMARKVRAAATELGLEALITNDYLEVEESIKECAPELVLGTQMERHSAKRLGIPCAVISTPMHVQDVPA
RYSPQMGWEGANVIFDDWVHPLMMGLEEHLIGMFRHDFEFTDGHQSHLGHLGGHASETKTSSKGINQSPNNHSPAGESIH
WTSEGESELAKIPFFVRGKVRRNTEKYARQAGCREIDGETLLDAKAHFGA
;
D
#
# COMPACT_ATOMS: atom_id res chain seq x y z
N ALA A 34 -24.34 -27.92 2.28
CA ALA A 34 -24.68 -26.51 2.44
C ALA A 34 -24.92 -25.83 1.09
N LEU A 35 -26.14 -25.31 0.91
CA LEU A 35 -26.47 -24.56 -0.30
C LEU A 35 -26.15 -23.08 -0.10
N VAL A 36 -25.15 -22.59 -0.81
CA VAL A 36 -24.73 -21.20 -0.62
C VAL A 36 -25.27 -20.29 -1.73
N ILE A 37 -25.98 -19.24 -1.32
CA ILE A 37 -26.64 -18.33 -2.24
C ILE A 37 -26.15 -16.91 -2.03
N ALA A 38 -25.79 -16.23 -3.11
CA ALA A 38 -25.37 -14.84 -3.04
C ALA A 38 -26.40 -13.93 -3.72
N VAL A 39 -26.83 -12.91 -3.00
CA VAL A 39 -27.85 -12.00 -3.53
C VAL A 39 -27.25 -10.67 -3.96
N TYR A 40 -27.36 -10.38 -5.25
CA TYR A 40 -26.86 -9.14 -5.83
C TYR A 40 -27.98 -8.39 -6.55
N GLY A 41 -27.69 -7.17 -6.99
CA GLY A 41 -28.68 -6.38 -7.70
C GLY A 41 -28.53 -4.90 -7.46
N LYS A 42 -29.22 -4.11 -8.27
CA LYS A 42 -29.25 -2.65 -8.18
C LYS A 42 -29.45 -2.19 -6.74
N GLY A 43 -28.78 -1.10 -6.37
CA GLY A 43 -28.93 -0.54 -5.04
C GLY A 43 -30.38 -0.24 -4.70
N GLY A 44 -30.77 -0.56 -3.48
CA GLY A 44 -32.12 -0.27 -3.00
C GLY A 44 -33.23 -1.04 -3.68
N ILE A 45 -32.89 -2.09 -4.40
CA ILE A 45 -33.87 -2.88 -5.13
C ILE A 45 -34.66 -3.78 -4.18
N GLY A 46 -34.14 -3.97 -2.97
CA GLY A 46 -34.81 -4.81 -2.00
C GLY A 46 -34.04 -6.09 -1.71
N LYS A 47 -32.72 -6.03 -1.83
CA LYS A 47 -31.87 -7.19 -1.57
C LYS A 47 -31.92 -7.67 -0.12
N SER A 48 -31.82 -6.74 0.82
CA SER A 48 -31.85 -7.09 2.24
C SER A 48 -33.24 -7.51 2.68
N THR A 49 -34.25 -6.85 2.12
CA THR A 49 -35.63 -7.20 2.39
C THR A 49 -35.91 -8.63 1.93
N THR A 50 -35.53 -8.91 0.68
CA THR A 50 -35.76 -10.23 0.09
C THR A 50 -35.00 -11.33 0.84
N SER A 51 -33.70 -11.11 1.04
CA SER A 51 -32.82 -12.09 1.68
C SER A 51 -33.33 -12.55 3.05
N SER A 52 -33.64 -11.59 3.92
CA SER A 52 -34.08 -11.89 5.28
C SER A 52 -35.39 -12.68 5.29
N ASN A 53 -36.34 -12.28 4.44
CA ASN A 53 -37.59 -12.99 4.31
C ASN A 53 -37.42 -14.37 3.69
N LEU A 54 -36.44 -14.49 2.78
CA LEU A 54 -36.13 -15.77 2.16
C LEU A 54 -35.52 -16.71 3.19
N SER A 55 -34.64 -16.17 4.03
CA SER A 55 -34.04 -16.94 5.12
C SER A 55 -35.12 -17.47 6.06
N ALA A 56 -36.11 -16.62 6.34
CA ALA A 56 -37.25 -17.00 7.17
C ALA A 56 -38.05 -18.13 6.49
N ALA A 57 -38.24 -18.00 5.18
CA ALA A 57 -38.99 -18.99 4.42
C ALA A 57 -38.32 -20.36 4.46
N PHE A 58 -37.00 -20.37 4.25
CA PHE A 58 -36.22 -21.60 4.35
C PHE A 58 -36.39 -22.27 5.72
N SER A 59 -36.38 -21.46 6.77
CA SER A 59 -36.49 -21.98 8.13
C SER A 59 -37.87 -22.55 8.42
N LYS A 60 -38.90 -21.97 7.80
CA LYS A 60 -40.25 -22.49 7.92
C LYS A 60 -40.38 -23.82 7.18
N LEU A 61 -39.42 -24.09 6.29
CA LEU A 61 -39.38 -25.36 5.57
C LEU A 61 -38.49 -26.37 6.31
N GLY A 62 -38.09 -26.01 7.53
CA GLY A 62 -37.33 -26.92 8.37
C GLY A 62 -35.84 -26.90 8.12
N LYS A 63 -35.38 -25.92 7.33
CA LYS A 63 -33.97 -25.81 7.00
C LYS A 63 -33.24 -24.89 7.99
N LYS A 64 -31.99 -25.23 8.31
CA LYS A 64 -31.15 -24.37 9.12
C LYS A 64 -30.50 -23.32 8.23
N VAL A 65 -30.61 -22.05 8.61
CA VAL A 65 -30.19 -20.95 7.75
C VAL A 65 -29.16 -20.03 8.40
N LEU A 66 -28.20 -19.60 7.60
CA LEU A 66 -27.22 -18.61 8.03
C LEU A 66 -27.22 -17.46 7.02
N GLN A 67 -27.57 -16.26 7.48
CA GLN A 67 -27.56 -15.08 6.61
C GLN A 67 -26.41 -14.14 6.96
N ILE A 68 -25.72 -13.67 5.94
CA ILE A 68 -24.55 -12.83 6.13
C ILE A 68 -24.67 -11.49 5.40
N GLY A 69 -24.72 -10.40 6.17
CA GLY A 69 -24.81 -9.08 5.58
C GLY A 69 -23.44 -8.53 5.21
N CYS A 70 -23.23 -8.30 3.92
CA CYS A 70 -21.96 -7.75 3.43
C CYS A 70 -22.15 -6.30 3.01
N ASP A 71 -22.24 -5.40 3.99
CA ASP A 71 -22.55 -4.01 3.73
C ASP A 71 -22.17 -3.17 4.94
N PRO A 72 -21.37 -2.12 4.75
CA PRO A 72 -21.01 -1.18 5.81
C PRO A 72 -22.22 -0.64 6.57
N LYS A 73 -23.37 -0.56 5.90
CA LYS A 73 -24.61 -0.14 6.54
C LYS A 73 -25.09 -1.13 7.60
N HIS A 74 -24.61 -2.37 7.50
CA HIS A 74 -24.99 -3.46 8.41
C HIS A 74 -26.50 -3.54 8.70
N ASP A 75 -27.30 -3.40 7.65
CA ASP A 75 -28.74 -3.35 7.77
C ASP A 75 -29.41 -4.53 7.07
N SER A 76 -28.77 -5.69 7.11
CA SER A 76 -29.28 -6.87 6.39
C SER A 76 -30.27 -7.68 7.23
N THR A 77 -29.92 -7.93 8.49
CA THR A 77 -30.60 -8.94 9.28
C THR A 77 -31.50 -8.42 10.41
N PHE A 78 -31.66 -7.10 10.52
CA PHE A 78 -32.38 -6.55 11.66
C PHE A 78 -33.85 -6.97 11.72
N THR A 79 -34.42 -7.34 10.58
CA THR A 79 -35.81 -7.83 10.56
C THR A 79 -35.90 -9.25 11.12
N LEU A 80 -34.77 -9.96 11.14
CA LEU A 80 -34.72 -11.30 11.69
C LEU A 80 -34.48 -11.30 13.19
N THR A 81 -33.88 -10.23 13.69
CA THR A 81 -33.49 -10.16 15.09
C THR A 81 -34.22 -9.05 15.86
N HIS A 82 -34.96 -8.22 15.13
CA HIS A 82 -35.65 -7.06 15.70
C HIS A 82 -34.71 -6.04 16.33
N LYS A 83 -33.43 -6.11 15.98
CA LYS A 83 -32.42 -5.20 16.53
C LYS A 83 -31.14 -5.21 15.71
N MET A 84 -30.26 -4.25 16.00
CA MET A 84 -28.94 -4.19 15.38
C MET A 84 -27.98 -5.11 16.12
N VAL A 85 -27.57 -6.20 15.47
CA VAL A 85 -26.59 -7.09 16.07
C VAL A 85 -25.20 -6.51 15.87
N PRO A 86 -24.31 -6.70 16.85
CA PRO A 86 -22.91 -6.25 16.70
C PRO A 86 -22.27 -6.83 15.44
N THR A 87 -21.41 -6.03 14.82
CA THR A 87 -20.80 -6.41 13.55
C THR A 87 -19.47 -7.12 13.77
N VAL A 88 -19.07 -7.91 12.78
CA VAL A 88 -17.80 -8.66 12.86
C VAL A 88 -16.62 -7.72 13.07
N ILE A 89 -16.61 -6.60 12.33
CA ILE A 89 -15.50 -5.66 12.43
C ILE A 89 -15.42 -5.01 13.82
N ASP A 90 -16.56 -4.82 14.46
CA ASP A 90 -16.59 -4.29 15.82
C ASP A 90 -16.10 -5.33 16.81
N ILE A 91 -16.49 -6.58 16.58
CA ILE A 91 -16.05 -7.69 17.43
C ILE A 91 -14.54 -7.90 17.31
N LEU A 92 -14.04 -7.83 16.08
CA LEU A 92 -12.61 -7.92 15.83
C LEU A 92 -11.88 -6.80 16.55
N GLU A 93 -12.43 -5.59 16.45
CA GLU A 93 -11.84 -4.42 17.09
C GLU A 93 -11.76 -4.60 18.60
N GLU A 94 -12.74 -5.29 19.17
CA GLU A 94 -12.76 -5.56 20.60
C GLU A 94 -11.58 -6.40 21.04
N VAL A 95 -11.16 -7.34 20.20
CA VAL A 95 -10.02 -8.20 20.52
C VAL A 95 -8.75 -7.73 19.83
N ASP A 96 -8.71 -6.45 19.47
CA ASP A 96 -7.57 -5.84 18.79
C ASP A 96 -7.19 -6.60 17.53
N PHE A 97 -8.20 -7.09 16.81
CA PHE A 97 -8.02 -7.77 15.54
C PHE A 97 -7.24 -9.06 15.60
N HIS A 98 -7.19 -9.66 16.79
CA HIS A 98 -6.66 -11.01 16.95
C HIS A 98 -7.81 -11.99 16.77
N SER A 99 -8.03 -12.42 15.54
CA SER A 99 -9.19 -13.20 15.18
C SER A 99 -9.22 -14.60 15.79
N GLU A 100 -8.05 -15.09 16.22
CA GLU A 100 -7.97 -16.44 16.77
C GLU A 100 -8.63 -16.54 18.15
N GLU A 101 -8.92 -15.39 18.77
CA GLU A 101 -9.56 -15.36 20.08
C GLU A 101 -11.08 -15.43 19.93
N LEU A 102 -11.55 -15.45 18.69
CA LEU A 102 -12.99 -15.42 18.42
C LEU A 102 -13.56 -16.82 18.13
N ARG A 103 -14.82 -17.00 18.51
CA ARG A 103 -15.55 -18.22 18.20
C ARG A 103 -16.86 -17.81 17.53
N PRO A 104 -17.53 -18.74 16.82
CA PRO A 104 -18.77 -18.39 16.12
C PRO A 104 -19.80 -17.70 17.03
N GLN A 105 -19.85 -18.13 18.29
CA GLN A 105 -20.78 -17.55 19.26
C GLN A 105 -20.53 -16.06 19.53
N ASP A 106 -19.34 -15.58 19.15
CA ASP A 106 -18.97 -14.18 19.39
C ASP A 106 -19.56 -13.21 18.36
N PHE A 107 -19.80 -13.69 17.14
CA PHE A 107 -20.24 -12.80 16.06
C PHE A 107 -21.43 -13.34 15.28
N MET A 108 -22.04 -14.42 15.77
CA MET A 108 -23.21 -15.00 15.11
C MET A 108 -24.38 -15.05 16.08
N PHE A 109 -25.52 -14.53 15.67
CA PHE A 109 -26.65 -14.36 16.58
C PHE A 109 -27.93 -14.96 16.04
N GLU A 110 -28.71 -15.58 16.93
CA GLU A 110 -29.92 -16.28 16.53
C GLU A 110 -31.09 -15.32 16.39
N GLY A 111 -31.83 -15.47 15.30
CA GLY A 111 -32.98 -14.63 15.04
C GLY A 111 -34.25 -15.43 14.83
N PHE A 112 -35.14 -14.89 14.00
CA PHE A 112 -36.45 -15.48 13.75
C PHE A 112 -36.42 -16.98 13.44
N ASN A 113 -37.11 -17.76 14.26
CA ASN A 113 -37.28 -19.20 14.03
C ASN A 113 -35.96 -19.96 13.89
N GLY A 114 -34.92 -19.48 14.57
CA GLY A 114 -33.66 -20.19 14.62
C GLY A 114 -32.61 -19.75 13.62
N VAL A 115 -32.99 -18.84 12.72
CA VAL A 115 -32.05 -18.34 11.70
C VAL A 115 -30.88 -17.60 12.36
N GLN A 116 -29.67 -17.99 11.97
CA GLN A 116 -28.46 -17.36 12.50
C GLN A 116 -28.08 -16.16 11.63
N CYS A 117 -27.57 -15.10 12.26
CA CYS A 117 -27.31 -13.85 11.55
C CYS A 117 -25.91 -13.29 11.81
N VAL A 118 -25.28 -12.80 10.74
CA VAL A 118 -23.98 -12.15 10.84
C VAL A 118 -23.94 -10.86 10.02
N GLU A 119 -23.49 -9.78 10.63
CA GLU A 119 -23.26 -8.54 9.91
C GLU A 119 -21.76 -8.27 9.83
N SER A 120 -21.25 -8.14 8.61
CA SER A 120 -19.85 -7.85 8.41
C SER A 120 -19.49 -6.51 9.04
N GLY A 121 -20.39 -5.54 8.86
CA GLY A 121 -20.10 -4.18 9.25
C GLY A 121 -19.12 -3.56 8.28
N GLY A 122 -18.78 -2.30 8.49
CA GLY A 122 -17.87 -1.60 7.61
C GLY A 122 -17.65 -0.19 8.08
N PRO A 123 -16.85 0.58 7.32
CA PRO A 123 -16.50 1.94 7.72
C PRO A 123 -17.68 2.88 7.62
N PRO A 124 -17.63 4.01 8.35
CA PRO A 124 -18.59 5.09 8.14
C PRO A 124 -18.53 5.53 6.68
N ALA A 125 -19.63 6.10 6.18
CA ALA A 125 -19.67 6.53 4.78
C ALA A 125 -18.53 7.47 4.43
N GLY A 126 -17.81 7.15 3.37
CA GLY A 126 -16.73 7.99 2.88
C GLY A 126 -15.41 7.82 3.60
N THR A 127 -15.25 6.72 4.32
CA THR A 127 -14.00 6.45 5.03
C THR A 127 -13.50 5.04 4.77
N GLY A 128 -12.23 4.81 5.05
CA GLY A 128 -11.62 3.50 5.00
C GLY A 128 -11.74 2.78 3.66
N CYS A 129 -11.95 1.48 3.72
CA CYS A 129 -12.07 0.64 2.53
C CYS A 129 -13.03 -0.48 2.84
N GLY A 130 -14.31 -0.28 2.51
CA GLY A 130 -15.35 -1.25 2.80
C GLY A 130 -15.11 -2.60 2.15
N GLY A 131 -14.45 -2.58 0.99
CA GLY A 131 -14.14 -3.81 0.27
C GLY A 131 -13.19 -4.69 1.06
N TYR A 132 -12.14 -4.07 1.58
CA TYR A 132 -11.16 -4.77 2.41
C TYR A 132 -11.86 -5.42 3.60
N VAL A 133 -12.65 -4.63 4.32
CA VAL A 133 -13.36 -5.11 5.49
C VAL A 133 -14.26 -6.30 5.19
N THR A 134 -15.07 -6.18 4.14
CA THR A 134 -15.96 -7.27 3.74
C THR A 134 -15.16 -8.51 3.35
N GLY A 135 -14.06 -8.30 2.63
CA GLY A 135 -13.18 -9.39 2.27
C GLY A 135 -12.66 -10.13 3.49
N GLN A 136 -12.32 -9.39 4.53
CA GLN A 136 -11.81 -10.00 5.77
C GLN A 136 -12.89 -10.78 6.49
N THR A 137 -14.12 -10.26 6.48
CA THR A 137 -15.24 -10.91 7.14
C THR A 137 -15.54 -12.28 6.52
N VAL A 138 -15.62 -12.33 5.20
CA VAL A 138 -15.91 -13.57 4.50
C VAL A 138 -14.86 -14.63 4.83
N LYS A 139 -13.61 -14.20 4.95
CA LYS A 139 -12.52 -15.12 5.28
C LYS A 139 -12.62 -15.68 6.70
N LEU A 140 -13.02 -14.84 7.64
CA LEU A 140 -13.20 -15.28 9.03
C LEU A 140 -14.27 -16.36 9.10
N LEU A 141 -15.37 -16.15 8.38
CA LEU A 141 -16.48 -17.09 8.36
C LEU A 141 -16.06 -18.43 7.78
N LYS A 142 -15.23 -18.37 6.74
CA LYS A 142 -14.73 -19.58 6.10
C LYS A 142 -13.79 -20.34 7.02
N GLU A 143 -13.04 -19.61 7.84
CA GLU A 143 -12.13 -20.20 8.80
C GLU A 143 -12.88 -21.08 9.81
N HIS A 144 -14.02 -20.58 10.28
CA HIS A 144 -14.80 -21.28 11.29
C HIS A 144 -15.79 -22.28 10.70
N HIS A 145 -15.61 -22.58 9.41
CA HIS A 145 -16.42 -23.59 8.72
C HIS A 145 -17.91 -23.28 8.76
N LEU A 146 -18.25 -22.00 8.90
CA LEU A 146 -19.65 -21.59 9.02
C LEU A 146 -20.43 -21.75 7.72
N LEU A 147 -19.71 -21.99 6.63
CA LEU A 147 -20.32 -22.17 5.33
C LEU A 147 -20.52 -23.66 5.04
N GLU A 148 -20.28 -24.49 6.06
CA GLU A 148 -20.37 -25.93 5.90
C GLU A 148 -21.36 -26.55 6.89
N ASP A 149 -21.35 -26.05 8.13
CA ASP A 149 -22.12 -26.64 9.21
C ASP A 149 -23.58 -26.17 9.25
N THR A 150 -24.19 -26.04 8.08
CA THR A 150 -25.59 -25.60 8.00
C THR A 150 -26.20 -25.97 6.66
N ASP A 151 -27.52 -25.87 6.57
CA ASP A 151 -28.24 -26.27 5.36
C ASP A 151 -28.16 -25.21 4.27
N VAL A 152 -28.54 -23.97 4.59
CA VAL A 152 -28.58 -22.90 3.62
C VAL A 152 -27.80 -21.67 4.10
N VAL A 153 -27.00 -21.09 3.21
CA VAL A 153 -26.26 -19.88 3.51
C VAL A 153 -26.66 -18.77 2.54
N ILE A 154 -27.02 -17.62 3.06
CA ILE A 154 -27.39 -16.49 2.21
C ILE A 154 -26.48 -15.29 2.43
N PHE A 155 -25.67 -14.99 1.42
CA PHE A 155 -24.90 -13.75 1.40
C PHE A 155 -25.78 -12.64 0.85
N ASP A 156 -26.02 -11.61 1.66
CA ASP A 156 -26.75 -10.44 1.20
C ASP A 156 -25.76 -9.30 0.98
N VAL A 157 -25.44 -9.05 -0.30
CA VAL A 157 -24.42 -8.10 -0.66
C VAL A 157 -25.04 -6.76 -1.07
N LEU A 158 -24.28 -5.68 -0.94
CA LEU A 158 -24.74 -4.34 -1.35
C LEU A 158 -25.00 -4.23 -2.85
N GLY A 159 -25.39 -3.05 -3.29
CA GLY A 159 -25.75 -2.82 -4.67
C GLY A 159 -24.58 -2.49 -5.57
N ASP A 160 -23.71 -1.60 -5.10
CA ASP A 160 -22.56 -1.16 -5.90
C ASP A 160 -21.33 -2.04 -5.70
N VAL A 161 -21.17 -3.03 -6.56
CA VAL A 161 -20.03 -3.94 -6.50
C VAL A 161 -18.83 -3.26 -7.16
N VAL A 162 -18.23 -2.31 -6.45
CA VAL A 162 -17.22 -1.44 -7.03
C VAL A 162 -15.78 -1.95 -6.87
N CYS A 163 -15.64 -3.14 -6.29
CA CYS A 163 -14.33 -3.76 -6.12
C CYS A 163 -14.45 -5.25 -5.78
N GLY A 164 -13.31 -5.92 -5.67
CA GLY A 164 -13.28 -7.35 -5.45
C GLY A 164 -13.81 -7.82 -4.10
N GLY A 165 -13.74 -6.95 -3.11
CA GLY A 165 -14.18 -7.29 -1.77
C GLY A 165 -15.64 -7.68 -1.69
N PHE A 166 -16.45 -7.07 -2.55
CA PHE A 166 -17.89 -7.33 -2.56
C PHE A 166 -18.23 -8.44 -3.55
N ALA A 167 -17.21 -9.01 -4.17
CA ALA A 167 -17.36 -10.19 -5.00
C ALA A 167 -16.85 -11.40 -4.23
N ALA A 168 -16.30 -11.15 -3.06
CA ALA A 168 -15.76 -12.20 -2.20
C ALA A 168 -16.70 -13.37 -1.86
N PRO A 169 -18.01 -13.09 -1.68
CA PRO A 169 -18.89 -14.25 -1.43
C PRO A 169 -18.97 -15.23 -2.60
N LEU A 170 -18.58 -14.79 -3.79
CA LEU A 170 -18.76 -15.60 -4.99
C LEU A 170 -17.93 -16.89 -5.04
N GLN A 171 -16.81 -16.91 -4.33
CA GLN A 171 -15.95 -18.10 -4.33
C GLN A 171 -16.61 -19.26 -3.61
N HIS A 172 -17.59 -18.96 -2.75
CA HIS A 172 -18.19 -19.96 -1.88
C HIS A 172 -19.62 -20.29 -2.29
N ALA A 173 -20.21 -19.45 -3.12
CA ALA A 173 -21.61 -19.61 -3.50
C ALA A 173 -21.82 -20.68 -4.57
N ASN A 174 -22.93 -21.39 -4.47
CA ASN A 174 -23.36 -22.29 -5.53
C ASN A 174 -24.14 -21.51 -6.57
N TYR A 175 -25.05 -20.67 -6.10
CA TYR A 175 -25.89 -19.87 -6.98
C TYR A 175 -25.87 -18.39 -6.63
N CYS A 176 -26.11 -17.57 -7.64
CA CYS A 176 -26.33 -16.14 -7.44
C CYS A 176 -27.72 -15.76 -7.92
N LEU A 177 -28.50 -15.14 -7.03
CA LEU A 177 -29.79 -14.61 -7.42
C LEU A 177 -29.63 -13.11 -7.65
N ILE A 178 -30.27 -12.59 -8.68
CA ILE A 178 -30.21 -11.16 -8.94
C ILE A 178 -31.58 -10.53 -8.82
N VAL A 179 -31.70 -9.53 -7.96
CA VAL A 179 -32.96 -8.84 -7.74
C VAL A 179 -33.03 -7.61 -8.64
N THR A 180 -34.16 -7.44 -9.30
CA THR A 180 -34.36 -6.31 -10.20
C THR A 180 -35.82 -5.89 -10.24
N ALA A 181 -36.07 -4.71 -10.79
CA ALA A 181 -37.43 -4.24 -11.03
C ALA A 181 -37.65 -4.13 -12.53
N ASN A 182 -38.90 -3.88 -12.92
CA ASN A 182 -39.24 -3.76 -14.32
C ASN A 182 -38.95 -2.37 -14.87
N ASP A 183 -37.68 -1.97 -14.85
CA ASP A 183 -37.28 -0.66 -15.37
C ASP A 183 -35.84 -0.67 -15.86
N PHE A 184 -35.41 0.42 -16.49
CA PHE A 184 -34.10 0.44 -17.15
C PHE A 184 -32.92 0.22 -16.20
N ASP A 185 -32.82 1.05 -15.17
CA ASP A 185 -31.63 1.10 -14.33
C ASP A 185 -31.32 -0.18 -13.55
N SER A 186 -32.35 -0.86 -13.07
CA SER A 186 -32.12 -2.10 -12.32
C SER A 186 -31.70 -3.23 -13.24
N ILE A 187 -32.32 -3.31 -14.41
CA ILE A 187 -31.99 -4.33 -15.40
C ILE A 187 -30.58 -4.11 -15.93
N PHE A 188 -30.22 -2.84 -16.12
CA PHE A 188 -28.90 -2.49 -16.60
C PHE A 188 -27.85 -2.88 -15.57
N ALA A 189 -28.14 -2.59 -14.31
CA ALA A 189 -27.27 -2.99 -13.21
C ALA A 189 -27.14 -4.51 -13.15
N MET A 190 -28.26 -5.20 -13.35
CA MET A 190 -28.27 -6.66 -13.38
C MET A 190 -27.35 -7.19 -14.48
N ASN A 191 -27.36 -6.52 -15.62
CA ASN A 191 -26.53 -6.92 -16.75
C ASN A 191 -25.05 -6.88 -16.40
N ARG A 192 -24.65 -5.86 -15.65
CA ARG A 192 -23.27 -5.73 -15.21
C ARG A 192 -22.88 -6.85 -14.26
N ILE A 193 -23.80 -7.19 -13.35
CA ILE A 193 -23.57 -8.25 -12.37
C ILE A 193 -23.46 -9.61 -13.07
N VAL A 194 -24.28 -9.81 -14.10
CA VAL A 194 -24.25 -11.05 -14.88
C VAL A 194 -22.86 -11.25 -15.51
N ALA A 195 -22.30 -10.18 -16.06
CA ALA A 195 -20.97 -10.22 -16.65
C ALA A 195 -19.92 -10.61 -15.61
N ALA A 196 -20.11 -10.11 -14.40
CA ALA A 196 -19.20 -10.42 -13.29
C ALA A 196 -19.33 -11.88 -12.84
N ILE A 197 -20.57 -12.37 -12.75
CA ILE A 197 -20.80 -13.75 -12.36
C ILE A 197 -20.22 -14.71 -13.39
N ASN A 198 -20.43 -14.41 -14.67
CA ASN A 198 -19.89 -15.21 -15.76
C ASN A 198 -18.37 -15.32 -15.67
N ALA A 199 -17.73 -14.20 -15.36
CA ALA A 199 -16.27 -14.17 -15.21
C ALA A 199 -15.82 -15.13 -14.11
N LYS A 200 -16.38 -14.96 -12.91
CA LYS A 200 -16.01 -15.79 -11.77
C LYS A 200 -16.33 -17.28 -12.01
N ALA A 201 -17.38 -17.53 -12.78
CA ALA A 201 -17.80 -18.90 -13.06
C ALA A 201 -16.79 -19.67 -13.88
N LYS A 202 -15.84 -18.96 -14.47
CA LYS A 202 -14.75 -19.59 -15.22
C LYS A 202 -13.84 -20.37 -14.28
N ASN A 203 -13.73 -19.90 -13.04
CA ASN A 203 -12.82 -20.50 -12.07
C ASN A 203 -13.51 -20.95 -10.79
N TYR A 204 -14.78 -20.58 -10.65
CA TYR A 204 -15.54 -20.96 -9.45
C TYR A 204 -16.81 -21.72 -9.82
N LYS A 205 -17.37 -22.43 -8.84
CA LYS A 205 -18.54 -23.26 -9.07
C LYS A 205 -19.84 -22.45 -9.11
N VAL A 206 -19.76 -21.18 -8.74
CA VAL A 206 -20.94 -20.31 -8.70
C VAL A 206 -21.64 -20.23 -10.05
N ARG A 207 -22.97 -20.29 -10.04
CA ARG A 207 -23.76 -20.21 -11.26
C ARG A 207 -24.96 -19.29 -11.07
N LEU A 208 -25.48 -18.76 -12.17
CA LEU A 208 -26.68 -17.96 -12.12
C LEU A 208 -27.88 -18.86 -11.84
N GLY A 209 -28.61 -18.54 -10.78
CA GLY A 209 -29.75 -19.35 -10.38
C GLY A 209 -31.07 -18.79 -10.88
N GLY A 210 -31.06 -17.52 -11.28
CA GLY A 210 -32.26 -16.89 -11.82
C GLY A 210 -32.49 -15.47 -11.34
N VAL A 211 -33.59 -14.89 -11.77
CA VAL A 211 -33.92 -13.51 -11.47
C VAL A 211 -35.09 -13.39 -10.51
N ILE A 212 -34.97 -12.49 -9.52
CA ILE A 212 -36.06 -12.19 -8.63
C ILE A 212 -36.66 -10.85 -8.98
N ALA A 213 -37.83 -10.87 -9.63
CA ALA A 213 -38.55 -9.65 -9.95
C ALA A 213 -39.20 -9.11 -8.68
N ASN A 214 -38.93 -7.86 -8.37
CA ASN A 214 -39.36 -7.27 -7.11
C ASN A 214 -39.86 -5.84 -7.31
N ARG A 215 -40.89 -5.47 -6.55
CA ARG A 215 -41.37 -4.09 -6.51
C ARG A 215 -41.92 -3.66 -7.87
N SER A 216 -42.47 -4.61 -8.62
CA SER A 216 -42.97 -4.33 -9.97
C SER A 216 -44.31 -5.01 -10.24
N ALA A 217 -45.22 -4.27 -10.88
CA ALA A 217 -46.53 -4.80 -11.22
C ALA A 217 -46.45 -5.75 -12.42
N GLU A 218 -45.55 -5.46 -13.35
CA GLU A 218 -45.43 -6.25 -14.57
C GLU A 218 -43.97 -6.65 -14.85
N LEU A 219 -43.75 -7.41 -15.92
CA LEU A 219 -42.44 -8.00 -16.17
C LEU A 219 -41.95 -7.82 -17.61
N ASP A 220 -42.60 -6.93 -18.37
CA ASP A 220 -42.33 -6.82 -19.81
C ASP A 220 -40.86 -6.53 -20.18
N GLN A 221 -40.23 -5.61 -19.47
CA GLN A 221 -38.83 -5.28 -19.76
C GLN A 221 -37.87 -6.39 -19.31
N ILE A 222 -38.23 -7.03 -18.20
CA ILE A 222 -37.40 -8.10 -17.64
C ILE A 222 -37.33 -9.32 -18.57
N GLU A 223 -38.49 -9.78 -19.03
CA GLU A 223 -38.55 -10.94 -19.92
C GLU A 223 -37.96 -10.63 -21.29
N LYS A 224 -37.95 -9.35 -21.64
CA LYS A 224 -37.29 -8.89 -22.85
C LYS A 224 -35.78 -9.10 -22.69
N PHE A 225 -35.29 -8.88 -21.48
CA PHE A 225 -33.89 -9.08 -21.14
C PHE A 225 -33.60 -10.57 -20.96
N ASN A 226 -34.51 -11.28 -20.30
CA ASN A 226 -34.36 -12.70 -20.04
C ASN A 226 -34.21 -13.54 -21.30
N GLU A 227 -35.11 -13.33 -22.26
CA GLU A 227 -35.10 -14.10 -23.51
C GLU A 227 -33.79 -13.95 -24.27
N LYS A 228 -33.23 -12.75 -24.25
CA LYS A 228 -32.02 -12.46 -25.02
C LYS A 228 -30.73 -12.85 -24.29
N THR A 229 -30.82 -13.07 -22.98
CA THR A 229 -29.65 -13.42 -22.19
C THR A 229 -29.65 -14.90 -21.79
N GLY A 230 -30.82 -15.46 -21.56
CA GLY A 230 -30.92 -16.85 -21.16
C GLY A 230 -31.31 -16.99 -19.71
N LEU A 231 -31.48 -15.87 -19.02
CA LEU A 231 -31.95 -15.89 -17.64
C LEU A 231 -33.45 -16.16 -17.59
N LYS A 232 -33.93 -16.61 -16.44
CA LYS A 232 -35.36 -16.80 -16.23
C LYS A 232 -35.76 -16.27 -14.86
N THR A 233 -37.03 -15.89 -14.72
CA THR A 233 -37.52 -15.35 -13.47
C THR A 233 -37.95 -16.46 -12.52
N MET A 234 -37.38 -16.43 -11.31
CA MET A 234 -37.65 -17.45 -10.30
C MET A 234 -38.78 -17.04 -9.36
N ALA A 235 -39.00 -15.74 -9.22
CA ALA A 235 -40.02 -15.23 -8.32
C ALA A 235 -40.42 -13.80 -8.66
N HIS A 236 -41.65 -13.43 -8.29
CA HIS A 236 -42.17 -12.10 -8.58
C HIS A 236 -42.85 -11.51 -7.35
N PHE A 237 -42.37 -10.35 -6.91
CA PHE A 237 -42.98 -9.62 -5.80
C PHE A 237 -43.43 -8.25 -6.28
N ARG A 238 -44.70 -7.93 -6.08
CA ARG A 238 -45.24 -6.64 -6.49
C ARG A 238 -44.93 -5.57 -5.45
N ASN A 239 -45.17 -4.32 -5.81
CA ASN A 239 -45.01 -3.21 -4.86
C ASN A 239 -46.07 -3.31 -3.79
N VAL A 240 -45.71 -3.89 -2.66
CA VAL A 240 -46.65 -4.12 -1.56
C VAL A 240 -46.26 -3.29 -0.34
N ASP A 241 -47.17 -2.45 0.14
CA ASP A 241 -46.85 -1.54 1.24
C ASP A 241 -46.57 -2.26 2.55
N ALA A 242 -47.18 -3.43 2.72
CA ALA A 242 -46.94 -4.26 3.90
C ALA A 242 -45.46 -4.61 4.02
N ILE A 243 -44.80 -4.74 2.87
CA ILE A 243 -43.36 -5.02 2.83
C ILE A 243 -42.57 -3.82 3.34
N ARG A 244 -42.87 -2.64 2.81
CA ARG A 244 -42.26 -1.40 3.31
C ARG A 244 -42.48 -1.28 4.80
N ARG A 245 -43.70 -1.57 5.23
CA ARG A 245 -44.07 -1.50 6.64
C ARG A 245 -43.29 -2.49 7.51
N SER A 246 -42.97 -3.66 6.94
CA SER A 246 -42.27 -4.69 7.70
C SER A 246 -40.84 -4.27 8.07
N ARG A 247 -40.16 -3.56 7.17
CA ARG A 247 -38.84 -3.01 7.47
C ARG A 247 -38.94 -2.00 8.60
N LEU A 248 -40.00 -1.19 8.57
CA LEU A 248 -40.22 -0.18 9.60
C LEU A 248 -40.61 -0.80 10.94
N LYS A 249 -41.26 -1.95 10.90
CA LYS A 249 -41.67 -2.66 12.11
C LYS A 249 -40.57 -3.58 12.61
N LYS A 250 -39.47 -3.63 11.86
CA LYS A 250 -38.29 -4.41 12.23
C LYS A 250 -38.60 -5.91 12.33
N CYS A 251 -39.46 -6.39 11.44
CA CYS A 251 -39.84 -7.79 11.44
C CYS A 251 -39.94 -8.38 10.04
N THR A 252 -40.07 -9.69 9.97
CA THR A 252 -40.26 -10.38 8.69
C THR A 252 -41.71 -10.27 8.25
N ILE A 253 -41.97 -10.58 6.99
CA ILE A 253 -43.33 -10.55 6.46
C ILE A 253 -44.18 -11.63 7.12
N PHE A 254 -43.51 -12.62 7.70
CA PHE A 254 -44.20 -13.72 8.36
C PHE A 254 -44.75 -13.32 9.74
N GLU A 255 -44.28 -12.18 10.25
CA GLU A 255 -44.74 -11.69 11.54
C GLU A 255 -45.75 -10.56 11.37
N MET A 256 -46.07 -10.23 10.13
CA MET A 256 -47.06 -9.21 9.84
C MET A 256 -48.46 -9.79 9.99
N ASP A 257 -49.45 -8.92 10.17
CA ASP A 257 -50.82 -9.37 10.33
C ASP A 257 -51.35 -9.94 9.02
N PRO A 258 -51.88 -11.18 9.06
CA PRO A 258 -52.38 -11.87 7.88
C PRO A 258 -53.55 -11.16 7.20
N GLU A 259 -54.28 -10.33 7.94
CA GLU A 259 -55.42 -9.62 7.37
C GLU A 259 -55.02 -8.30 6.72
N GLU A 260 -53.76 -7.89 6.94
CA GLU A 260 -53.23 -6.72 6.26
C GLU A 260 -53.04 -7.08 4.79
N GLU A 261 -53.35 -6.15 3.90
CA GLU A 261 -53.34 -6.41 2.47
C GLU A 261 -51.98 -6.87 1.94
N GLY A 262 -51.98 -8.00 1.24
CA GLY A 262 -50.81 -8.49 0.55
C GLY A 262 -49.90 -9.41 1.36
N VAL A 263 -50.05 -9.43 2.67
CA VAL A 263 -49.16 -10.18 3.55
C VAL A 263 -49.11 -11.68 3.23
N LEU A 264 -50.27 -12.30 3.06
CA LEU A 264 -50.34 -13.73 2.76
C LEU A 264 -49.76 -14.06 1.39
N GLU A 265 -50.03 -13.18 0.43
CA GLU A 265 -49.55 -13.34 -0.94
C GLU A 265 -48.03 -13.35 -0.96
N VAL A 266 -47.45 -12.36 -0.30
CA VAL A 266 -46.01 -12.19 -0.23
C VAL A 266 -45.34 -13.34 0.54
N GLN A 267 -45.98 -13.79 1.61
CA GLN A 267 -45.50 -14.93 2.38
C GLN A 267 -45.39 -16.17 1.49
N ASN A 268 -46.45 -16.41 0.71
CA ASN A 268 -46.49 -17.56 -0.18
C ASN A 268 -45.49 -17.49 -1.32
N GLU A 269 -45.17 -16.28 -1.75
CA GLU A 269 -44.19 -16.11 -2.82
C GLU A 269 -42.77 -16.35 -2.29
N TYR A 270 -42.54 -16.03 -1.02
CA TYR A 270 -41.25 -16.32 -0.38
C TYR A 270 -41.12 -17.82 -0.14
N LEU A 271 -42.21 -18.45 0.27
CA LEU A 271 -42.23 -19.89 0.49
C LEU A 271 -41.96 -20.64 -0.81
N SER A 272 -42.58 -20.17 -1.89
CA SER A 272 -42.39 -20.78 -3.20
C SER A 272 -40.94 -20.68 -3.67
N LEU A 273 -40.34 -19.50 -3.50
CA LEU A 273 -38.97 -19.27 -3.92
C LEU A 273 -38.00 -20.19 -3.19
N ALA A 274 -38.24 -20.39 -1.89
CA ALA A 274 -37.43 -21.29 -1.10
C ALA A 274 -37.59 -22.73 -1.60
N LYS A 275 -38.83 -23.11 -1.88
CA LYS A 275 -39.13 -24.44 -2.43
C LYS A 275 -38.39 -24.67 -3.74
N LYS A 276 -38.31 -23.62 -4.56
CA LYS A 276 -37.62 -23.70 -5.83
C LYS A 276 -36.13 -23.96 -5.65
N MET A 277 -35.51 -23.23 -4.74
CA MET A 277 -34.08 -23.33 -4.50
C MET A 277 -33.64 -24.70 -3.96
N ILE A 278 -34.59 -25.47 -3.46
CA ILE A 278 -34.29 -26.81 -2.95
C ILE A 278 -34.52 -27.88 -4.01
N ASP A 279 -35.57 -27.70 -4.81
CA ASP A 279 -36.03 -28.76 -5.71
C ASP A 279 -35.90 -28.43 -7.20
N ASN A 280 -35.98 -27.14 -7.54
CA ASN A 280 -36.10 -26.74 -8.95
C ASN A 280 -34.89 -26.01 -9.53
N VAL A 281 -34.00 -25.53 -8.67
CA VAL A 281 -32.91 -24.65 -9.12
C VAL A 281 -31.93 -25.33 -10.09
N GLU A 282 -31.66 -24.66 -11.21
CA GLU A 282 -30.71 -25.15 -12.19
C GLU A 282 -29.75 -24.05 -12.62
N PRO A 283 -28.48 -24.41 -12.84
CA PRO A 283 -27.47 -23.46 -13.33
C PRO A 283 -27.84 -22.94 -14.72
N LEU A 284 -27.99 -21.64 -14.85
CA LEU A 284 -28.43 -21.05 -16.11
C LEU A 284 -27.25 -20.63 -16.99
N GLU A 285 -27.35 -20.96 -18.28
CA GLU A 285 -26.37 -20.50 -19.25
C GLU A 285 -26.79 -19.13 -19.77
N ALA A 286 -26.13 -18.09 -19.28
CA ALA A 286 -26.48 -16.74 -19.66
C ALA A 286 -25.27 -15.94 -20.13
N GLU A 287 -25.48 -15.12 -21.15
CA GLU A 287 -24.45 -14.20 -21.61
C GLU A 287 -25.00 -12.79 -21.60
N PRO A 288 -24.28 -11.87 -20.93
CA PRO A 288 -24.73 -10.48 -20.76
C PRO A 288 -24.72 -9.74 -22.09
N LEU A 289 -25.48 -8.65 -22.15
CA LEU A 289 -25.51 -7.82 -23.34
C LEU A 289 -24.43 -6.75 -23.25
N LYS A 290 -24.03 -6.22 -24.40
CA LYS A 290 -23.12 -5.09 -24.43
C LYS A 290 -23.92 -3.84 -24.06
N ASP A 291 -23.23 -2.82 -23.58
CA ASP A 291 -23.88 -1.59 -23.14
C ASP A 291 -24.81 -1.00 -24.19
N ARG A 292 -24.36 -0.98 -25.44
CA ARG A 292 -25.17 -0.47 -26.54
C ARG A 292 -26.41 -1.33 -26.78
N GLU A 293 -26.24 -2.65 -26.66
CA GLU A 293 -27.34 -3.59 -26.89
C GLU A 293 -28.48 -3.42 -25.90
N ILE A 294 -28.16 -3.54 -24.60
CA ILE A 294 -29.18 -3.41 -23.56
C ILE A 294 -29.80 -2.01 -23.56
N PHE A 295 -29.01 -1.02 -23.97
CA PHE A 295 -29.47 0.36 -24.06
C PHE A 295 -30.59 0.45 -25.10
N ASP A 296 -30.42 -0.25 -26.22
CA ASP A 296 -31.40 -0.22 -27.29
C ASP A 296 -32.51 -1.25 -27.11
N LEU A 297 -32.21 -2.34 -26.42
CA LEU A 297 -33.19 -3.40 -26.19
C LEU A 297 -34.32 -2.93 -25.30
N LEU A 298 -33.97 -2.28 -24.19
CA LEU A 298 -34.97 -1.80 -23.25
C LEU A 298 -35.62 -0.52 -23.75
N GLY A 299 -36.87 -0.30 -23.36
CA GLY A 299 -37.61 0.86 -23.81
C GLY A 299 -38.92 0.49 -24.47
N PHE A 300 -39.38 1.34 -25.39
CA PHE A 300 -40.67 1.12 -26.04
C PHE A 300 -40.54 1.25 -27.56
N GLY B 33 -21.50 30.50 -6.92
CA GLY B 33 -21.00 30.86 -8.23
C GLY B 33 -19.51 30.59 -8.38
N ALA B 34 -19.16 29.37 -8.82
CA ALA B 34 -20.13 28.37 -9.26
C ALA B 34 -20.78 27.62 -8.11
N LEU B 35 -22.08 27.37 -8.24
CA LEU B 35 -22.81 26.56 -7.27
C LEU B 35 -22.53 25.09 -7.51
N VAL B 36 -21.80 24.47 -6.59
CA VAL B 36 -21.47 23.05 -6.74
C VAL B 36 -22.30 22.20 -5.79
N ILE B 37 -23.08 21.30 -6.38
CA ILE B 37 -24.01 20.46 -5.64
C ILE B 37 -23.62 19.00 -5.74
N ALA B 38 -23.60 18.30 -4.61
CA ALA B 38 -23.33 16.88 -4.59
C ALA B 38 -24.58 16.11 -4.18
N VAL B 39 -25.00 15.18 -5.01
CA VAL B 39 -26.21 14.42 -4.75
C VAL B 39 -25.87 13.03 -4.24
N TYR B 40 -26.20 12.77 -2.98
CA TYR B 40 -26.01 11.46 -2.36
C TYR B 40 -27.35 10.91 -1.90
N GLY B 41 -27.34 9.67 -1.43
CA GLY B 41 -28.55 9.03 -0.94
C GLY B 41 -28.53 7.53 -1.09
N LYS B 42 -29.48 6.86 -0.45
CA LYS B 42 -29.68 5.42 -0.54
C LYS B 42 -29.58 4.93 -1.98
N GLY B 43 -29.03 3.74 -2.17
CA GLY B 43 -28.90 3.18 -3.51
C GLY B 43 -30.23 3.06 -4.24
N GLY B 44 -30.22 3.39 -5.52
CA GLY B 44 -31.39 3.24 -6.37
C GLY B 44 -32.56 4.15 -6.02
N ILE B 45 -32.33 5.04 -5.07
CA ILE B 45 -33.39 5.94 -4.60
C ILE B 45 -33.85 6.88 -5.72
N GLY B 46 -33.00 7.09 -6.70
CA GLY B 46 -33.33 7.94 -7.84
C GLY B 46 -32.39 9.12 -7.94
N LYS B 47 -31.13 8.92 -7.58
CA LYS B 47 -30.13 9.98 -7.60
C LYS B 47 -29.84 10.45 -9.02
N SER B 48 -29.65 9.51 -9.93
CA SER B 48 -29.35 9.84 -11.33
C SER B 48 -30.55 10.44 -12.04
N THR B 49 -31.73 9.91 -11.74
CA THR B 49 -32.97 10.42 -12.31
C THR B 49 -33.18 11.86 -11.88
N THR B 50 -33.01 12.10 -10.58
CA THR B 50 -33.20 13.44 -10.02
C THR B 50 -32.16 14.43 -10.55
N SER B 51 -30.89 14.01 -10.55
CA SER B 51 -29.80 14.88 -10.97
C SER B 51 -29.94 15.33 -12.41
N SER B 52 -30.24 14.40 -13.30
CA SER B 52 -30.42 14.70 -14.73
C SER B 52 -31.54 15.71 -14.95
N ASN B 53 -32.69 15.45 -14.34
CA ASN B 53 -33.83 16.35 -14.48
C ASN B 53 -33.61 17.69 -13.79
N LEU B 54 -32.81 17.69 -12.73
CA LEU B 54 -32.48 18.92 -12.01
C LEU B 54 -31.57 19.79 -12.87
N SER B 55 -30.61 19.15 -13.53
CA SER B 55 -29.72 19.85 -14.46
C SER B 55 -30.55 20.49 -15.56
N ALA B 56 -31.50 19.71 -16.10
CA ALA B 56 -32.40 20.21 -17.14
C ALA B 56 -33.22 21.39 -16.63
N ALA B 57 -33.56 21.36 -15.34
CA ALA B 57 -34.33 22.44 -14.73
C ALA B 57 -33.52 23.72 -14.67
N PHE B 58 -32.27 23.61 -14.24
CA PHE B 58 -31.36 24.76 -14.18
C PHE B 58 -31.19 25.40 -15.56
N SER B 59 -31.00 24.55 -16.57
CA SER B 59 -30.78 25.02 -17.94
C SER B 59 -31.99 25.80 -18.46
N LYS B 60 -33.18 25.32 -18.12
CA LYS B 60 -34.41 26.01 -18.49
C LYS B 60 -34.54 27.34 -17.75
N LEU B 61 -33.91 27.43 -16.59
CA LEU B 61 -33.90 28.66 -15.81
C LEU B 61 -32.78 29.60 -16.26
N GLY B 62 -32.08 29.22 -17.32
CA GLY B 62 -31.06 30.07 -17.92
C GLY B 62 -29.63 29.72 -17.57
N LYS B 63 -29.45 29.00 -16.47
CA LYS B 63 -28.10 28.66 -16.00
C LYS B 63 -27.39 27.69 -16.92
N LYS B 64 -26.07 27.82 -17.01
CA LYS B 64 -25.23 26.86 -17.70
C LYS B 64 -24.77 25.82 -16.69
N VAL B 65 -24.89 24.54 -17.04
CA VAL B 65 -24.69 23.48 -16.06
C VAL B 65 -23.84 22.32 -16.55
N LEU B 66 -22.93 21.87 -15.71
CA LEU B 66 -22.16 20.65 -15.93
C LEU B 66 -22.63 19.58 -14.94
N GLN B 67 -22.88 18.38 -15.44
CA GLN B 67 -23.23 17.24 -14.59
C GLN B 67 -22.18 16.15 -14.70
N ILE B 68 -21.74 15.64 -13.55
CA ILE B 68 -20.67 14.66 -13.50
C ILE B 68 -21.12 13.37 -12.84
N GLY B 69 -21.04 12.27 -13.57
CA GLY B 69 -21.40 10.97 -13.04
C GLY B 69 -20.25 10.30 -12.32
N CYS B 70 -20.43 10.06 -11.02
CA CYS B 70 -19.41 9.42 -10.20
C CYS B 70 -19.82 8.01 -9.83
N ASP B 71 -19.80 7.12 -10.81
CA ASP B 71 -20.30 5.76 -10.65
C ASP B 71 -19.69 4.92 -11.78
N PRO B 72 -19.12 3.76 -11.43
CA PRO B 72 -18.56 2.85 -12.43
C PRO B 72 -19.57 2.45 -13.52
N LYS B 73 -20.86 2.52 -13.20
CA LYS B 73 -21.92 2.16 -14.15
C LYS B 73 -22.09 3.18 -15.28
N HIS B 74 -21.56 4.38 -15.08
CA HIS B 74 -21.70 5.51 -16.01
C HIS B 74 -23.11 5.68 -16.59
N ASP B 75 -24.11 5.61 -15.71
CA ASP B 75 -25.51 5.72 -16.12
C ASP B 75 -26.16 6.99 -15.59
N SER B 76 -25.35 8.00 -15.32
CA SER B 76 -25.84 9.24 -14.73
C SER B 76 -26.54 10.16 -15.72
N THR B 77 -25.92 10.37 -16.87
CA THR B 77 -26.32 11.45 -17.77
C THR B 77 -26.96 11.01 -19.08
N PHE B 78 -27.25 9.71 -19.23
CA PHE B 78 -27.71 9.21 -20.52
C PHE B 78 -29.08 9.75 -20.95
N THR B 79 -29.88 10.20 -19.99
CA THR B 79 -31.17 10.81 -20.32
C THR B 79 -31.01 12.24 -20.82
N LEU B 80 -29.82 12.81 -20.58
CA LEU B 80 -29.50 14.14 -21.07
C LEU B 80 -28.97 14.10 -22.50
N THR B 81 -28.31 13.00 -22.85
CA THR B 81 -27.65 12.88 -24.14
C THR B 81 -28.36 11.90 -25.08
N HIS B 82 -29.32 11.15 -24.54
CA HIS B 82 -29.98 10.06 -25.28
C HIS B 82 -28.97 9.02 -25.73
N LYS B 83 -27.83 8.98 -25.06
CA LYS B 83 -26.70 8.18 -25.50
C LYS B 83 -25.81 7.87 -24.29
N MET B 84 -25.03 6.80 -24.39
CA MET B 84 -24.00 6.54 -23.39
C MET B 84 -22.64 7.00 -23.91
N VAL B 85 -22.23 8.18 -23.48
CA VAL B 85 -21.00 8.79 -23.95
C VAL B 85 -19.79 8.09 -23.34
N PRO B 86 -18.64 8.15 -24.03
CA PRO B 86 -17.42 7.55 -23.47
C PRO B 86 -17.05 8.19 -22.12
N THR B 87 -16.40 7.40 -21.27
CA THR B 87 -16.11 7.84 -19.91
C THR B 87 -14.76 8.54 -19.83
N VAL B 88 -14.46 9.11 -18.67
CA VAL B 88 -13.20 9.80 -18.46
C VAL B 88 -12.00 8.87 -18.69
N ILE B 89 -12.09 7.64 -18.17
CA ILE B 89 -11.00 6.69 -18.34
C ILE B 89 -10.92 6.17 -19.79
N ASP B 90 -12.01 6.34 -20.53
CA ASP B 90 -12.02 6.00 -21.95
C ASP B 90 -11.16 6.99 -22.74
N ILE B 91 -11.36 8.27 -22.44
CA ILE B 91 -10.62 9.34 -23.10
C ILE B 91 -9.13 9.24 -22.72
N LEU B 92 -8.87 8.92 -21.46
CA LEU B 92 -7.50 8.75 -20.99
C LEU B 92 -6.80 7.58 -21.68
N GLU B 93 -7.54 6.50 -21.91
CA GLU B 93 -6.98 5.33 -22.59
C GLU B 93 -6.56 5.65 -24.02
N GLU B 94 -7.37 6.47 -24.70
CA GLU B 94 -7.06 6.89 -26.06
C GLU B 94 -5.78 7.71 -26.11
N VAL B 95 -5.44 8.35 -25.00
CA VAL B 95 -4.27 9.19 -24.93
C VAL B 95 -3.15 8.50 -24.13
N ASP B 96 -3.36 7.21 -23.85
CA ASP B 96 -2.40 6.40 -23.13
C ASP B 96 -2.06 7.03 -21.77
N PHE B 97 -3.06 7.65 -21.15
CA PHE B 97 -2.93 8.26 -19.84
C PHE B 97 -1.79 9.29 -19.74
N HIS B 98 -1.55 10.00 -20.84
CA HIS B 98 -0.56 11.08 -20.82
C HIS B 98 -1.23 12.41 -20.52
N SER B 99 -0.90 12.97 -19.36
CA SER B 99 -1.51 14.21 -18.88
C SER B 99 -1.26 15.39 -19.82
N GLU B 100 -0.03 15.51 -20.30
CA GLU B 100 0.36 16.65 -21.13
C GLU B 100 -0.38 16.69 -22.46
N GLU B 101 -0.83 15.52 -22.93
CA GLU B 101 -1.55 15.44 -24.20
C GLU B 101 -3.06 15.56 -24.05
N LEU B 102 -3.54 15.59 -22.80
CA LEU B 102 -4.98 15.54 -22.53
C LEU B 102 -5.76 16.76 -22.98
N ARG B 103 -6.88 16.52 -23.66
CA ARG B 103 -7.76 17.59 -24.15
C ARG B 103 -9.04 17.70 -23.31
N PRO B 104 -9.33 18.91 -22.79
CA PRO B 104 -10.42 19.16 -21.83
C PRO B 104 -11.84 18.79 -22.29
N GLN B 105 -12.23 19.16 -23.51
CA GLN B 105 -13.61 18.94 -23.94
C GLN B 105 -13.81 17.54 -24.53
N ASP B 106 -12.76 16.75 -24.53
CA ASP B 106 -12.83 15.40 -25.07
C ASP B 106 -13.70 14.45 -24.22
N PHE B 107 -13.69 14.63 -22.91
CA PHE B 107 -14.60 13.84 -22.05
C PHE B 107 -15.91 14.55 -21.69
N MET B 108 -16.10 15.78 -22.18
CA MET B 108 -17.34 16.50 -21.97
C MET B 108 -18.25 16.37 -23.18
N PHE B 109 -19.55 16.20 -22.93
CA PHE B 109 -20.51 16.03 -24.01
C PHE B 109 -21.79 16.83 -23.81
N GLU B 110 -22.21 17.52 -24.86
CA GLU B 110 -23.39 18.38 -24.79
C GLU B 110 -24.67 17.55 -24.80
N GLY B 111 -25.59 17.89 -23.91
CA GLY B 111 -26.85 17.18 -23.81
C GLY B 111 -28.03 18.11 -23.92
N PHE B 112 -29.12 17.75 -23.22
CA PHE B 112 -30.37 18.51 -23.24
C PHE B 112 -30.18 19.99 -22.95
N ASN B 113 -30.65 20.84 -23.86
CA ASN B 113 -30.62 22.29 -23.69
C ASN B 113 -29.25 22.86 -23.33
N GLY B 114 -28.19 22.22 -23.81
CA GLY B 114 -26.84 22.71 -23.62
C GLY B 114 -26.13 22.21 -22.37
N VAL B 115 -26.77 21.32 -21.63
CA VAL B 115 -26.15 20.76 -20.43
C VAL B 115 -24.91 19.94 -20.80
N GLN B 116 -23.81 20.18 -20.10
CA GLN B 116 -22.56 19.46 -20.33
C GLN B 116 -22.49 18.20 -19.47
N CYS B 117 -22.13 17.08 -20.08
CA CYS B 117 -22.16 15.80 -19.38
C CYS B 117 -20.80 15.11 -19.32
N VAL B 118 -20.46 14.61 -18.13
CA VAL B 118 -19.22 13.88 -17.93
C VAL B 118 -19.49 12.64 -17.10
N GLU B 119 -18.98 11.49 -17.56
CA GLU B 119 -19.04 10.25 -16.79
C GLU B 119 -17.63 9.83 -16.42
N SER B 120 -17.40 9.58 -15.13
CA SER B 120 -16.07 9.19 -14.65
C SER B 120 -15.72 7.79 -15.13
N GLY B 121 -16.72 6.93 -15.21
CA GLY B 121 -16.50 5.54 -15.54
C GLY B 121 -15.88 4.81 -14.38
N GLY B 122 -15.47 3.58 -14.62
CA GLY B 122 -14.86 2.76 -13.58
C GLY B 122 -14.64 1.34 -14.05
N PRO B 123 -14.10 0.49 -13.16
CA PRO B 123 -13.82 -0.90 -13.52
C PRO B 123 -15.10 -1.70 -13.69
N PRO B 124 -15.02 -2.88 -14.33
CA PRO B 124 -16.18 -3.77 -14.35
C PRO B 124 -16.49 -4.24 -12.92
N ALA B 125 -17.68 -4.76 -12.70
CA ALA B 125 -18.11 -5.16 -11.37
C ALA B 125 -17.23 -6.24 -10.75
N GLY B 126 -16.90 -6.05 -9.46
CA GLY B 126 -16.21 -7.07 -8.70
C GLY B 126 -14.70 -7.08 -8.82
N THR B 127 -14.12 -6.01 -9.32
CA THR B 127 -12.67 -5.92 -9.46
C THR B 127 -12.21 -4.48 -9.62
N GLY B 128 -10.91 -4.26 -9.61
CA GLY B 128 -10.35 -2.94 -9.73
C GLY B 128 -10.64 -2.13 -8.49
N CYS B 129 -10.78 -0.82 -8.66
CA CYS B 129 -11.05 0.08 -7.54
C CYS B 129 -11.82 1.30 -8.04
N GLY B 130 -13.14 1.23 -7.99
CA GLY B 130 -13.99 2.32 -8.42
C GLY B 130 -13.78 3.56 -7.57
N GLY B 131 -13.43 3.35 -6.30
CA GLY B 131 -13.18 4.45 -5.39
C GLY B 131 -12.03 5.33 -5.84
N TYR B 132 -10.90 4.71 -6.17
CA TYR B 132 -9.76 5.49 -6.68
C TYR B 132 -10.15 6.20 -7.98
N VAL B 133 -10.79 5.46 -8.88
CA VAL B 133 -11.18 6.00 -10.18
C VAL B 133 -12.05 7.24 -10.06
N THR B 134 -13.06 7.19 -9.19
CA THR B 134 -13.95 8.33 -8.99
C THR B 134 -13.22 9.51 -8.33
N GLY B 135 -12.49 9.22 -7.26
CA GLY B 135 -11.74 10.26 -6.56
C GLY B 135 -10.70 10.93 -7.43
N GLN B 136 -9.95 10.13 -8.18
CA GLN B 136 -8.94 10.68 -9.07
C GLN B 136 -9.57 11.46 -10.23
N THR B 137 -10.76 11.04 -10.65
CA THR B 137 -11.49 11.76 -11.69
C THR B 137 -11.87 13.15 -11.19
N VAL B 138 -12.36 13.23 -9.96
CA VAL B 138 -12.73 14.52 -9.37
C VAL B 138 -11.55 15.48 -9.34
N LYS B 139 -10.40 14.98 -8.90
CA LYS B 139 -9.20 15.80 -8.84
C LYS B 139 -8.76 16.25 -10.24
N LEU B 140 -8.87 15.34 -11.20
CA LEU B 140 -8.54 15.65 -12.59
C LEU B 140 -9.42 16.76 -13.15
N LEU B 141 -10.69 16.76 -12.76
CA LEU B 141 -11.64 17.76 -13.21
C LEU B 141 -11.44 19.10 -12.51
N LYS B 142 -11.01 19.06 -11.26
CA LYS B 142 -10.71 20.28 -10.50
C LYS B 142 -9.48 20.99 -11.07
N GLU B 143 -8.44 20.22 -11.34
CA GLU B 143 -7.18 20.77 -11.82
C GLU B 143 -7.31 21.40 -13.21
N HIS B 144 -8.27 20.92 -14.00
CA HIS B 144 -8.50 21.46 -15.32
C HIS B 144 -9.55 22.57 -15.32
N HIS B 145 -9.87 23.05 -14.12
CA HIS B 145 -10.77 24.20 -13.93
C HIS B 145 -12.17 23.97 -14.51
N LEU B 146 -12.60 22.71 -14.54
CA LEU B 146 -13.92 22.38 -15.07
C LEU B 146 -15.04 22.74 -14.10
N LEU B 147 -14.71 22.88 -12.82
CA LEU B 147 -15.67 23.29 -11.81
C LEU B 147 -15.85 24.80 -11.82
N GLU B 148 -15.19 25.45 -12.78
CA GLU B 148 -15.34 26.89 -12.99
C GLU B 148 -15.94 27.12 -14.37
N ASP B 149 -15.99 28.38 -14.79
CA ASP B 149 -16.59 28.80 -16.06
C ASP B 149 -17.94 28.14 -16.39
N THR B 150 -18.70 27.82 -15.35
CA THR B 150 -20.06 27.32 -15.53
C THR B 150 -20.86 27.68 -14.28
N ASP B 151 -22.19 27.79 -14.43
CA ASP B 151 -23.02 28.27 -13.33
C ASP B 151 -23.27 27.20 -12.27
N VAL B 152 -23.63 26.00 -12.72
CA VAL B 152 -24.00 24.93 -11.81
C VAL B 152 -23.26 23.63 -12.10
N VAL B 153 -22.54 23.12 -11.10
CA VAL B 153 -21.95 21.81 -11.21
C VAL B 153 -22.73 20.86 -10.31
N ILE B 154 -23.13 19.71 -10.86
CA ILE B 154 -23.83 18.70 -10.09
C ILE B 154 -23.11 17.36 -10.14
N PHE B 155 -22.62 16.93 -8.98
CA PHE B 155 -22.02 15.61 -8.85
C PHE B 155 -23.10 14.59 -8.51
N ASP B 156 -23.23 13.58 -9.36
CA ASP B 156 -24.19 12.51 -9.14
C ASP B 156 -23.47 11.23 -8.72
N VAL B 157 -23.42 10.99 -7.42
CA VAL B 157 -22.62 9.91 -6.86
C VAL B 157 -23.46 8.65 -6.65
N LEU B 158 -22.78 7.49 -6.63
CA LEU B 158 -23.43 6.20 -6.42
C LEU B 158 -24.04 6.06 -5.02
N GLY B 159 -24.66 4.92 -4.76
CA GLY B 159 -25.38 4.71 -3.51
C GLY B 159 -24.49 4.40 -2.32
N ASP B 160 -23.69 3.34 -2.45
CA ASP B 160 -22.85 2.88 -1.34
C ASP B 160 -21.51 3.59 -1.29
N VAL B 161 -21.41 4.63 -0.45
CA VAL B 161 -20.17 5.37 -0.29
C VAL B 161 -19.19 4.56 0.56
N VAL B 162 -18.62 3.53 -0.05
CA VAL B 162 -17.84 2.53 0.68
C VAL B 162 -16.42 2.95 1.02
N CYS B 163 -15.99 4.10 0.53
CA CYS B 163 -14.63 4.57 0.77
C CYS B 163 -14.46 6.07 0.49
N GLY B 164 -13.27 6.58 0.80
CA GLY B 164 -12.97 7.99 0.63
C GLY B 164 -13.08 8.50 -0.79
N GLY B 165 -12.79 7.62 -1.75
CA GLY B 165 -12.83 7.99 -3.16
C GLY B 165 -14.19 8.52 -3.61
N PHE B 166 -15.25 7.91 -3.09
CA PHE B 166 -16.61 8.30 -3.49
C PHE B 166 -17.13 9.49 -2.69
N ALA B 167 -16.35 9.95 -1.72
CA ALA B 167 -16.69 11.14 -0.96
C ALA B 167 -15.94 12.36 -1.51
N ALA B 168 -15.16 12.12 -2.55
CA ALA B 168 -14.36 13.17 -3.18
C ALA B 168 -15.14 14.42 -3.63
N PRO B 169 -16.31 14.25 -4.26
CA PRO B 169 -17.09 15.44 -4.65
C PRO B 169 -17.43 16.36 -3.47
N LEU B 170 -17.53 15.78 -2.27
CA LEU B 170 -17.83 16.56 -1.08
C LEU B 170 -16.72 17.54 -0.72
N GLN B 171 -15.54 17.37 -1.32
CA GLN B 171 -14.40 18.24 -1.06
C GLN B 171 -14.49 19.55 -1.83
N HIS B 172 -15.45 19.65 -2.74
CA HIS B 172 -15.55 20.82 -3.60
C HIS B 172 -16.95 21.44 -3.56
N ALA B 173 -17.94 20.64 -3.21
CA ALA B 173 -19.33 21.08 -3.23
C ALA B 173 -19.63 22.21 -2.24
N ASN B 174 -20.58 23.05 -2.60
CA ASN B 174 -21.10 24.05 -1.69
C ASN B 174 -22.21 23.43 -0.84
N TYR B 175 -23.05 22.64 -1.50
CA TYR B 175 -24.17 21.99 -0.85
C TYR B 175 -24.26 20.51 -1.21
N CYS B 176 -24.70 19.72 -0.23
CA CYS B 176 -25.06 18.33 -0.49
C CYS B 176 -26.56 18.16 -0.36
N LEU B 177 -27.18 17.54 -1.36
CA LEU B 177 -28.59 17.18 -1.27
C LEU B 177 -28.71 15.67 -1.12
N ILE B 178 -29.55 15.24 -0.17
CA ILE B 178 -29.74 13.82 0.06
C ILE B 178 -31.13 13.36 -0.37
N VAL B 179 -31.16 12.40 -1.28
CA VAL B 179 -32.43 11.85 -1.75
C VAL B 179 -32.84 10.69 -0.85
N THR B 180 -34.12 10.65 -0.48
CA THR B 180 -34.63 9.57 0.37
C THR B 180 -36.09 9.26 0.07
N ALA B 181 -36.52 8.08 0.50
CA ALA B 181 -37.93 7.70 0.40
C ALA B 181 -38.55 7.70 1.79
N ASN B 182 -39.85 7.44 1.85
CA ASN B 182 -40.56 7.38 3.12
C ASN B 182 -40.56 5.96 3.69
N ASP B 183 -39.38 5.38 3.81
CA ASP B 183 -39.25 4.07 4.44
C ASP B 183 -38.00 4.01 5.33
N PHE B 184 -37.79 2.87 5.99
CA PHE B 184 -36.69 2.75 6.94
C PHE B 184 -35.30 2.80 6.29
N ASP B 185 -35.02 1.83 5.43
CA ASP B 185 -33.67 1.66 4.86
C ASP B 185 -33.16 2.88 4.10
N SER B 186 -34.07 3.64 3.50
CA SER B 186 -33.70 4.86 2.80
C SER B 186 -33.25 5.92 3.80
N ILE B 187 -34.09 6.16 4.80
CA ILE B 187 -33.80 7.14 5.84
C ILE B 187 -32.57 6.76 6.67
N PHE B 188 -32.42 5.47 6.94
CA PHE B 188 -31.25 4.97 7.67
C PHE B 188 -29.97 5.26 6.90
N ALA B 189 -30.04 5.14 5.58
CA ALA B 189 -28.91 5.44 4.71
C ALA B 189 -28.63 6.94 4.73
N MET B 190 -29.68 7.74 4.66
CA MET B 190 -29.55 9.19 4.71
C MET B 190 -28.82 9.64 5.97
N ASN B 191 -29.14 9.01 7.08
CA ASN B 191 -28.51 9.32 8.37
C ASN B 191 -27.00 9.11 8.34
N ARG B 192 -26.58 7.98 7.78
CA ARG B 192 -25.15 7.68 7.65
C ARG B 192 -24.44 8.71 6.79
N ILE B 193 -25.13 9.19 5.75
CA ILE B 193 -24.59 10.22 4.88
C ILE B 193 -24.49 11.57 5.58
N VAL B 194 -25.51 11.88 6.39
CA VAL B 194 -25.51 13.11 7.18
C VAL B 194 -24.27 13.17 8.08
N ALA B 195 -23.89 12.02 8.65
CA ALA B 195 -22.70 11.94 9.49
C ALA B 195 -21.45 12.21 8.66
N ALA B 196 -21.46 11.76 7.41
CA ALA B 196 -20.34 11.97 6.51
C ALA B 196 -20.18 13.45 6.15
N ILE B 197 -21.31 14.11 5.91
CA ILE B 197 -21.30 15.53 5.57
C ILE B 197 -20.73 16.34 6.73
N ASN B 198 -21.16 16.01 7.94
CA ASN B 198 -20.69 16.70 9.14
C ASN B 198 -19.19 16.51 9.36
N ALA B 199 -18.68 15.33 9.05
CA ALA B 199 -17.25 15.06 9.14
C ALA B 199 -16.49 15.90 8.13
N LYS B 200 -16.99 15.95 6.90
CA LYS B 200 -16.38 16.73 5.84
C LYS B 200 -16.45 18.23 6.12
N ALA B 201 -17.50 18.66 6.81
CA ALA B 201 -17.72 20.07 7.10
C ALA B 201 -16.67 20.62 8.05
N LYS B 202 -16.00 19.73 8.77
CA LYS B 202 -14.93 20.13 9.68
C LYS B 202 -13.69 20.63 8.92
N ASN B 203 -13.59 20.28 7.64
CA ASN B 203 -12.43 20.66 6.84
C ASN B 203 -12.75 21.26 5.48
N TYR B 204 -14.02 21.26 5.11
CA TYR B 204 -14.44 21.82 3.83
C TYR B 204 -15.70 22.65 3.97
N LYS B 205 -15.97 23.47 2.97
CA LYS B 205 -17.07 24.44 3.01
C LYS B 205 -18.43 23.80 2.82
N VAL B 206 -18.45 22.53 2.42
CA VAL B 206 -19.70 21.83 2.13
C VAL B 206 -20.68 21.83 3.30
N ARG B 207 -21.94 22.10 3.00
CA ARG B 207 -23.00 22.05 4.01
C ARG B 207 -24.21 21.31 3.46
N LEU B 208 -25.08 20.84 4.36
CA LEU B 208 -26.31 20.18 3.95
C LEU B 208 -27.30 21.20 3.40
N GLY B 209 -27.83 20.92 2.22
CA GLY B 209 -28.78 21.82 1.57
C GLY B 209 -30.22 21.39 1.79
N GLY B 210 -30.43 20.11 2.06
CA GLY B 210 -31.76 19.63 2.33
C GLY B 210 -32.05 18.22 1.87
N VAL B 211 -33.32 17.82 2.02
CA VAL B 211 -33.74 16.47 1.72
C VAL B 211 -34.67 16.44 0.51
N ILE B 212 -34.43 15.51 -0.40
CA ILE B 212 -35.31 15.32 -1.54
C ILE B 212 -36.10 14.02 -1.37
N ALA B 213 -37.39 14.16 -1.06
CA ALA B 213 -38.27 13.00 -0.95
C ALA B 213 -38.62 12.50 -2.34
N ASN B 214 -38.51 11.19 -2.54
CA ASN B 214 -38.72 10.60 -3.85
C ASN B 214 -39.40 9.24 -3.75
N ARG B 215 -40.23 8.92 -4.74
CA ARG B 215 -40.97 7.65 -4.79
C ARG B 215 -41.88 7.42 -3.58
N SER B 216 -42.37 8.51 -2.99
CA SER B 216 -43.19 8.39 -1.80
C SER B 216 -44.45 9.25 -1.84
N ALA B 217 -45.54 8.69 -1.33
CA ALA B 217 -46.82 9.39 -1.30
C ALA B 217 -46.92 10.32 -0.09
N GLU B 218 -46.36 9.89 1.03
CA GLU B 218 -46.37 10.67 2.26
C GLU B 218 -44.97 10.87 2.83
N LEU B 219 -44.86 11.62 3.91
CA LEU B 219 -43.56 12.01 4.45
C LEU B 219 -43.43 11.78 5.96
N ASP B 220 -44.35 11.03 6.54
CA ASP B 220 -44.43 10.89 7.99
C ASP B 220 -43.13 10.41 8.64
N GLN B 221 -42.49 9.41 8.04
CA GLN B 221 -41.22 8.92 8.56
C GLN B 221 -40.09 9.92 8.33
N ILE B 222 -40.09 10.54 7.15
CA ILE B 222 -39.06 11.51 6.79
C ILE B 222 -39.05 12.73 7.71
N GLU B 223 -40.23 13.32 7.91
CA GLU B 223 -40.35 14.54 8.71
C GLU B 223 -40.11 14.26 10.19
N LYS B 224 -40.29 13.00 10.59
CA LYS B 224 -39.98 12.57 11.94
C LYS B 224 -38.47 12.63 12.14
N PHE B 225 -37.73 12.12 11.16
CA PHE B 225 -36.27 12.15 11.18
C PHE B 225 -35.76 13.59 11.05
N ASN B 226 -36.44 14.38 10.23
CA ASN B 226 -36.07 15.78 10.05
C ASN B 226 -36.17 16.55 11.35
N GLU B 227 -37.22 16.26 12.12
CA GLU B 227 -37.52 16.96 13.36
C GLU B 227 -36.39 16.85 14.38
N LYS B 228 -35.84 15.64 14.53
CA LYS B 228 -34.80 15.39 15.52
C LYS B 228 -33.42 15.82 15.03
N THR B 229 -33.20 15.77 13.72
CA THR B 229 -31.89 16.05 13.15
C THR B 229 -31.70 17.52 12.76
N GLY B 230 -32.80 18.18 12.40
CA GLY B 230 -32.74 19.58 11.99
C GLY B 230 -32.68 19.74 10.48
N LEU B 231 -32.95 18.66 9.76
CA LEU B 231 -32.99 18.70 8.31
C LEU B 231 -34.34 19.19 7.80
N LYS B 232 -34.37 19.65 6.55
CA LYS B 232 -35.60 20.15 5.95
C LYS B 232 -35.84 19.50 4.59
N THR B 233 -37.11 19.34 4.24
CA THR B 233 -37.47 18.80 2.93
C THR B 233 -37.52 19.92 1.90
N MET B 234 -36.83 19.71 0.78
CA MET B 234 -36.71 20.75 -0.24
C MET B 234 -37.60 20.46 -1.46
N ALA B 235 -37.95 19.19 -1.64
CA ALA B 235 -38.72 18.77 -2.79
C ALA B 235 -39.38 17.42 -2.52
N HIS B 236 -40.58 17.23 -3.07
CA HIS B 236 -41.32 15.99 -2.87
C HIS B 236 -41.83 15.41 -4.19
N PHE B 237 -41.34 14.23 -4.54
CA PHE B 237 -41.80 13.51 -5.72
C PHE B 237 -42.53 12.24 -5.30
N ARG B 238 -43.72 12.02 -5.86
CA ARG B 238 -44.46 10.79 -5.61
C ARG B 238 -43.89 9.65 -6.43
N ASN B 239 -44.49 8.48 -6.31
CA ASN B 239 -44.13 7.36 -7.16
C ASN B 239 -44.84 7.51 -8.49
N VAL B 240 -44.13 8.08 -9.47
CA VAL B 240 -44.72 8.38 -10.78
C VAL B 240 -44.18 7.46 -11.86
N ASP B 241 -45.09 6.80 -12.58
CA ASP B 241 -44.69 5.84 -13.60
C ASP B 241 -44.06 6.52 -14.81
N ALA B 242 -44.44 7.76 -15.06
CA ALA B 242 -43.88 8.54 -16.16
C ALA B 242 -42.38 8.77 -15.97
N ILE B 243 -41.97 8.84 -14.71
CA ILE B 243 -40.55 8.97 -14.37
C ILE B 243 -39.79 7.70 -14.73
N ARG B 244 -40.36 6.56 -14.35
CA ARG B 244 -39.80 5.26 -14.70
C ARG B 244 -39.71 5.12 -16.21
N ARG B 245 -40.78 5.50 -16.89
CA ARG B 245 -40.84 5.42 -18.35
C ARG B 245 -39.81 6.33 -19.02
N SER B 246 -39.57 7.50 -18.42
CA SER B 246 -38.64 8.47 -18.99
C SER B 246 -37.21 7.95 -19.06
N ARG B 247 -36.80 7.20 -18.04
CA ARG B 247 -35.48 6.59 -18.03
C ARG B 247 -35.38 5.54 -19.14
N LEU B 248 -36.50 4.85 -19.38
CA LEU B 248 -36.57 3.83 -20.42
C LEU B 248 -36.57 4.46 -21.81
N LYS B 249 -36.99 5.72 -21.90
CA LYS B 249 -37.03 6.42 -23.18
C LYS B 249 -35.79 7.28 -23.38
N LYS B 250 -34.88 7.22 -22.40
CA LYS B 250 -33.60 7.94 -22.46
C LYS B 250 -33.77 9.45 -22.62
N CYS B 251 -34.76 10.00 -21.91
CA CYS B 251 -35.05 11.42 -21.99
C CYS B 251 -35.38 11.99 -20.62
N THR B 252 -35.32 13.31 -20.50
CA THR B 252 -35.72 13.98 -19.28
C THR B 252 -37.24 13.96 -19.17
N ILE B 253 -37.76 14.32 -17.99
CA ILE B 253 -39.20 14.42 -17.79
C ILE B 253 -39.77 15.54 -18.66
N PHE B 254 -38.91 16.47 -19.07
CA PHE B 254 -39.31 17.61 -19.86
C PHE B 254 -39.54 17.24 -21.33
N GLU B 255 -39.16 16.02 -21.70
CA GLU B 255 -39.33 15.56 -23.08
C GLU B 255 -40.44 14.52 -23.17
N MET B 256 -41.03 14.20 -22.03
CA MET B 256 -42.18 13.31 -21.99
C MET B 256 -43.44 14.08 -22.40
N ASP B 257 -44.47 13.36 -22.80
CA ASP B 257 -45.73 13.98 -23.18
C ASP B 257 -46.39 14.60 -21.95
N PRO B 258 -46.69 15.91 -22.00
CA PRO B 258 -47.24 16.64 -20.85
C PRO B 258 -48.61 16.11 -20.42
N GLU B 259 -49.36 15.54 -21.36
CA GLU B 259 -50.69 15.04 -21.07
C GLU B 259 -50.66 13.66 -20.41
N GLU B 260 -49.48 13.05 -20.36
CA GLU B 260 -49.31 11.79 -19.65
C GLU B 260 -49.41 12.03 -18.16
N GLU B 261 -49.96 11.05 -17.43
CA GLU B 261 -50.27 11.20 -16.01
C GLU B 261 -49.07 11.58 -15.15
N GLY B 262 -49.23 12.66 -14.37
CA GLY B 262 -48.23 13.05 -13.40
C GLY B 262 -47.07 13.89 -13.95
N VAL B 263 -46.92 13.90 -15.27
CA VAL B 263 -45.80 14.57 -15.92
C VAL B 263 -45.69 16.06 -15.54
N LEU B 264 -46.82 16.73 -15.44
CA LEU B 264 -46.83 18.16 -15.15
C LEU B 264 -46.37 18.49 -13.73
N GLU B 265 -46.85 17.73 -12.75
N GLU B 265 -46.85 17.73 -12.75
CA GLU B 265 -46.46 17.91 -11.36
CA GLU B 265 -46.45 17.93 -11.35
C GLU B 265 -44.96 17.71 -11.19
C GLU B 265 -44.95 17.71 -11.18
N VAL B 266 -44.44 16.66 -11.81
CA VAL B 266 -43.02 16.32 -11.72
C VAL B 266 -42.13 17.38 -12.34
N GLN B 267 -42.48 17.83 -13.55
CA GLN B 267 -41.76 18.91 -14.22
C GLN B 267 -41.69 20.16 -13.34
N ASN B 268 -42.83 20.56 -12.81
CA ASN B 268 -42.93 21.74 -11.94
C ASN B 268 -42.06 21.59 -10.70
N GLU B 269 -42.00 20.38 -10.17
CA GLU B 269 -41.26 20.13 -8.93
C GLU B 269 -39.75 20.25 -9.14
N TYR B 270 -39.26 19.75 -10.27
CA TYR B 270 -37.85 19.88 -10.61
C TYR B 270 -37.47 21.36 -10.79
N LEU B 271 -38.35 22.12 -11.42
CA LEU B 271 -38.13 23.55 -11.63
C LEU B 271 -38.15 24.28 -10.29
N SER B 272 -39.06 23.87 -9.42
CA SER B 272 -39.18 24.47 -8.10
C SER B 272 -37.93 24.21 -7.26
N LEU B 273 -37.40 23.00 -7.37
CA LEU B 273 -36.19 22.63 -6.65
C LEU B 273 -34.99 23.44 -7.15
N ALA B 274 -34.90 23.62 -8.47
CA ALA B 274 -33.83 24.40 -9.06
C ALA B 274 -33.92 25.85 -8.61
N LYS B 275 -35.13 26.39 -8.60
CA LYS B 275 -35.35 27.76 -8.16
C LYS B 275 -34.98 27.93 -6.69
N LYS B 276 -35.26 26.91 -5.89
CA LYS B 276 -34.95 26.93 -4.47
C LYS B 276 -33.43 26.96 -4.23
N MET B 277 -32.69 26.27 -5.09
CA MET B 277 -31.23 26.20 -4.96
C MET B 277 -30.57 27.48 -5.45
N ILE B 278 -31.30 28.26 -6.24
CA ILE B 278 -30.81 29.54 -6.73
C ILE B 278 -31.22 30.67 -5.80
N ASP B 279 -32.43 30.57 -5.25
CA ASP B 279 -33.02 31.68 -4.48
C ASP B 279 -33.09 31.48 -2.97
N ASN B 280 -33.28 30.25 -2.52
CA ASN B 280 -33.63 30.02 -1.11
C ASN B 280 -32.66 29.20 -0.27
N VAL B 281 -31.83 28.39 -0.91
CA VAL B 281 -30.99 27.41 -0.21
C VAL B 281 -30.14 27.98 0.93
N GLU B 282 -30.10 27.27 2.05
CA GLU B 282 -29.38 27.70 3.23
C GLU B 282 -28.71 26.52 3.92
N PRO B 283 -27.46 26.71 4.39
CA PRO B 283 -26.73 25.68 5.14
C PRO B 283 -27.48 25.23 6.39
N LEU B 284 -27.84 23.95 6.43
CA LEU B 284 -28.63 23.42 7.54
C LEU B 284 -27.75 22.84 8.64
N GLU B 285 -27.93 23.34 9.85
CA GLU B 285 -27.29 22.75 11.01
C GLU B 285 -27.98 21.43 11.32
N ALA B 286 -27.26 20.33 11.21
CA ALA B 286 -27.84 19.02 11.44
C ALA B 286 -26.88 18.06 12.14
N GLU B 287 -27.43 17.28 13.06
CA GLU B 287 -26.67 16.24 13.74
C GLU B 287 -27.31 14.89 13.46
N PRO B 288 -26.50 13.92 13.01
CA PRO B 288 -27.02 12.58 12.75
C PRO B 288 -27.41 11.89 14.06
N LEU B 289 -28.18 10.82 13.96
CA LEU B 289 -28.56 10.06 15.13
C LEU B 289 -27.70 8.80 15.18
N LYS B 290 -27.60 8.20 16.36
CA LYS B 290 -26.91 6.91 16.49
C LYS B 290 -27.79 5.84 15.88
N ASP B 291 -27.19 4.72 15.48
CA ASP B 291 -27.94 3.61 14.89
C ASP B 291 -29.11 3.19 15.77
N ARG B 292 -28.86 3.07 17.07
CA ARG B 292 -29.91 2.64 17.99
C ARG B 292 -31.01 3.69 18.14
N GLU B 293 -30.65 4.96 17.96
CA GLU B 293 -31.62 6.04 18.09
C GLU B 293 -32.58 6.10 16.91
N ILE B 294 -32.04 6.01 15.69
CA ILE B 294 -32.86 6.04 14.49
C ILE B 294 -33.68 4.75 14.37
N PHE B 295 -33.21 3.70 15.02
CA PHE B 295 -33.93 2.44 15.08
C PHE B 295 -35.21 2.63 15.89
N ASP B 296 -35.06 3.18 17.08
CA ASP B 296 -36.19 3.41 17.98
C ASP B 296 -37.08 4.56 17.49
N LEU B 297 -36.53 5.43 16.64
CA LEU B 297 -37.28 6.58 16.15
C LEU B 297 -38.28 6.20 15.06
N LEU B 298 -37.80 5.47 14.07
CA LEU B 298 -38.65 5.08 12.94
C LEU B 298 -39.52 3.88 13.29
N GLY B 299 -40.73 3.85 12.73
CA GLY B 299 -41.68 2.80 13.01
C GLY B 299 -43.07 3.36 13.24
N PHE B 300 -43.90 2.62 13.96
CA PHE B 300 -45.26 3.06 14.24
C PHE B 300 -45.58 2.96 15.73
N LEU C 3 4.38 -5.04 -27.53
CA LEU C 3 4.74 -4.06 -28.55
C LEU C 3 3.63 -3.89 -29.58
N GLY C 4 3.16 -2.65 -29.73
CA GLY C 4 2.13 -2.34 -30.70
C GLY C 4 2.71 -1.69 -31.95
N SER C 5 1.83 -1.21 -32.82
CA SER C 5 2.25 -0.54 -34.05
C SER C 5 3.12 0.67 -33.75
N PRO C 6 4.26 0.79 -34.45
CA PRO C 6 5.24 1.85 -34.18
C PRO C 6 4.79 3.23 -34.64
N GLU C 7 5.38 4.26 -34.01
CA GLU C 7 5.19 5.63 -34.45
C GLU C 7 6.57 6.20 -34.77
N PHE C 8 6.62 7.29 -35.55
CA PHE C 8 7.89 7.81 -36.03
C PHE C 8 8.04 9.32 -35.79
N MET C 9 9.10 9.68 -35.08
CA MET C 9 9.34 11.07 -34.71
C MET C 9 10.83 11.39 -34.78
N SER C 10 11.18 12.41 -35.56
CA SER C 10 12.56 12.86 -35.72
C SER C 10 13.49 11.75 -36.24
N GLY C 11 12.97 10.92 -37.14
CA GLY C 11 13.75 9.84 -37.71
C GLY C 11 13.85 8.63 -36.80
N SER C 12 13.38 8.79 -35.57
CA SER C 12 13.46 7.72 -34.58
C SER C 12 12.13 6.98 -34.42
N THR C 13 12.20 5.76 -33.90
CA THR C 13 11.01 4.92 -33.76
C THR C 13 10.52 4.88 -32.31
N LEU C 14 9.23 5.14 -32.12
CA LEU C 14 8.64 5.12 -30.79
C LEU C 14 7.69 3.94 -30.61
N LEU C 15 8.08 3.00 -29.76
CA LEU C 15 7.24 1.86 -29.47
C LEU C 15 6.68 1.94 -28.06
N LYS C 16 5.61 1.19 -27.80
CA LYS C 16 5.04 1.09 -26.46
C LYS C 16 4.83 -0.36 -26.10
N GLU C 17 5.20 -0.73 -24.88
CA GLU C 17 5.05 -2.11 -24.44
C GLU C 17 4.33 -2.16 -23.10
N THR C 18 3.39 -3.10 -22.96
CA THR C 18 2.67 -3.29 -21.71
C THR C 18 3.07 -4.63 -21.09
N GLY C 19 2.95 -4.73 -19.78
CA GLY C 19 3.28 -5.96 -19.08
C GLY C 19 3.93 -5.69 -17.74
N PRO C 20 4.56 -6.71 -17.15
CA PRO C 20 5.24 -6.60 -15.86
C PRO C 20 6.34 -5.56 -15.88
N ARG C 21 6.40 -4.74 -14.83
CA ARG C 21 7.39 -3.67 -14.75
C ARG C 21 8.37 -3.95 -13.62
N GLU C 22 9.60 -3.51 -13.80
CA GLU C 22 10.58 -3.53 -12.72
C GLU C 22 11.20 -2.15 -12.55
N VAL C 23 10.54 -1.32 -11.74
CA VAL C 23 10.99 0.04 -11.45
C VAL C 23 10.72 0.37 -9.98
N PHE C 24 11.25 1.51 -9.53
CA PHE C 24 10.97 2.00 -8.19
C PHE C 24 9.75 2.89 -8.21
N CYS C 25 9.00 2.90 -7.11
CA CYS C 25 7.92 3.87 -6.94
C CYS C 25 8.52 5.23 -6.58
N GLY C 26 7.71 6.27 -6.64
CA GLY C 26 8.18 7.62 -6.41
C GLY C 26 8.61 7.92 -4.98
N LEU C 27 8.24 7.04 -4.05
CA LEU C 27 8.65 7.19 -2.65
C LEU C 27 10.16 7.29 -2.52
N THR C 28 10.85 6.62 -3.44
CA THR C 28 12.30 6.53 -3.42
C THR C 28 12.98 7.88 -3.61
N SER C 29 12.21 8.89 -4.02
CA SER C 29 12.74 10.24 -4.17
C SER C 29 13.28 10.79 -2.85
N ILE C 30 12.74 10.30 -1.74
CA ILE C 30 13.18 10.68 -0.40
C ILE C 30 14.68 10.45 -0.21
N VAL C 31 15.19 9.36 -0.79
CA VAL C 31 16.58 8.97 -0.63
C VAL C 31 17.56 10.08 -1.04
N TRP C 32 17.27 10.79 -2.12
CA TRP C 32 18.13 11.90 -2.51
C TRP C 32 17.63 13.27 -2.01
N LEU C 33 16.32 13.43 -1.90
CA LEU C 33 15.74 14.71 -1.49
C LEU C 33 16.05 15.10 -0.05
N HIS C 34 16.13 14.12 0.84
CA HIS C 34 16.37 14.41 2.25
C HIS C 34 17.78 14.98 2.47
N ARG C 35 18.68 14.71 1.52
CA ARG C 35 20.04 15.21 1.60
C ARG C 35 20.22 16.53 0.84
N ARG C 36 19.40 16.77 -0.16
CA ARG C 36 19.42 18.04 -0.86
C ARG C 36 18.88 19.13 0.05
N MET C 37 17.89 18.76 0.86
CA MET C 37 17.27 19.69 1.80
C MET C 37 17.19 19.09 3.20
N PRO C 38 18.31 19.16 3.95
CA PRO C 38 18.42 18.56 5.30
C PRO C 38 17.46 19.13 6.35
N ASP C 39 16.84 20.28 6.09
CA ASP C 39 15.91 20.85 7.05
C ASP C 39 14.48 20.37 6.81
N ALA C 40 14.34 19.36 5.96
CA ALA C 40 13.03 18.80 5.65
C ALA C 40 12.92 17.35 6.13
N PHE C 41 11.71 16.95 6.49
CA PHE C 41 11.44 15.58 6.89
C PHE C 41 10.42 15.00 5.93
N PHE C 42 10.55 13.70 5.64
CA PHE C 42 9.64 13.04 4.71
C PHE C 42 8.86 11.92 5.40
N LEU C 43 7.60 12.20 5.72
CA LEU C 43 6.75 11.23 6.39
C LEU C 43 5.79 10.58 5.40
N VAL C 44 6.02 9.29 5.13
CA VAL C 44 5.15 8.53 4.25
C VAL C 44 3.90 8.10 5.00
N VAL C 45 2.74 8.24 4.36
CA VAL C 45 1.52 7.66 4.88
C VAL C 45 1.20 6.43 4.03
N GLY C 46 1.43 5.25 4.58
CA GLY C 46 1.23 4.03 3.83
C GLY C 46 1.29 2.78 4.69
N SER C 47 1.91 1.73 4.17
CA SER C 47 1.98 0.46 4.89
C SER C 47 3.40 0.17 5.36
N ARG C 48 3.59 -1.04 5.91
CA ARG C 48 4.90 -1.49 6.32
C ARG C 48 5.77 -1.76 5.11
N THR C 49 5.13 -2.01 3.98
CA THR C 49 5.85 -2.23 2.72
C THR C 49 6.58 -0.96 2.32
N CYS C 50 5.89 0.17 2.47
CA CYS C 50 6.47 1.47 2.15
C CYS C 50 7.60 1.79 3.11
N ALA C 51 7.35 1.51 4.38
CA ALA C 51 8.36 1.69 5.42
C ALA C 51 9.60 0.86 5.10
N HIS C 52 9.37 -0.40 4.76
CA HIS C 52 10.44 -1.34 4.47
C HIS C 52 11.24 -0.91 3.25
N LEU C 53 10.55 -0.35 2.25
CA LEU C 53 11.21 0.14 1.05
C LEU C 53 12.28 1.17 1.35
N ILE C 54 11.91 2.22 2.07
CA ILE C 54 12.80 3.35 2.29
C ILE C 54 14.02 2.98 3.12
N GLN C 55 13.83 2.18 4.16
CA GLN C 55 14.94 1.80 5.01
C GLN C 55 15.82 0.72 4.39
N SER C 56 15.26 -0.06 3.47
CA SER C 56 16.08 -1.02 2.74
C SER C 56 16.98 -0.27 1.75
N ALA C 57 16.56 0.94 1.41
CA ALA C 57 17.32 1.80 0.49
C ALA C 57 18.37 2.62 1.25
N ALA C 58 17.90 3.39 2.22
CA ALA C 58 18.75 4.36 2.90
C ALA C 58 19.30 3.88 4.24
N GLY C 59 18.77 2.77 4.75
CA GLY C 59 19.13 2.27 6.07
C GLY C 59 20.46 1.56 6.15
N VAL C 60 21.18 1.49 5.03
CA VAL C 60 22.54 0.98 5.03
C VAL C 60 23.43 2.02 5.72
N MET C 61 22.99 3.27 5.67
CA MET C 61 23.63 4.35 6.41
C MET C 61 23.06 4.40 7.81
N ILE C 62 23.86 4.88 8.77
CA ILE C 62 23.45 4.95 10.16
C ILE C 62 23.03 6.39 10.53
N PHE C 63 21.82 6.52 11.07
CA PHE C 63 21.24 7.84 11.33
C PHE C 63 21.12 8.14 12.82
N ALA C 64 21.89 9.12 13.30
CA ALA C 64 21.72 9.62 14.66
C ALA C 64 20.36 10.29 14.75
N GLU C 65 20.03 11.06 13.73
CA GLU C 65 18.73 11.74 13.67
C GLU C 65 17.92 11.25 12.48
N PRO C 66 16.68 10.83 12.73
CA PRO C 66 15.77 10.38 11.67
C PRO C 66 15.44 11.50 10.69
N ARG C 67 15.37 11.17 9.42
CA ARG C 67 15.14 12.15 8.36
C ARG C 67 13.89 11.79 7.57
N PHE C 68 13.36 10.61 7.83
CA PHE C 68 12.18 10.10 7.13
C PHE C 68 11.47 9.08 8.00
N GLY C 69 10.26 8.71 7.61
CA GLY C 69 9.50 7.73 8.35
C GLY C 69 8.19 7.38 7.69
N THR C 70 7.44 6.49 8.32
CA THR C 70 6.16 6.06 7.77
C THR C 70 5.08 6.03 8.84
N ALA C 71 3.95 6.68 8.56
CA ALA C 71 2.76 6.51 9.36
C ALA C 71 2.02 5.30 8.81
N ILE C 72 2.22 4.16 9.45
CA ILE C 72 1.67 2.90 8.94
C ILE C 72 0.19 2.73 9.26
N LEU C 73 -0.62 2.56 8.22
CA LEU C 73 -2.06 2.37 8.39
C LEU C 73 -2.34 1.08 9.15
N GLU C 74 -3.22 1.17 10.13
CA GLU C 74 -3.59 0.02 10.95
C GLU C 74 -4.98 -0.46 10.57
N GLU C 75 -5.41 -1.58 11.16
CA GLU C 75 -6.71 -2.14 10.85
C GLU C 75 -7.84 -1.15 11.11
N ARG C 76 -7.74 -0.42 12.22
CA ARG C 76 -8.75 0.56 12.59
C ARG C 76 -8.87 1.68 11.57
N ASP C 77 -7.75 2.00 10.92
CA ASP C 77 -7.74 3.03 9.88
C ASP C 77 -8.52 2.56 8.67
N LEU C 78 -8.30 1.30 8.28
CA LEU C 78 -8.97 0.72 7.12
C LEU C 78 -10.44 0.50 7.40
N ALA C 79 -10.78 0.23 8.66
CA ALA C 79 -12.15 -0.03 9.04
C ALA C 79 -12.88 1.27 9.33
N GLY C 80 -12.17 2.39 9.23
CA GLY C 80 -12.74 3.70 9.48
C GLY C 80 -13.16 3.89 10.93
N LEU C 81 -12.58 3.12 11.82
CA LEU C 81 -12.92 3.20 13.25
C LEU C 81 -12.11 4.30 13.93
N ALA C 82 -11.08 4.78 13.26
CA ALA C 82 -10.33 5.94 13.72
C ALA C 82 -10.34 7.00 12.63
N ASP C 83 -10.57 8.25 13.01
CA ASP C 83 -10.56 9.34 12.06
C ASP C 83 -9.15 9.54 11.52
N ALA C 84 -9.01 9.49 10.18
CA ALA C 84 -7.71 9.61 9.55
C ALA C 84 -7.05 10.95 9.87
N HIS C 85 -7.85 12.00 9.90
CA HIS C 85 -7.32 13.34 10.14
C HIS C 85 -6.87 13.54 11.58
N GLU C 86 -7.60 12.95 12.53
CA GLU C 86 -7.19 12.97 13.93
C GLU C 86 -5.89 12.17 14.11
N GLU C 87 -5.82 11.02 13.45
CA GLU C 87 -4.65 10.16 13.53
C GLU C 87 -3.40 10.83 12.97
N LEU C 88 -3.52 11.43 11.79
CA LEU C 88 -2.42 12.15 11.16
C LEU C 88 -1.89 13.24 12.09
N ASP C 89 -2.81 14.01 12.65
CA ASP C 89 -2.47 15.11 13.56
C ASP C 89 -1.69 14.61 14.77
N ARG C 90 -2.13 13.49 15.35
CA ARG C 90 -1.46 12.90 16.50
C ARG C 90 -0.06 12.42 16.15
N VAL C 91 0.06 11.76 15.00
CA VAL C 91 1.35 11.25 14.54
C VAL C 91 2.33 12.37 14.24
N VAL C 92 1.88 13.36 13.48
CA VAL C 92 2.70 14.53 13.16
C VAL C 92 3.10 15.26 14.45
N LYS C 93 2.20 15.25 15.43
CA LYS C 93 2.48 15.83 16.73
C LYS C 93 3.67 15.17 17.41
N SER C 94 3.61 13.86 17.58
CA SER C 94 4.67 13.14 18.28
C SER C 94 5.97 13.05 17.48
N LEU C 95 5.90 13.30 16.17
CA LEU C 95 7.10 13.34 15.33
C LEU C 95 7.87 14.63 15.59
N LEU C 96 7.16 15.74 15.63
CA LEU C 96 7.78 17.04 15.89
C LEU C 96 8.31 17.12 17.32
N LYS C 97 7.95 16.14 18.14
CA LYS C 97 8.52 16.02 19.47
C LYS C 97 9.93 15.44 19.39
N ARG C 98 10.09 14.41 18.58
CA ARG C 98 11.38 13.76 18.40
C ARG C 98 12.33 14.62 17.55
N ARG C 99 11.78 15.26 16.53
CA ARG C 99 12.56 16.17 15.69
C ARG C 99 11.94 17.57 15.67
N PRO C 100 12.16 18.35 16.72
CA PRO C 100 11.56 19.69 16.83
C PRO C 100 12.20 20.73 15.91
N GLU C 101 13.24 20.35 15.18
CA GLU C 101 13.97 21.29 14.33
C GLU C 101 13.52 21.24 12.88
N ILE C 102 12.60 20.33 12.57
CA ILE C 102 12.03 20.22 11.23
C ILE C 102 11.40 21.54 10.80
N ARG C 103 11.77 22.03 9.61
CA ARG C 103 11.23 23.27 9.10
C ARG C 103 10.15 23.02 8.05
N THR C 104 10.28 21.92 7.31
CA THR C 104 9.31 21.54 6.30
C THR C 104 9.01 20.04 6.36
N LEU C 105 7.73 19.70 6.47
CA LEU C 105 7.33 18.30 6.56
C LEU C 105 6.56 17.87 5.32
N PHE C 106 7.07 16.83 4.65
CA PHE C 106 6.40 16.28 3.49
C PHE C 106 5.58 15.04 3.85
N LEU C 107 4.26 15.13 3.71
CA LEU C 107 3.41 13.97 3.80
C LEU C 107 3.38 13.31 2.43
N VAL C 108 4.04 12.16 2.29
CA VAL C 108 4.16 11.53 0.99
C VAL C 108 3.11 10.44 0.80
N GLY C 109 2.31 10.59 -0.25
CA GLY C 109 1.28 9.62 -0.56
C GLY C 109 1.85 8.31 -1.08
N SER C 110 1.18 7.22 -0.75
CA SER C 110 1.59 5.88 -1.17
C SER C 110 0.40 5.19 -1.81
N CYS C 111 0.62 3.99 -2.36
CA CYS C 111 -0.47 3.20 -2.94
C CYS C 111 -1.65 3.02 -1.99
N PRO C 112 -1.40 2.59 -0.73
CA PRO C 112 -2.52 2.48 0.20
C PRO C 112 -3.25 3.80 0.45
N SER C 113 -2.51 4.88 0.67
CA SER C 113 -3.14 6.16 0.98
C SER C 113 -3.87 6.74 -0.23
N GLU C 114 -3.40 6.41 -1.43
CA GLU C 114 -4.00 6.95 -2.64
C GLU C 114 -5.18 6.11 -3.12
N VAL C 115 -5.12 4.80 -2.90
CA VAL C 115 -6.23 3.93 -3.27
C VAL C 115 -7.50 4.28 -2.48
N ILE C 116 -7.36 4.36 -1.16
CA ILE C 116 -8.50 4.69 -0.30
C ILE C 116 -8.70 6.20 -0.19
N LYS C 117 -7.83 6.96 -0.85
CA LYS C 117 -7.98 8.40 -1.00
C LYS C 117 -8.06 9.19 0.31
N ILE C 118 -7.10 8.96 1.20
CA ILE C 118 -6.92 9.83 2.36
C ILE C 118 -6.53 11.20 1.83
N ASP C 119 -7.27 12.24 2.20
CA ASP C 119 -6.97 13.57 1.69
C ASP C 119 -5.79 14.20 2.44
N LEU C 120 -4.59 13.76 2.08
CA LEU C 120 -3.37 14.26 2.71
C LEU C 120 -3.15 15.74 2.44
N SER C 121 -3.62 16.20 1.28
CA SER C 121 -3.42 17.58 0.88
C SER C 121 -4.12 18.55 1.82
N ARG C 122 -5.34 18.20 2.24
CA ARG C 122 -6.09 19.02 3.18
C ARG C 122 -5.50 18.90 4.58
N ALA C 123 -5.05 17.70 4.93
CA ALA C 123 -4.37 17.48 6.19
C ALA C 123 -3.13 18.36 6.27
N ALA C 124 -2.38 18.40 5.17
CA ALA C 124 -1.20 19.24 5.08
C ALA C 124 -1.55 20.72 5.25
N GLU C 125 -2.67 21.13 4.67
CA GLU C 125 -3.14 22.51 4.78
C GLU C 125 -3.51 22.85 6.22
N ARG C 126 -4.26 21.95 6.85
CA ARG C 126 -4.74 22.18 8.21
C ARG C 126 -3.58 22.17 9.21
N LEU C 127 -2.64 21.25 9.02
CA LEU C 127 -1.46 21.18 9.87
C LEU C 127 -0.59 22.42 9.72
N SER C 128 -0.44 22.88 8.48
CA SER C 128 0.32 24.10 8.22
C SER C 128 -0.30 25.28 8.97
N SER C 129 -1.62 25.31 9.03
CA SER C 129 -2.35 26.35 9.74
C SER C 129 -2.06 26.33 11.22
N GLN C 130 -2.05 25.14 11.81
CA GLN C 130 -1.88 24.98 13.25
C GLN C 130 -0.49 25.36 13.74
N PHE C 131 0.44 25.57 12.81
CA PHE C 131 1.78 26.00 13.17
C PHE C 131 2.12 27.33 12.49
N ASN C 132 2.41 27.25 11.19
CA ASN C 132 2.51 28.42 10.28
C ASN C 132 3.63 29.41 10.56
N GLY C 133 4.18 29.39 11.76
CA GLY C 133 5.33 30.22 12.07
C GLY C 133 6.60 29.38 12.15
N GLN C 134 6.41 28.07 12.27
CA GLN C 134 7.50 27.16 12.56
C GLN C 134 7.67 26.09 11.51
N VAL C 135 6.64 25.27 11.33
CA VAL C 135 6.72 24.16 10.39
C VAL C 135 5.77 24.30 9.21
N ARG C 136 6.30 24.16 8.00
CA ARG C 136 5.47 24.04 6.81
C ARG C 136 5.18 22.57 6.57
N ILE C 137 3.92 22.23 6.35
CA ILE C 137 3.56 20.86 6.04
C ILE C 137 2.97 20.76 4.64
N LEU C 138 3.57 19.94 3.80
CA LEU C 138 3.15 19.82 2.41
C LEU C 138 2.82 18.37 2.05
N ASN C 139 2.35 18.17 0.83
CA ASN C 139 1.95 16.85 0.37
C ASN C 139 2.31 16.60 -1.08
N TYR C 140 2.83 15.41 -1.36
CA TYR C 140 2.94 14.94 -2.73
C TYR C 140 2.83 13.42 -2.77
N SER C 141 2.47 12.87 -3.92
CA SER C 141 2.30 11.44 -4.05
C SER C 141 3.56 10.77 -4.59
N GLY C 142 3.99 9.71 -3.94
CA GLY C 142 5.11 8.92 -4.42
C GLY C 142 4.68 7.50 -4.71
N SER C 143 3.37 7.30 -4.82
CA SER C 143 2.80 5.96 -4.99
C SER C 143 3.29 5.28 -6.27
N GLY C 144 3.44 3.96 -6.19
CA GLY C 144 3.85 3.19 -7.34
C GLY C 144 2.83 3.19 -8.45
N ILE C 145 1.56 3.19 -8.08
CA ILE C 145 0.47 3.18 -9.06
C ILE C 145 0.44 4.47 -9.89
N GLU C 146 1.07 5.53 -9.37
CA GLU C 146 1.00 6.83 -10.03
C GLU C 146 2.35 7.35 -10.50
N THR C 147 3.41 7.03 -9.77
CA THR C 147 4.73 7.60 -10.05
C THR C 147 5.82 6.53 -10.20
N THR C 148 6.77 6.79 -11.08
CA THR C 148 7.92 5.92 -11.24
C THR C 148 9.20 6.64 -10.85
N PHE C 149 9.84 6.19 -9.78
CA PHE C 149 11.18 6.63 -9.41
C PHE C 149 11.31 8.16 -9.31
N THR C 150 11.94 8.75 -10.32
CA THR C 150 12.26 10.18 -10.31
C THR C 150 11.04 11.09 -10.46
N GLN C 151 9.89 10.51 -10.82
CA GLN C 151 8.64 11.27 -10.87
C GLN C 151 8.24 11.75 -9.47
N GLY C 152 8.79 11.12 -8.45
CA GLY C 152 8.55 11.54 -7.07
C GLY C 152 9.09 12.93 -6.81
N GLU C 153 10.22 13.26 -7.42
CA GLU C 153 10.81 14.58 -7.27
C GLU C 153 9.92 15.63 -7.93
N ASP C 154 9.34 15.26 -9.08
CA ASP C 154 8.41 16.13 -9.79
C ASP C 154 7.24 16.47 -8.88
N GLY C 155 6.78 15.49 -8.12
CA GLY C 155 5.71 15.72 -7.15
C GLY C 155 6.16 16.66 -6.04
N ALA C 156 7.36 16.42 -5.51
CA ALA C 156 7.88 17.23 -4.41
C ALA C 156 8.10 18.69 -4.81
N LEU C 157 8.71 18.91 -5.97
CA LEU C 157 8.97 20.27 -6.45
C LEU C 157 7.68 21.01 -6.75
N LYS C 158 6.71 20.30 -7.33
CA LYS C 158 5.40 20.88 -7.65
C LYS C 158 4.70 21.37 -6.39
N ALA C 159 4.95 20.69 -5.27
CA ALA C 159 4.35 21.06 -4.00
C ALA C 159 4.96 22.31 -3.38
N LEU C 160 6.19 22.62 -3.78
CA LEU C 160 6.90 23.79 -3.27
C LEU C 160 6.56 25.04 -4.06
N VAL C 161 6.19 24.84 -5.33
CA VAL C 161 5.87 25.95 -6.25
C VAL C 161 4.89 27.00 -5.70
N PRO C 162 3.77 26.56 -5.08
CA PRO C 162 2.86 27.59 -4.54
C PRO C 162 3.48 28.39 -3.40
N LEU C 163 4.56 27.88 -2.80
CA LEU C 163 5.21 28.55 -1.67
C LEU C 163 6.34 29.47 -2.10
N MET C 164 6.65 29.47 -3.39
CA MET C 164 7.67 30.36 -3.93
C MET C 164 7.15 31.79 -3.91
N PRO C 165 7.94 32.72 -3.36
CA PRO C 165 7.60 34.15 -3.36
C PRO C 165 7.29 34.67 -4.76
N SER C 166 6.48 35.71 -4.85
CA SER C 166 6.09 36.27 -6.14
C SER C 166 6.92 37.50 -6.48
N SER C 167 7.57 37.48 -7.64
CA SER C 167 8.42 38.59 -8.06
C SER C 167 8.57 38.64 -9.58
N GLN C 168 8.71 39.85 -10.12
CA GLN C 168 8.87 40.04 -11.56
C GLN C 168 10.29 40.44 -11.91
N GLU C 169 11.25 39.89 -11.17
CA GLU C 169 12.65 40.26 -11.29
C GLU C 169 13.35 39.44 -12.37
N GLU C 170 14.49 39.93 -12.86
CA GLU C 170 15.35 39.14 -13.72
C GLU C 170 15.80 37.93 -12.94
N GLN C 171 15.66 36.75 -13.53
CA GLN C 171 16.04 35.52 -12.84
C GLN C 171 16.15 34.33 -13.80
N LEU C 172 17.25 33.60 -13.69
CA LEU C 172 17.40 32.33 -14.38
C LEU C 172 17.25 31.21 -13.38
N LEU C 173 16.18 30.44 -13.51
CA LEU C 173 15.89 29.36 -12.58
C LEU C 173 16.34 28.01 -13.14
N LEU C 174 17.19 27.32 -12.39
CA LEU C 174 17.62 25.97 -12.75
C LEU C 174 16.80 24.96 -11.96
N ALA C 175 15.90 24.26 -12.65
CA ALA C 175 14.97 23.35 -12.00
C ALA C 175 15.41 21.89 -12.11
N GLY C 176 15.44 21.21 -10.97
CA GLY C 176 15.87 19.82 -10.93
C GLY C 176 17.11 19.65 -10.06
N THR C 177 17.21 18.50 -9.40
CA THR C 177 18.30 18.23 -8.47
C THR C 177 19.67 18.27 -9.14
N LEU C 178 20.51 19.19 -8.69
CA LEU C 178 21.91 19.26 -9.12
C LEU C 178 22.79 18.96 -7.92
N ALA C 179 23.93 18.32 -8.17
CA ALA C 179 24.93 18.15 -7.12
C ALA C 179 25.44 19.54 -6.75
N ASN C 180 25.79 19.72 -5.48
CA ASN C 180 26.29 21.01 -5.00
C ASN C 180 27.40 21.65 -5.84
N PRO C 181 28.49 20.90 -6.14
CA PRO C 181 29.55 21.53 -6.94
C PRO C 181 29.10 21.82 -8.38
N VAL C 182 28.19 21.01 -8.91
CA VAL C 182 27.65 21.25 -10.24
C VAL C 182 26.80 22.52 -10.25
N GLU C 183 25.99 22.67 -9.20
CA GLU C 183 25.18 23.87 -9.02
C GLU C 183 26.06 25.13 -9.03
N ASP C 184 27.13 25.08 -8.23
CA ASP C 184 28.05 26.20 -8.10
C ASP C 184 28.76 26.49 -9.41
N ARG C 185 29.13 25.42 -10.12
CA ARG C 185 29.85 25.56 -11.38
C ARG C 185 28.99 26.24 -12.44
N LEU C 186 27.77 25.74 -12.62
CA LEU C 186 26.85 26.30 -13.59
C LEU C 186 26.53 27.77 -13.29
N LYS C 187 26.38 28.08 -12.01
CA LYS C 187 26.15 29.46 -11.59
C LYS C 187 27.33 30.36 -11.96
N THR C 188 28.54 29.87 -11.73
CA THR C 188 29.77 30.61 -12.06
C THR C 188 29.82 30.91 -13.56
N ILE C 189 29.54 29.91 -14.38
CA ILE C 189 29.53 30.06 -15.83
C ILE C 189 28.46 31.05 -16.27
N PHE C 190 27.25 30.89 -15.73
CA PHE C 190 26.14 31.76 -16.06
C PHE C 190 26.43 33.21 -15.69
N ASN C 191 27.20 33.41 -14.62
CA ASN C 191 27.60 34.75 -14.20
C ASN C 191 28.61 35.37 -15.16
N ARG C 192 29.41 34.51 -15.81
CA ARG C 192 30.38 34.98 -16.79
C ARG C 192 29.70 35.52 -18.04
N LEU C 193 28.48 35.06 -18.28
CA LEU C 193 27.72 35.47 -19.46
C LEU C 193 26.97 36.78 -19.22
N GLY C 194 26.97 37.24 -17.99
CA GLY C 194 26.32 38.49 -17.64
C GLY C 194 24.99 38.31 -16.93
N ILE C 195 24.61 37.06 -16.71
CA ILE C 195 23.38 36.76 -15.99
C ILE C 195 23.65 36.73 -14.49
N GLN C 196 23.33 37.82 -13.81
CA GLN C 196 23.68 37.97 -12.40
C GLN C 196 22.77 37.22 -11.44
N LYS C 197 21.51 37.00 -11.84
CA LYS C 197 20.56 36.32 -10.99
C LYS C 197 20.30 34.89 -11.45
N VAL C 198 20.95 33.93 -10.79
CA VAL C 198 20.75 32.52 -11.07
C VAL C 198 20.47 31.76 -9.79
N GLU C 199 19.29 31.11 -9.72
CA GLU C 199 18.89 30.38 -8.52
C GLU C 199 18.51 28.94 -8.82
N SER C 200 18.59 28.08 -7.81
CA SER C 200 18.32 26.66 -7.99
C SER C 200 17.03 26.23 -7.30
N PHE C 201 16.29 25.35 -7.98
CA PHE C 201 15.05 24.80 -7.46
C PHE C 201 15.09 23.28 -7.68
N PRO C 202 15.15 22.50 -6.59
CA PRO C 202 15.02 22.89 -5.18
C PRO C 202 16.26 23.58 -4.61
N PRO C 203 16.08 24.34 -3.52
CA PRO C 203 17.19 25.01 -2.82
C PRO C 203 17.87 24.03 -1.88
N ARG C 204 18.85 24.52 -1.12
CA ARG C 204 19.53 23.68 -0.13
C ARG C 204 18.80 23.73 1.21
N GLU C 205 17.96 24.75 1.39
CA GLU C 205 17.12 24.87 2.58
C GLU C 205 15.68 25.10 2.16
N SER C 206 14.78 24.27 2.68
CA SER C 206 13.38 24.29 2.28
C SER C 206 12.67 25.62 2.57
N THR C 207 13.20 26.36 3.54
CA THR C 207 12.59 27.63 3.93
C THR C 207 13.01 28.76 3.00
N LYS C 208 14.06 28.54 2.22
CA LYS C 208 14.60 29.56 1.34
C LYS C 208 14.34 29.26 -0.13
N LEU C 209 13.07 29.34 -0.53
CA LEU C 209 12.68 29.08 -1.91
C LEU C 209 12.88 30.33 -2.77
N PRO C 210 13.36 30.13 -4.00
CA PRO C 210 13.55 31.24 -4.95
C PRO C 210 12.20 31.85 -5.32
N ALA C 211 12.18 33.14 -5.59
CA ALA C 211 10.95 33.80 -6.02
C ALA C 211 10.64 33.44 -7.47
N ILE C 212 9.41 33.67 -7.89
CA ILE C 212 9.02 33.37 -9.27
C ILE C 212 7.98 34.36 -9.79
N GLY C 213 7.86 34.42 -11.11
CA GLY C 213 6.92 35.31 -11.77
C GLY C 213 7.39 35.59 -13.19
N PRO C 214 6.74 36.54 -13.87
CA PRO C 214 7.17 36.91 -15.22
C PRO C 214 8.58 37.51 -15.18
N GLY C 215 9.38 37.26 -16.21
CA GLY C 215 10.75 37.70 -16.22
C GLY C 215 11.68 36.62 -15.69
N THR C 216 11.09 35.53 -15.22
CA THR C 216 11.86 34.38 -14.79
C THR C 216 11.97 33.37 -15.93
N LYS C 217 13.20 33.13 -16.38
CA LYS C 217 13.46 32.11 -17.38
C LYS C 217 13.86 30.82 -16.68
N VAL C 218 13.21 29.72 -17.05
CA VAL C 218 13.45 28.45 -16.40
C VAL C 218 14.13 27.44 -17.32
N LEU C 219 15.30 26.98 -16.90
CA LEU C 219 15.97 25.87 -17.57
C LEU C 219 15.70 24.59 -16.80
N LEU C 220 15.26 23.56 -17.50
CA LEU C 220 15.01 22.28 -16.87
C LEU C 220 16.24 21.38 -16.99
N ALA C 221 16.88 21.10 -15.86
CA ALA C 221 18.08 20.27 -15.83
C ALA C 221 17.73 18.79 -15.85
N GLN C 222 16.53 18.48 -15.38
CA GLN C 222 16.06 17.10 -15.34
C GLN C 222 14.85 16.89 -16.23
N PRO C 223 14.81 15.77 -16.96
CA PRO C 223 13.77 15.44 -17.95
C PRO C 223 12.44 14.99 -17.33
N TYR C 224 12.38 14.86 -16.01
CA TYR C 224 11.19 14.32 -15.37
C TYR C 224 10.37 15.36 -14.61
N LEU C 225 10.43 16.62 -15.03
CA LEU C 225 9.72 17.68 -14.33
C LEU C 225 8.51 18.17 -15.13
N THR C 226 7.71 17.24 -15.63
CA THR C 226 6.54 17.57 -16.44
C THR C 226 5.53 18.46 -15.70
N ASP C 227 5.12 18.03 -14.51
CA ASP C 227 4.12 18.78 -13.75
C ASP C 227 4.70 20.04 -13.10
N THR C 228 5.94 19.95 -12.63
CA THR C 228 6.61 21.10 -12.03
C THR C 228 6.79 22.24 -13.03
N ALA C 229 7.21 21.90 -14.25
CA ALA C 229 7.37 22.89 -15.30
C ALA C 229 6.03 23.55 -15.62
N ARG C 230 4.99 22.73 -15.72
CA ARG C 230 3.63 23.23 -15.98
C ARG C 230 3.18 24.19 -14.88
N GLU C 231 3.49 23.85 -13.64
CA GLU C 231 3.11 24.69 -12.51
C GLU C 231 3.95 25.97 -12.44
N LEU C 232 5.21 25.88 -12.82
CA LEU C 232 6.07 27.06 -12.88
C LEU C 232 5.58 28.01 -13.96
N LYS C 233 5.07 27.45 -15.05
CA LYS C 233 4.54 28.27 -16.15
C LYS C 233 3.26 28.97 -15.74
N ASP C 234 2.48 28.31 -14.88
CA ASP C 234 1.22 28.87 -14.40
C ASP C 234 1.43 30.10 -13.53
N ARG C 235 2.64 30.28 -13.02
CA ARG C 235 2.94 31.41 -12.15
C ARG C 235 3.67 32.55 -12.86
N GLY C 236 3.78 32.45 -14.19
CA GLY C 236 4.29 33.54 -14.99
C GLY C 236 5.65 33.32 -15.62
N ALA C 237 6.37 32.30 -15.15
CA ALA C 237 7.72 32.04 -15.65
C ALA C 237 7.71 31.48 -17.07
N GLU C 238 8.78 31.77 -17.81
CA GLU C 238 8.95 31.21 -19.15
C GLU C 238 9.79 29.94 -19.07
N ILE C 239 9.25 28.85 -19.60
CA ILE C 239 9.97 27.58 -19.64
C ILE C 239 10.75 27.46 -20.94
N LEU C 240 12.06 27.66 -20.87
CA LEU C 240 12.91 27.56 -22.05
C LEU C 240 12.98 26.12 -22.55
N GLN C 241 12.93 25.95 -23.86
CA GLN C 241 13.08 24.62 -24.45
C GLN C 241 14.51 24.40 -24.92
N ALA C 242 15.05 23.23 -24.57
CA ALA C 242 16.45 22.91 -24.84
C ALA C 242 16.68 21.44 -24.50
N PRO C 243 17.74 20.84 -25.06
CA PRO C 243 18.10 19.50 -24.60
C PRO C 243 18.63 19.58 -23.18
N PHE C 244 18.94 18.43 -22.58
CA PHE C 244 19.35 18.41 -21.19
C PHE C 244 20.87 18.39 -21.05
N PRO C 245 21.39 19.14 -20.06
CA PRO C 245 22.83 19.40 -19.91
C PRO C 245 23.64 18.15 -19.58
N LEU C 246 23.59 17.16 -20.47
CA LEU C 246 24.42 15.98 -20.35
C LEU C 246 25.43 15.98 -21.49
N GLY C 247 26.71 15.92 -21.15
CA GLY C 247 27.77 15.94 -22.14
C GLY C 247 28.02 17.32 -22.72
N VAL C 248 28.93 17.41 -23.66
CA VAL C 248 29.29 18.69 -24.27
C VAL C 248 28.13 19.25 -25.09
N GLU C 249 27.61 18.44 -26.01
CA GLU C 249 26.54 18.87 -26.91
C GLU C 249 25.30 19.37 -26.16
N GLY C 250 24.75 18.52 -25.29
CA GLY C 250 23.57 18.85 -24.54
C GLY C 250 23.74 20.07 -23.64
N SER C 251 24.87 20.13 -22.93
CA SER C 251 25.15 21.25 -22.03
C SER C 251 25.32 22.55 -22.78
N GLN C 252 26.01 22.50 -23.91
CA GLN C 252 26.24 23.70 -24.73
C GLN C 252 24.91 24.31 -25.15
N LEU C 253 24.07 23.51 -25.77
CA LEU C 253 22.76 23.97 -26.25
C LEU C 253 21.86 24.41 -25.11
N TRP C 254 21.96 23.73 -23.97
CA TRP C 254 21.20 24.07 -22.78
C TRP C 254 21.59 25.47 -22.29
N ILE C 255 22.89 25.72 -22.23
CA ILE C 255 23.42 27.02 -21.83
C ILE C 255 23.08 28.09 -22.87
N GLU C 256 23.17 27.73 -24.14
CA GLU C 256 22.85 28.67 -25.22
C GLU C 256 21.40 29.12 -25.16
N ALA C 257 20.52 28.22 -24.76
CA ALA C 257 19.09 28.52 -24.65
C ALA C 257 18.83 29.67 -23.70
N ALA C 258 19.53 29.67 -22.57
CA ALA C 258 19.37 30.73 -21.58
C ALA C 258 20.02 32.04 -22.07
N ALA C 259 21.17 31.91 -22.72
CA ALA C 259 21.87 33.07 -23.24
C ALA C 259 21.07 33.75 -24.36
N ASN C 260 20.41 32.94 -25.17
CA ASN C 260 19.55 33.46 -26.23
C ASN C 260 18.35 34.21 -25.67
N ALA C 261 17.78 33.67 -24.59
CA ALA C 261 16.61 34.28 -23.96
C ALA C 261 16.97 35.59 -23.26
N PHE C 262 18.20 35.66 -22.76
CA PHE C 262 18.68 36.87 -22.11
C PHE C 262 19.41 37.76 -23.10
N LYS C 263 19.36 37.39 -24.37
CA LYS C 263 19.95 38.15 -25.47
C LYS C 263 21.44 38.45 -25.28
N ILE C 264 22.17 37.49 -24.73
CA ILE C 264 23.61 37.62 -24.56
C ILE C 264 24.30 37.48 -25.93
N LYS C 265 25.27 38.34 -26.19
CA LYS C 265 25.98 38.34 -27.48
C LYS C 265 26.75 37.03 -27.70
N LYS C 266 26.61 36.47 -28.90
CA LYS C 266 27.17 35.17 -29.21
C LYS C 266 28.69 35.10 -29.09
N THR C 267 29.36 36.22 -29.33
CA THR C 267 30.81 36.27 -29.22
C THR C 267 31.26 36.08 -27.77
N LEU C 268 30.43 36.52 -26.84
CA LEU C 268 30.72 36.39 -25.42
C LEU C 268 30.53 34.96 -24.94
N VAL C 269 29.44 34.33 -25.37
CA VAL C 269 29.14 32.96 -24.95
C VAL C 269 30.09 31.96 -25.61
N ASP C 270 30.68 32.35 -26.73
CA ASP C 270 31.65 31.49 -27.41
C ASP C 270 33.02 31.62 -26.75
N ALA C 271 33.38 32.83 -26.36
CA ALA C 271 34.64 33.08 -25.69
C ALA C 271 34.65 32.45 -24.30
N THR C 272 33.47 32.25 -23.74
CA THR C 272 33.33 31.68 -22.41
C THR C 272 33.31 30.16 -22.45
N LEU C 273 32.61 29.61 -23.44
CA LEU C 273 32.41 28.15 -23.51
C LEU C 273 33.54 27.41 -24.25
N GLU C 274 34.25 28.12 -25.13
CA GLU C 274 35.33 27.50 -25.91
C GLU C 274 36.39 26.76 -25.09
N PRO C 275 36.97 27.40 -24.06
CA PRO C 275 38.01 26.67 -23.31
C PRO C 275 37.44 25.45 -22.61
N LEU C 276 36.19 25.57 -22.17
CA LEU C 276 35.51 24.47 -21.50
C LEU C 276 35.29 23.30 -22.44
N ILE C 277 34.87 23.61 -23.67
CA ILE C 277 34.57 22.57 -24.65
C ILE C 277 35.83 21.84 -25.13
N THR C 278 36.88 22.60 -25.42
CA THR C 278 38.15 22.04 -25.89
C THR C 278 38.74 21.08 -24.85
N ARG C 279 38.74 21.51 -23.60
CA ARG C 279 39.27 20.69 -22.51
C ARG C 279 38.42 19.43 -22.33
N ALA C 280 37.12 19.56 -22.52
CA ALA C 280 36.19 18.43 -22.38
C ALA C 280 36.44 17.38 -23.45
N HIS C 281 36.64 17.82 -24.69
CA HIS C 281 36.95 16.90 -25.78
C HIS C 281 38.23 16.14 -25.49
N LYS C 282 39.19 16.82 -24.87
CA LYS C 282 40.47 16.22 -24.50
C LYS C 282 40.25 15.15 -23.44
N ALA C 283 39.47 15.48 -22.41
CA ALA C 283 39.21 14.57 -21.30
C ALA C 283 38.41 13.35 -21.72
N LEU C 284 37.53 13.53 -22.71
CA LEU C 284 36.63 12.46 -23.14
C LEU C 284 37.32 11.33 -23.90
N LYS C 285 38.47 11.64 -24.51
CA LYS C 285 39.14 10.72 -25.43
C LYS C 285 39.39 9.28 -24.94
N PRO C 286 39.98 9.11 -23.74
CA PRO C 286 40.24 7.73 -23.30
C PRO C 286 38.96 6.93 -23.06
N TYR C 287 37.88 7.61 -22.68
CA TYR C 287 36.61 6.94 -22.44
C TYR C 287 35.93 6.59 -23.76
N VAL C 288 36.05 7.49 -24.73
CA VAL C 288 35.54 7.24 -26.07
C VAL C 288 36.22 5.99 -26.65
N GLU C 289 37.53 5.90 -26.45
CA GLU C 289 38.30 4.72 -26.87
C GLU C 289 37.73 3.44 -26.29
N GLN C 290 37.31 3.51 -25.01
CA GLN C 290 36.73 2.36 -24.35
C GLN C 290 35.30 2.09 -24.81
N LEU C 291 34.59 3.16 -25.16
CA LEU C 291 33.14 3.06 -25.38
C LEU C 291 32.70 3.03 -26.84
N SER C 292 33.56 3.49 -27.75
CA SER C 292 33.20 3.55 -29.16
C SER C 292 32.98 2.16 -29.76
N GLY C 293 31.86 1.99 -30.43
CA GLY C 293 31.54 0.72 -31.09
C GLY C 293 30.82 -0.27 -30.19
N LYS C 294 30.72 0.04 -28.91
CA LYS C 294 30.03 -0.83 -27.96
C LYS C 294 28.52 -0.75 -28.13
N LYS C 295 27.86 -1.90 -28.06
CA LYS C 295 26.40 -1.95 -28.17
C LYS C 295 25.73 -1.71 -26.82
N LEU C 296 24.79 -0.77 -26.80
CA LEU C 296 24.15 -0.34 -25.57
C LEU C 296 22.67 -0.68 -25.54
N PHE C 297 22.17 -1.06 -24.37
CA PHE C 297 20.77 -1.40 -24.18
C PHE C 297 20.33 -0.84 -22.83
N LEU C 298 19.38 0.08 -22.84
CA LEU C 298 18.93 0.70 -21.59
C LEU C 298 17.49 0.32 -21.24
N LEU C 299 17.29 -0.13 -20.00
CA LEU C 299 15.95 -0.47 -19.52
C LEU C 299 15.33 0.75 -18.84
N PRO C 300 13.99 0.86 -18.89
CA PRO C 300 13.28 2.03 -18.32
C PRO C 300 13.51 2.16 -16.82
N GLU C 301 13.76 3.39 -16.37
CA GLU C 301 14.06 3.63 -14.96
C GLU C 301 13.74 5.04 -14.51
N SER C 302 14.19 6.04 -15.25
CA SER C 302 14.26 7.40 -14.72
C SER C 302 13.89 8.52 -15.69
N GLN C 303 13.71 8.18 -16.96
CA GLN C 303 13.54 9.15 -18.05
C GLN C 303 14.83 9.87 -18.39
N LEU C 304 15.95 9.39 -17.85
CA LEU C 304 17.26 9.91 -18.22
C LEU C 304 17.80 9.15 -19.42
N GLU C 305 17.12 8.05 -19.77
CA GLU C 305 17.61 7.12 -20.79
C GLU C 305 17.82 7.77 -22.17
N ILE C 306 16.89 8.62 -22.59
CA ILE C 306 17.03 9.29 -23.89
C ILE C 306 18.24 10.24 -23.95
N PRO C 307 18.36 11.18 -22.98
CA PRO C 307 19.55 12.03 -23.02
C PRO C 307 20.86 11.25 -22.86
N LEU C 308 20.86 10.23 -22.02
CA LEU C 308 22.04 9.40 -21.82
C LEU C 308 22.43 8.69 -23.12
N ALA C 309 21.44 8.12 -23.79
CA ALA C 309 21.67 7.46 -25.07
C ALA C 309 22.20 8.45 -26.11
N ARG C 310 21.66 9.66 -26.09
CA ARG C 310 22.08 10.71 -27.00
C ARG C 310 23.56 11.05 -26.79
N PHE C 311 23.95 11.17 -25.53
CA PHE C 311 25.33 11.50 -25.19
C PHE C 311 26.30 10.36 -25.51
N LEU C 312 25.91 9.14 -25.16
CA LEU C 312 26.77 7.98 -25.33
C LEU C 312 27.00 7.61 -26.79
N SER C 313 26.04 7.95 -27.65
CA SER C 313 26.17 7.67 -29.08
C SER C 313 26.85 8.81 -29.82
N ASN C 314 26.38 10.03 -29.59
CA ASN C 314 26.92 11.20 -30.27
C ASN C 314 28.36 11.56 -29.85
N GLU C 315 28.64 11.44 -28.55
CA GLU C 315 29.93 11.88 -28.03
C GLU C 315 30.88 10.75 -27.65
N CYS C 316 30.34 9.55 -27.44
CA CYS C 316 31.17 8.41 -27.06
C CYS C 316 31.14 7.30 -28.10
N GLY C 317 30.29 7.45 -29.10
CA GLY C 317 30.28 6.54 -30.23
C GLY C 317 29.71 5.15 -29.98
N MET C 318 28.86 5.02 -28.97
CA MET C 318 28.21 3.75 -28.69
C MET C 318 27.06 3.51 -29.67
N LYS C 319 26.76 2.23 -29.92
CA LYS C 319 25.62 1.86 -30.76
C LYS C 319 24.42 1.51 -29.88
N LEU C 320 23.28 2.12 -30.17
CA LEU C 320 22.08 1.93 -29.35
C LEU C 320 21.23 0.78 -29.89
N ILE C 321 20.99 -0.23 -29.06
CA ILE C 321 20.13 -1.33 -29.43
C ILE C 321 18.66 -1.00 -29.12
N GLU C 322 18.42 -0.57 -27.88
CA GLU C 322 17.08 -0.22 -27.45
C GLU C 322 17.14 0.81 -26.32
N VAL C 323 16.34 1.86 -26.42
CA VAL C 323 16.31 2.91 -25.41
C VAL C 323 14.95 2.92 -24.71
N GLY C 324 14.88 2.27 -23.55
CA GLY C 324 13.64 2.16 -22.82
C GLY C 324 13.40 3.30 -21.84
N VAL C 325 12.18 3.83 -21.84
CA VAL C 325 11.78 4.85 -20.88
C VAL C 325 10.46 4.46 -20.22
N PRO C 326 10.31 4.76 -18.93
CA PRO C 326 9.07 4.43 -18.22
C PRO C 326 7.95 5.41 -18.59
N TYR C 327 8.33 6.54 -19.16
CA TYR C 327 7.37 7.57 -19.56
C TYR C 327 8.03 8.51 -20.56
N LEU C 328 7.26 8.97 -21.55
CA LEU C 328 7.80 9.83 -22.60
C LEU C 328 6.95 11.07 -22.85
N ASN C 329 7.36 12.19 -22.27
CA ASN C 329 6.77 13.47 -22.61
C ASN C 329 7.37 13.94 -23.92
N ARG C 330 6.64 13.75 -25.00
CA ARG C 330 7.18 13.98 -26.34
C ARG C 330 7.53 15.45 -26.62
N GLU C 331 6.75 16.37 -26.08
CA GLU C 331 7.04 17.79 -26.26
C GLU C 331 8.29 18.19 -25.50
N MET C 332 8.47 17.60 -24.32
CA MET C 332 9.61 17.92 -23.47
C MET C 332 10.89 17.26 -23.98
N MET C 333 10.77 16.10 -24.60
CA MET C 333 11.92 15.39 -25.15
C MET C 333 12.21 15.82 -26.59
N GLY C 334 11.40 16.75 -27.09
CA GLY C 334 11.53 17.26 -28.44
C GLY C 334 12.94 17.61 -28.90
N PRO C 335 13.57 18.60 -28.26
CA PRO C 335 14.95 18.99 -28.58
C PRO C 335 15.92 17.83 -28.47
N GLU C 336 15.65 16.92 -27.52
CA GLU C 336 16.52 15.78 -27.30
C GLU C 336 16.36 14.75 -28.42
N LEU C 337 15.13 14.57 -28.89
CA LEU C 337 14.83 13.61 -29.95
C LEU C 337 15.47 14.02 -31.28
N ASP C 338 15.68 15.33 -31.44
CA ASP C 338 16.28 15.84 -32.67
C ASP C 338 17.78 15.55 -32.73
N LEU C 339 18.40 15.38 -31.57
CA LEU C 339 19.84 15.13 -31.48
C LEU C 339 20.18 13.65 -31.60
N LEU C 340 19.22 12.79 -31.27
CA LEU C 340 19.41 11.35 -31.35
C LEU C 340 19.74 10.93 -32.78
N PRO C 341 20.60 9.90 -32.92
CA PRO C 341 20.91 9.36 -34.24
C PRO C 341 19.66 8.78 -34.89
N GLN C 342 19.62 8.78 -36.22
CA GLN C 342 18.47 8.26 -36.96
C GLN C 342 18.22 6.80 -36.60
N ASN C 343 16.95 6.40 -36.70
CA ASN C 343 16.55 5.00 -36.50
C ASN C 343 16.79 4.47 -35.08
N THR C 344 16.76 5.37 -34.09
CA THR C 344 16.88 4.93 -32.70
C THR C 344 15.59 4.25 -32.25
N ARG C 345 15.72 3.08 -31.63
CA ARG C 345 14.57 2.31 -31.17
C ARG C 345 14.24 2.66 -29.72
N ILE C 346 13.15 3.40 -29.54
CA ILE C 346 12.73 3.84 -28.22
C ILE C 346 11.46 3.13 -27.76
N VAL C 347 11.53 2.49 -26.60
CA VAL C 347 10.38 1.75 -26.07
C VAL C 347 9.83 2.41 -24.80
N GLU C 348 8.59 2.89 -24.88
CA GLU C 348 7.90 3.47 -23.73
C GLU C 348 7.08 2.38 -23.04
N GLY C 349 7.26 2.27 -21.72
CA GLY C 349 6.63 1.18 -20.99
C GLY C 349 7.58 0.00 -20.98
N GLN C 350 7.06 -1.18 -20.65
CA GLN C 350 7.90 -2.36 -20.47
C GLN C 350 7.12 -3.66 -20.27
N HIS C 351 7.64 -4.73 -20.86
CA HIS C 351 7.33 -6.08 -20.39
C HIS C 351 8.67 -6.70 -20.07
N VAL C 352 9.01 -6.73 -18.79
CA VAL C 352 10.36 -7.08 -18.35
C VAL C 352 10.84 -8.45 -18.86
N GLU C 353 9.95 -9.43 -18.93
CA GLU C 353 10.34 -10.76 -19.37
C GLU C 353 10.67 -10.75 -20.87
N LYS C 354 9.81 -10.10 -21.65
CA LYS C 354 10.04 -9.99 -23.09
C LYS C 354 11.22 -9.07 -23.38
N GLN C 355 11.35 -8.01 -22.59
CA GLN C 355 12.48 -7.10 -22.75
C GLN C 355 13.79 -7.80 -22.40
N LEU C 356 13.74 -8.70 -21.42
CA LEU C 356 14.90 -9.51 -21.05
C LEU C 356 15.31 -10.41 -22.21
N ASP C 357 14.31 -10.99 -22.87
CA ASP C 357 14.55 -11.84 -24.03
C ASP C 357 15.28 -11.08 -25.12
N ARG C 358 14.89 -9.82 -25.32
CA ARG C 358 15.53 -8.97 -26.32
C ARG C 358 16.98 -8.66 -25.93
N VAL C 359 17.21 -8.49 -24.63
CA VAL C 359 18.56 -8.28 -24.13
C VAL C 359 19.40 -9.54 -24.37
N ARG C 360 18.86 -10.68 -23.97
CA ARG C 360 19.58 -11.95 -24.11
C ARG C 360 19.86 -12.32 -25.57
N GLU C 361 18.93 -12.03 -26.47
CA GLU C 361 19.11 -12.37 -27.88
C GLU C 361 20.15 -11.47 -28.55
N HIS C 362 20.27 -10.24 -28.08
CA HIS C 362 21.24 -9.31 -28.62
C HIS C 362 22.60 -9.47 -27.95
N HIS C 363 22.57 -9.81 -26.66
CA HIS C 363 23.77 -9.87 -25.83
C HIS C 363 24.59 -8.59 -25.98
N PRO C 364 24.10 -7.49 -25.39
CA PRO C 364 24.75 -6.18 -25.53
C PRO C 364 26.10 -6.15 -24.82
N ASP C 365 26.95 -5.21 -25.20
CA ASP C 365 28.22 -5.02 -24.52
C ASP C 365 27.97 -4.46 -23.12
N LEU C 366 26.96 -3.60 -23.01
CA LEU C 366 26.63 -2.97 -21.74
C LEU C 366 25.14 -2.74 -21.61
N VAL C 367 24.55 -3.31 -20.56
CA VAL C 367 23.11 -3.16 -20.31
C VAL C 367 22.87 -2.26 -19.11
N VAL C 368 22.29 -1.09 -19.34
CA VAL C 368 21.90 -0.21 -18.25
C VAL C 368 20.58 -0.71 -17.66
N CYS C 369 20.64 -1.17 -16.42
CA CYS C 369 19.47 -1.77 -15.78
C CYS C 369 19.42 -1.52 -14.29
N GLY C 370 18.30 -1.87 -13.68
CA GLY C 370 18.12 -1.73 -12.24
C GLY C 370 18.86 -2.82 -11.48
N MET C 371 18.92 -2.66 -10.15
CA MET C 371 19.66 -3.59 -9.32
C MET C 371 18.91 -4.88 -9.02
N GLY C 372 17.70 -5.00 -9.56
CA GLY C 372 16.95 -6.24 -9.49
C GLY C 372 17.35 -7.16 -10.63
N LEU C 373 18.07 -6.61 -11.61
CA LEU C 373 18.49 -7.37 -12.77
C LEU C 373 20.00 -7.37 -12.99
N ALA C 374 20.69 -6.46 -12.31
CA ALA C 374 22.13 -6.26 -12.54
C ALA C 374 22.98 -7.50 -12.28
N ASN C 375 23.00 -7.97 -11.04
CA ASN C 375 23.74 -9.19 -10.71
C ASN C 375 23.29 -10.47 -11.41
N PRO C 376 21.96 -10.69 -11.55
CA PRO C 376 21.53 -11.84 -12.35
C PRO C 376 22.03 -11.81 -13.79
N LEU C 377 22.10 -10.62 -14.40
CA LEU C 377 22.62 -10.51 -15.76
C LEU C 377 24.12 -10.75 -15.81
N GLU C 378 24.83 -10.34 -14.76
CA GLU C 378 26.26 -10.56 -14.67
C GLU C 378 26.57 -12.06 -14.63
N ALA C 379 25.71 -12.81 -13.95
CA ALA C 379 25.87 -14.25 -13.83
C ALA C 379 25.64 -14.94 -15.18
N GLU C 380 24.93 -14.27 -16.07
CA GLU C 380 24.69 -14.79 -17.41
C GLU C 380 25.76 -14.34 -18.38
N GLY C 381 26.80 -13.68 -17.85
CA GLY C 381 27.90 -13.22 -18.68
C GLY C 381 27.57 -11.97 -19.48
N ILE C 382 26.65 -11.16 -18.95
CA ILE C 382 26.29 -9.90 -19.59
C ILE C 382 26.67 -8.74 -18.68
N SER C 383 27.55 -7.87 -19.17
CA SER C 383 28.02 -6.74 -18.38
C SER C 383 26.95 -5.67 -18.21
N THR C 384 26.85 -5.12 -17.01
CA THR C 384 25.80 -4.15 -16.69
C THR C 384 26.36 -2.82 -16.23
N LYS C 385 25.53 -1.79 -16.29
CA LYS C 385 25.81 -0.52 -15.64
C LYS C 385 24.56 -0.15 -14.85
N TRP C 386 24.63 -0.29 -13.54
CA TRP C 386 23.45 -0.07 -12.70
C TRP C 386 22.89 1.35 -12.86
N SER C 387 21.61 1.41 -13.24
CA SER C 387 20.98 2.64 -13.71
C SER C 387 20.85 3.75 -12.67
N ILE C 388 20.70 3.37 -11.40
CA ILE C 388 20.44 4.32 -10.34
C ILE C 388 21.56 5.35 -10.17
N GLU C 389 22.79 4.96 -10.50
CA GLU C 389 23.96 5.80 -10.25
C GLU C 389 23.88 7.21 -10.84
N MET C 390 23.29 7.34 -12.02
CA MET C 390 23.21 8.64 -12.69
C MET C 390 22.40 9.69 -11.92
N VAL C 391 21.48 9.23 -11.07
CA VAL C 391 20.71 10.14 -10.24
C VAL C 391 21.52 10.56 -9.01
N PHE C 392 22.57 9.79 -8.71
CA PHE C 392 23.41 10.08 -7.56
C PHE C 392 24.86 10.43 -7.95
N SER C 393 25.02 11.02 -9.13
CA SER C 393 26.35 11.42 -9.61
C SER C 393 26.30 12.83 -10.17
N PRO C 394 27.42 13.56 -10.11
CA PRO C 394 27.51 14.91 -10.71
C PRO C 394 27.73 14.83 -12.21
N ILE C 395 26.65 14.74 -12.98
CA ILE C 395 26.76 14.44 -14.41
C ILE C 395 26.43 15.61 -15.35
N HIS C 396 26.12 16.78 -14.79
CA HIS C 396 25.64 17.90 -15.61
C HIS C 396 26.71 18.95 -15.90
N GLY C 397 26.71 19.45 -17.13
CA GLY C 397 27.63 20.52 -17.52
C GLY C 397 28.70 20.05 -18.49
N ILE C 398 29.30 21.01 -19.19
CA ILE C 398 30.40 20.72 -20.11
C ILE C 398 31.52 19.98 -19.39
N ASP C 399 31.87 20.48 -18.20
CA ASP C 399 33.01 19.98 -17.45
C ASP C 399 32.80 18.59 -16.86
N GLN C 400 31.55 18.11 -16.86
CA GLN C 400 31.24 16.81 -16.26
C GLN C 400 31.03 15.72 -17.32
N ALA C 401 31.28 16.06 -18.57
CA ALA C 401 31.10 15.11 -19.68
C ALA C 401 31.95 13.86 -19.51
N SER C 402 33.22 14.04 -19.15
CA SER C 402 34.15 12.93 -18.99
C SER C 402 33.77 12.06 -17.80
N ASP C 403 33.28 12.69 -16.74
CA ASP C 403 32.83 11.96 -15.56
C ASP C 403 31.61 11.11 -15.88
N LEU C 404 30.72 11.64 -16.71
CA LEU C 404 29.52 10.91 -17.12
C LEU C 404 29.90 9.69 -17.96
N ALA C 405 30.85 9.87 -18.86
CA ALA C 405 31.34 8.78 -19.71
C ALA C 405 32.04 7.72 -18.87
N GLU C 406 32.77 8.17 -17.84
CA GLU C 406 33.50 7.25 -16.96
C GLU C 406 32.54 6.31 -16.24
N LEU C 407 31.34 6.79 -15.93
CA LEU C 407 30.32 5.97 -15.27
C LEU C 407 29.98 4.72 -16.08
N PHE C 408 30.06 4.83 -17.40
CA PHE C 408 29.74 3.71 -18.28
C PHE C 408 31.00 2.96 -18.72
N ALA C 409 32.13 3.65 -18.71
CA ALA C 409 33.40 3.02 -19.05
C ALA C 409 33.88 2.13 -17.91
N ARG C 410 33.52 2.52 -16.68
CA ARG C 410 33.98 1.83 -15.48
C ARG C 410 33.68 0.32 -15.40
N PRO C 411 32.41 -0.09 -15.61
CA PRO C 411 32.15 -1.53 -15.50
C PRO C 411 32.84 -2.33 -16.60
N LEU C 412 33.03 -1.71 -17.76
CA LEU C 412 33.73 -2.36 -18.86
C LEU C 412 35.22 -2.46 -18.54
N HIS C 413 35.76 -1.40 -17.96
CA HIS C 413 37.15 -1.37 -17.52
C HIS C 413 37.40 -2.46 -16.49
N ARG C 414 36.49 -2.56 -15.51
CA ARG C 414 36.60 -3.56 -14.45
C ARG C 414 36.55 -4.98 -15.00
N GLN C 415 35.70 -5.18 -16.00
CA GLN C 415 35.60 -6.47 -16.69
C GLN C 415 36.96 -6.90 -17.21
N ASN C 416 37.72 -5.95 -17.74
CA ASN C 416 39.05 -6.22 -18.26
C ASN C 416 40.09 -6.48 -17.18
N LEU C 417 40.06 -5.68 -16.12
CA LEU C 417 41.00 -5.82 -15.00
C LEU C 417 40.87 -7.17 -14.33
N LEU C 418 39.64 -7.64 -14.17
CA LEU C 418 39.38 -8.88 -13.46
C LEU C 418 39.62 -10.11 -14.34
N ASN C 419 39.69 -9.90 -15.65
CA ASN C 419 39.90 -10.99 -16.59
C ASN C 419 40.78 -10.59 -17.77
N MET D 1 -3.17 4.84 13.02
CA MET D 1 -1.86 4.90 12.38
C MET D 1 -0.76 4.74 13.42
N GLU D 2 0.40 4.28 12.97
CA GLU D 2 1.52 4.01 13.84
C GLU D 2 2.79 4.66 13.30
N LEU D 3 3.26 5.71 13.96
CA LEU D 3 4.49 6.37 13.55
C LEU D 3 5.67 5.39 13.59
N THR D 4 6.34 5.23 12.47
CA THR D 4 7.40 4.23 12.35
C THR D 4 8.62 4.82 11.63
N LEU D 5 9.62 5.23 12.41
CA LEU D 5 10.85 5.75 11.86
C LEU D 5 11.69 4.62 11.28
N TRP D 6 11.66 3.48 11.97
CA TRP D 6 12.33 2.27 11.51
C TRP D 6 11.44 1.08 11.81
N THR D 7 11.25 0.20 10.83
CA THR D 7 10.46 -1.00 11.06
C THR D 7 11.37 -2.20 11.26
N TYR D 8 11.14 -2.95 12.34
CA TYR D 8 11.97 -4.10 12.65
C TYR D 8 11.74 -5.27 11.71
N GLU D 9 10.52 -5.36 11.18
CA GLU D 9 10.19 -6.36 10.17
C GLU D 9 9.54 -5.73 8.95
N GLY D 10 9.66 -6.41 7.81
CA GLY D 10 8.93 -6.00 6.63
C GLY D 10 7.51 -6.54 6.69
N PRO D 11 6.70 -6.24 5.67
CA PRO D 11 5.36 -6.82 5.56
C PRO D 11 5.47 -8.34 5.39
N PRO D 12 4.37 -9.07 5.64
CA PRO D 12 4.44 -10.54 5.60
C PRO D 12 4.82 -11.15 4.24
N HIS D 13 4.55 -10.47 3.14
CA HIS D 13 4.84 -11.07 1.83
C HIS D 13 6.35 -11.19 1.59
N ILE D 14 7.14 -10.39 2.29
CA ILE D 14 8.59 -10.53 2.25
C ILE D 14 9.00 -11.88 2.84
N GLY D 15 8.36 -12.26 3.94
CA GLY D 15 8.57 -13.56 4.53
C GLY D 15 8.20 -14.69 3.58
N ALA D 16 7.13 -14.49 2.83
CA ALA D 16 6.71 -15.46 1.81
C ALA D 16 7.74 -15.54 0.69
N MET D 17 8.24 -14.38 0.29
CA MET D 17 9.25 -14.31 -0.76
C MET D 17 10.55 -14.98 -0.31
N ARG D 18 10.84 -14.87 0.99
CA ARG D 18 12.04 -15.48 1.55
C ARG D 18 11.97 -17.00 1.47
N ILE D 19 10.78 -17.55 1.63
CA ILE D 19 10.59 -18.99 1.53
C ILE D 19 10.77 -19.47 0.10
N ALA D 20 10.07 -18.81 -0.83
CA ALA D 20 10.10 -19.19 -2.24
C ALA D 20 11.49 -19.08 -2.84
N THR D 21 12.24 -18.05 -2.44
CA THR D 21 13.57 -17.82 -3.00
C THR D 21 14.63 -18.73 -2.38
N SER D 22 14.46 -19.02 -1.08
CA SER D 22 15.37 -19.93 -0.39
C SER D 22 15.25 -21.34 -0.97
N MET D 23 14.08 -21.65 -1.52
CA MET D 23 13.80 -22.96 -2.08
C MET D 23 14.09 -23.01 -3.58
N LYS D 24 13.94 -24.18 -4.16
CA LYS D 24 14.10 -24.36 -5.60
C LYS D 24 12.90 -25.11 -6.16
N GLY D 25 12.41 -24.69 -7.31
CA GLY D 25 11.26 -25.32 -7.93
C GLY D 25 9.94 -24.81 -7.37
N LEU D 26 10.00 -23.69 -6.67
CA LEU D 26 8.81 -23.08 -6.09
C LEU D 26 8.66 -21.63 -6.55
N HIS D 27 7.68 -21.36 -7.41
CA HIS D 27 7.45 -20.01 -7.91
C HIS D 27 6.41 -19.28 -7.08
N TYR D 28 6.35 -17.96 -7.23
CA TYR D 28 5.55 -17.10 -6.38
C TYR D 28 4.91 -15.99 -7.21
N VAL D 29 3.60 -16.06 -7.40
CA VAL D 29 2.88 -15.00 -8.09
C VAL D 29 2.33 -14.01 -7.06
N LEU D 30 2.83 -12.78 -7.12
CA LEU D 30 2.47 -11.76 -6.14
C LEU D 30 1.67 -10.64 -6.79
N HIS D 31 0.42 -10.49 -6.35
CA HIS D 31 -0.42 -9.39 -6.80
C HIS D 31 0.07 -8.15 -6.06
N ALA D 32 0.60 -7.18 -6.78
CA ALA D 32 1.20 -6.02 -6.14
C ALA D 32 1.28 -4.85 -7.11
N PRO D 33 1.33 -3.61 -6.59
CA PRO D 33 1.47 -2.46 -7.49
C PRO D 33 2.87 -2.36 -8.06
N GLN D 34 3.00 -1.61 -9.15
CA GLN D 34 4.28 -1.27 -9.72
C GLN D 34 5.14 -0.64 -8.63
N GLY D 35 6.36 -1.14 -8.44
CA GLY D 35 7.25 -0.58 -7.44
C GLY D 35 7.62 -1.52 -6.31
N ASP D 36 6.77 -2.50 -6.04
CA ASP D 36 7.04 -3.48 -4.99
CA ASP D 36 7.03 -3.48 -5.00
C ASP D 36 8.13 -4.47 -5.38
N THR D 37 8.64 -4.32 -6.60
CA THR D 37 9.71 -5.18 -7.08
C THR D 37 11.05 -4.80 -6.45
N TYR D 38 11.03 -3.80 -5.57
CA TYR D 38 12.21 -3.42 -4.80
C TYR D 38 12.68 -4.62 -4.00
N ALA D 39 11.74 -5.48 -3.66
CA ALA D 39 12.02 -6.67 -2.86
C ALA D 39 13.09 -7.55 -3.50
N ASP D 40 13.16 -7.51 -4.83
CA ASP D 40 14.18 -8.26 -5.56
C ASP D 40 15.59 -7.88 -5.09
N LEU D 41 15.77 -6.60 -4.77
CA LEU D 41 17.09 -6.09 -4.35
C LEU D 41 17.53 -6.66 -3.01
N LEU D 42 16.57 -7.12 -2.21
CA LEU D 42 16.90 -7.77 -0.94
C LEU D 42 17.72 -9.02 -1.23
N PHE D 43 17.45 -9.64 -2.38
CA PHE D 43 18.09 -10.89 -2.74
C PHE D 43 19.25 -10.70 -3.72
N THR D 44 19.17 -9.69 -4.58
CA THR D 44 20.20 -9.46 -5.59
C THR D 44 21.33 -8.57 -5.06
N MET D 45 21.04 -7.76 -4.05
CA MET D 45 22.03 -6.82 -3.52
C MET D 45 22.50 -7.20 -2.11
N ILE D 46 21.56 -7.39 -1.20
CA ILE D 46 21.91 -7.75 0.18
C ILE D 46 22.41 -9.19 0.25
N GLU D 47 21.67 -10.12 -0.33
CA GLU D 47 22.10 -11.51 -0.38
C GLU D 47 23.01 -11.76 -1.58
N ARG D 48 23.12 -10.75 -2.44
CA ARG D 48 24.11 -10.73 -3.51
C ARG D 48 23.95 -11.92 -4.46
N ARG D 49 22.71 -12.32 -4.72
CA ARG D 49 22.45 -13.50 -5.53
C ARG D 49 22.53 -13.22 -7.04
N GLY D 50 23.01 -14.22 -7.78
CA GLY D 50 23.17 -14.07 -9.21
C GLY D 50 22.01 -14.65 -9.99
N SER D 51 20.83 -14.56 -9.40
CA SER D 51 19.61 -15.02 -10.06
C SER D 51 18.41 -14.22 -9.59
N ARG D 52 17.47 -13.99 -10.48
CA ARG D 52 16.25 -13.30 -10.13
C ARG D 52 15.41 -14.17 -9.22
N PRO D 53 14.80 -13.57 -8.19
CA PRO D 53 13.86 -14.29 -7.32
C PRO D 53 12.74 -14.92 -8.14
N PRO D 54 12.29 -16.12 -7.76
CA PRO D 54 11.23 -16.82 -8.50
C PRO D 54 9.87 -16.17 -8.24
N VAL D 55 9.80 -14.85 -8.41
CA VAL D 55 8.59 -14.10 -8.10
C VAL D 55 8.08 -13.35 -9.33
N THR D 56 6.82 -13.61 -9.68
CA THR D 56 6.17 -12.85 -10.74
C THR D 56 5.21 -11.85 -10.12
N TYR D 57 5.51 -10.56 -10.29
CA TYR D 57 4.65 -9.49 -9.78
C TYR D 57 3.71 -9.03 -10.88
N THR D 58 2.45 -8.79 -10.52
CA THR D 58 1.48 -8.29 -11.49
C THR D 58 1.74 -6.82 -11.81
N THR D 59 2.38 -6.12 -10.89
CA THR D 59 2.72 -4.70 -11.01
C THR D 59 1.63 -3.84 -11.66
N PHE D 60 0.46 -3.79 -11.04
CA PHE D 60 -0.61 -2.96 -11.57
C PHE D 60 -0.35 -1.47 -11.35
N GLN D 61 -0.90 -0.64 -12.23
CA GLN D 61 -0.81 0.80 -12.10
C GLN D 61 -2.18 1.38 -11.78
N ALA D 62 -2.27 2.69 -11.64
CA ALA D 62 -3.53 3.36 -11.35
C ALA D 62 -4.54 3.16 -12.48
N ARG D 63 -4.05 3.15 -13.71
CA ARG D 63 -4.92 2.97 -14.87
C ARG D 63 -5.58 1.59 -14.85
N ASP D 64 -4.93 0.63 -14.20
CA ASP D 64 -5.45 -0.73 -14.12
C ASP D 64 -6.63 -0.84 -13.18
N LEU D 65 -6.73 0.10 -12.24
CA LEU D 65 -7.83 0.10 -11.27
C LEU D 65 -9.16 0.40 -11.96
N GLY D 66 -9.09 1.00 -13.14
CA GLY D 66 -10.28 1.25 -13.93
C GLY D 66 -10.59 0.07 -14.83
N GLY D 67 -9.81 -1.00 -14.70
CA GLY D 67 -9.98 -2.17 -15.52
C GLY D 67 -10.11 -3.45 -14.71
N ASP D 68 -9.83 -4.58 -15.35
CA ASP D 68 -9.99 -5.89 -14.74
C ASP D 68 -8.69 -6.39 -14.10
N THR D 69 -8.44 -5.97 -12.86
CA THR D 69 -7.22 -6.38 -12.16
C THR D 69 -7.21 -7.87 -11.84
N ALA D 70 -8.39 -8.48 -11.80
CA ALA D 70 -8.50 -9.91 -11.56
C ALA D 70 -8.00 -10.69 -12.77
N GLU D 71 -8.36 -10.22 -13.96
CA GLU D 71 -7.88 -10.83 -15.20
C GLU D 71 -6.38 -10.64 -15.31
N LEU D 72 -5.90 -9.52 -14.79
CA LEU D 72 -4.47 -9.21 -14.79
C LEU D 72 -3.64 -10.25 -14.03
N VAL D 73 -4.13 -10.67 -12.87
CA VAL D 73 -3.41 -11.66 -12.08
C VAL D 73 -3.54 -13.07 -12.68
N LYS D 74 -4.67 -13.33 -13.34
CA LYS D 74 -4.89 -14.62 -13.97
C LYS D 74 -3.91 -14.82 -15.13
N GLY D 75 -3.66 -13.75 -15.87
CA GLY D 75 -2.74 -13.81 -16.99
C GLY D 75 -1.32 -14.07 -16.53
N HIS D 76 -0.94 -13.44 -15.42
CA HIS D 76 0.39 -13.60 -14.87
C HIS D 76 0.62 -14.97 -14.27
N ILE D 77 -0.46 -15.61 -13.78
CA ILE D 77 -0.36 -16.97 -13.27
C ILE D 77 -0.09 -17.94 -14.41
N PHE D 78 -0.84 -17.78 -15.50
CA PHE D 78 -0.62 -18.55 -16.72
C PHE D 78 0.82 -18.42 -17.22
N GLU D 79 1.26 -17.18 -17.40
CA GLU D 79 2.61 -16.89 -17.90
C GLU D 79 3.69 -17.50 -17.01
N ALA D 80 3.56 -17.29 -15.70
CA ALA D 80 4.56 -17.76 -14.75
C ALA D 80 4.73 -19.28 -14.77
N VAL D 81 3.61 -20.00 -14.77
CA VAL D 81 3.66 -21.46 -14.78
C VAL D 81 4.22 -21.98 -16.10
N GLU D 82 3.77 -21.39 -17.20
CA GLU D 82 4.25 -21.78 -18.53
C GLU D 82 5.74 -21.55 -18.69
N ARG D 83 6.18 -20.36 -18.29
CA ARG D 83 7.57 -19.95 -18.50
C ARG D 83 8.56 -20.62 -17.55
N PHE D 84 8.18 -20.76 -16.28
CA PHE D 84 9.11 -21.23 -15.26
C PHE D 84 8.92 -22.71 -14.89
N LYS D 85 7.74 -23.25 -15.18
CA LYS D 85 7.44 -24.66 -14.94
C LYS D 85 7.87 -25.18 -13.56
N PRO D 86 7.29 -24.61 -12.49
CA PRO D 86 7.71 -24.97 -11.12
C PRO D 86 7.05 -26.25 -10.63
N GLU D 87 7.57 -26.80 -9.54
CA GLU D 87 6.98 -27.99 -8.91
C GLU D 87 5.71 -27.61 -8.17
N ALA D 88 5.69 -26.42 -7.59
CA ALA D 88 4.53 -25.93 -6.84
C ALA D 88 4.44 -24.41 -6.96
N LEU D 89 3.25 -23.87 -6.71
CA LEU D 89 3.03 -22.43 -6.89
C LEU D 89 2.49 -21.74 -5.65
N LEU D 90 3.16 -20.67 -5.23
CA LEU D 90 2.64 -19.78 -4.20
C LEU D 90 1.89 -18.66 -4.88
N VAL D 91 0.71 -18.33 -4.38
CA VAL D 91 -0.05 -17.19 -4.88
C VAL D 91 -0.47 -16.32 -3.70
N GLY D 92 -0.16 -15.02 -3.77
CA GLY D 92 -0.49 -14.13 -2.68
C GLY D 92 -0.64 -12.67 -3.06
N GLU D 93 -0.89 -11.84 -2.05
CA GLU D 93 -1.12 -10.41 -2.24
C GLU D 93 -0.11 -9.57 -1.48
N SER D 94 0.09 -8.35 -1.93
CA SER D 94 0.84 -7.38 -1.15
C SER D 94 -0.19 -6.56 -0.37
N CYS D 95 0.28 -5.58 0.40
CA CYS D 95 -0.60 -4.76 1.23
C CYS D 95 -1.65 -4.03 0.40
N THR D 96 -1.22 -3.43 -0.72
CA THR D 96 -2.12 -2.68 -1.58
C THR D 96 -3.13 -3.58 -2.27
N ALA D 97 -2.66 -4.70 -2.81
CA ALA D 97 -3.53 -5.66 -3.47
C ALA D 97 -4.56 -6.20 -2.49
N GLU D 98 -4.17 -6.28 -1.22
CA GLU D 98 -5.07 -6.77 -0.18
C GLU D 98 -6.31 -5.89 -0.05
N LEU D 99 -6.15 -4.60 -0.38
CA LEU D 99 -7.27 -3.68 -0.35
C LEU D 99 -8.31 -4.01 -1.42
N ILE D 100 -7.85 -4.23 -2.65
CA ILE D 100 -8.77 -4.46 -3.76
C ILE D 100 -9.35 -5.87 -3.81
N GLN D 101 -8.78 -6.77 -3.01
CA GLN D 101 -9.38 -8.10 -2.77
C GLN D 101 -9.76 -8.89 -4.02
N ASP D 102 -8.77 -9.19 -4.87
CA ASP D 102 -9.04 -9.94 -6.09
C ASP D 102 -9.08 -11.46 -5.88
N GLN D 103 -8.87 -11.89 -4.63
CA GLN D 103 -8.82 -13.31 -4.29
C GLN D 103 -7.92 -14.11 -5.24
N PRO D 104 -6.67 -13.69 -5.42
CA PRO D 104 -5.84 -14.30 -6.47
C PRO D 104 -5.51 -15.77 -6.20
N GLY D 105 -5.44 -16.14 -4.92
CA GLY D 105 -5.12 -17.50 -4.54
C GLY D 105 -6.17 -18.52 -4.94
N SER D 106 -7.41 -18.25 -4.56
CA SER D 106 -8.52 -19.13 -4.90
C SER D 106 -8.76 -19.16 -6.40
N LEU D 107 -8.46 -18.04 -7.05
CA LEU D 107 -8.53 -17.94 -8.50
C LEU D 107 -7.57 -18.95 -9.15
N ALA D 108 -6.35 -19.02 -8.62
CA ALA D 108 -5.32 -19.91 -9.13
C ALA D 108 -5.77 -21.37 -9.10
N LYS D 109 -6.49 -21.74 -8.05
CA LYS D 109 -6.96 -23.12 -7.88
C LYS D 109 -8.12 -23.46 -8.81
N GLY D 110 -8.64 -22.46 -9.50
CA GLY D 110 -9.72 -22.67 -10.44
C GLY D 110 -9.30 -22.51 -11.89
N MET D 111 -7.99 -22.53 -12.12
CA MET D 111 -7.46 -22.31 -13.46
C MET D 111 -6.95 -23.59 -14.15
N GLY D 112 -7.18 -24.73 -13.51
CA GLY D 112 -6.86 -26.01 -14.11
C GLY D 112 -5.37 -26.31 -14.24
N LEU D 113 -4.58 -25.76 -13.32
CA LEU D 113 -3.15 -26.06 -13.28
C LEU D 113 -2.96 -27.41 -12.59
N ASN D 114 -2.01 -28.20 -13.09
CA ASN D 114 -1.80 -29.55 -12.54
C ASN D 114 -0.60 -29.65 -11.61
N ILE D 115 -0.36 -28.58 -10.84
CA ILE D 115 0.66 -28.59 -9.81
C ILE D 115 0.05 -28.10 -8.51
N PRO D 116 0.64 -28.48 -7.36
CA PRO D 116 0.13 -28.01 -6.07
C PRO D 116 0.10 -26.49 -5.97
N ILE D 117 -0.98 -25.95 -5.41
CA ILE D 117 -1.12 -24.50 -5.27
C ILE D 117 -1.36 -24.10 -3.82
N VAL D 118 -0.45 -23.27 -3.30
CA VAL D 118 -0.59 -22.74 -1.95
C VAL D 118 -1.16 -21.33 -2.00
N SER D 119 -2.39 -21.17 -1.54
CA SER D 119 -3.05 -19.87 -1.51
C SER D 119 -2.77 -19.15 -0.19
N LEU D 120 -1.93 -18.12 -0.25
CA LEU D 120 -1.46 -17.44 0.95
C LEU D 120 -2.42 -16.37 1.44
N GLU D 121 -2.85 -16.49 2.69
CA GLU D 121 -3.69 -15.50 3.33
C GLU D 121 -2.88 -14.73 4.37
N LEU D 122 -2.16 -13.70 3.92
CA LEU D 122 -1.29 -12.93 4.81
C LEU D 122 -1.86 -11.53 5.04
N PRO D 123 -2.25 -11.24 6.29
CA PRO D 123 -2.81 -9.93 6.64
C PRO D 123 -1.70 -8.89 6.79
N ALA D 124 -1.42 -8.14 5.73
CA ALA D 124 -0.32 -7.18 5.73
C ALA D 124 -0.47 -6.05 6.75
N TYR D 125 -1.68 -5.86 7.26
CA TYR D 125 -1.94 -4.78 8.19
C TYR D 125 -2.01 -5.26 9.64
N SER D 126 -1.83 -6.57 9.84
CA SER D 126 -1.84 -7.15 11.19
C SER D 126 -0.61 -8.00 11.48
N LYS D 127 -0.07 -8.66 10.46
CA LYS D 127 1.10 -9.52 10.65
C LYS D 127 2.33 -8.99 9.92
N LYS D 128 3.48 -9.58 10.20
CA LYS D 128 4.74 -9.10 9.65
C LYS D 128 5.55 -10.22 9.00
N GLU D 129 6.77 -9.87 8.60
CA GLU D 129 7.67 -10.74 7.83
C GLU D 129 7.82 -12.17 8.34
N ASN D 130 8.31 -12.32 9.57
CA ASN D 130 8.55 -13.65 10.13
C ASN D 130 7.30 -14.51 10.23
N TRP D 131 6.18 -13.89 10.61
CA TRP D 131 4.90 -14.59 10.62
C TRP D 131 4.56 -15.03 9.20
N GLY D 132 4.85 -14.16 8.23
CA GLY D 132 4.60 -14.47 6.84
C GLY D 132 5.39 -15.67 6.36
N ALA D 133 6.66 -15.73 6.73
CA ALA D 133 7.53 -16.83 6.34
C ALA D 133 7.10 -18.14 7.02
N SER D 134 6.76 -18.05 8.30
CA SER D 134 6.34 -19.22 9.07
C SER D 134 5.01 -19.76 8.54
N GLU D 135 4.10 -18.85 8.25
CA GLU D 135 2.80 -19.24 7.70
C GLU D 135 2.94 -19.89 6.33
N THR D 136 3.76 -19.30 5.47
CA THR D 136 3.99 -19.82 4.13
C THR D 136 4.63 -21.21 4.18
N PHE D 137 5.66 -21.33 5.00
CA PHE D 137 6.38 -22.59 5.18
C PHE D 137 5.44 -23.67 5.73
N TYR D 138 4.57 -23.27 6.65
CA TYR D 138 3.62 -24.18 7.27
C TYR D 138 2.58 -24.68 6.28
N GLN D 139 1.97 -23.76 5.53
CA GLN D 139 0.93 -24.11 4.58
C GLN D 139 1.44 -24.97 3.43
N LEU D 140 2.67 -24.70 3.00
CA LEU D 140 3.27 -25.44 1.89
C LEU D 140 3.51 -26.90 2.27
N ILE D 141 3.98 -27.11 3.50
CA ILE D 141 4.27 -28.45 3.99
C ILE D 141 2.98 -29.18 4.38
N ARG D 142 2.07 -28.46 5.02
CA ARG D 142 0.77 -28.99 5.35
C ARG D 142 0.04 -29.42 4.08
N GLY D 143 0.18 -28.63 3.03
CA GLY D 143 -0.46 -28.93 1.76
C GLY D 143 0.16 -30.12 1.05
N LEU D 144 1.47 -30.29 1.23
CA LEU D 144 2.21 -31.35 0.54
C LEU D 144 2.09 -32.72 1.21
N LEU D 145 1.92 -32.72 2.54
CA LEU D 145 1.98 -33.95 3.30
C LEU D 145 0.67 -34.34 3.99
N LYS D 146 -0.38 -33.55 3.77
CA LYS D 146 -1.65 -33.73 4.49
C LYS D 146 -2.22 -35.14 4.37
N GLU D 147 -2.30 -35.64 3.14
CA GLU D 147 -2.88 -36.96 2.87
C GLU D 147 -2.14 -38.07 3.63
N ILE D 148 -0.84 -37.87 3.83
CA ILE D 148 -0.01 -38.85 4.50
C ILE D 148 0.08 -38.57 5.99
N GLN D 158 14.51 -45.33 17.53
CA GLN D 158 13.54 -46.41 17.29
C GLN D 158 13.91 -47.17 16.03
N SER D 159 13.54 -46.60 14.89
CA SER D 159 13.71 -47.24 13.59
C SER D 159 15.16 -47.33 13.16
N TRP D 160 15.93 -46.26 13.38
CA TRP D 160 17.32 -46.21 12.91
C TRP D 160 18.22 -47.25 13.57
N GLN D 161 17.89 -47.62 14.80
CA GLN D 161 18.62 -48.70 15.48
C GLN D 161 18.33 -50.03 14.80
N GLU D 162 17.08 -50.21 14.40
CA GLU D 162 16.63 -51.45 13.79
C GLU D 162 17.08 -51.58 12.33
N GLU D 163 17.21 -50.45 11.65
CA GLU D 163 17.62 -50.44 10.25
C GLU D 163 19.14 -50.60 10.11
N GLY D 164 19.87 -50.24 11.16
CA GLY D 164 21.31 -50.33 11.13
C GLY D 164 21.95 -49.19 10.36
N ARG D 165 21.39 -47.98 10.53
CA ARG D 165 21.91 -46.80 9.85
C ARG D 165 22.13 -45.68 10.86
N ARG D 166 22.87 -44.66 10.45
CA ARG D 166 23.11 -43.50 11.29
C ARG D 166 21.84 -42.66 11.40
N PRO D 167 21.59 -42.09 12.60
CA PRO D 167 20.44 -41.21 12.81
C PRO D 167 20.46 -40.04 11.84
N ARG D 168 19.29 -39.64 11.35
CA ARG D 168 19.20 -38.55 10.39
C ARG D 168 18.16 -37.52 10.81
N VAL D 169 18.55 -36.25 10.77
CA VAL D 169 17.66 -35.18 11.19
C VAL D 169 17.42 -34.16 10.08
N ASN D 170 16.26 -33.52 10.12
CA ASN D 170 16.00 -32.38 9.26
C ASN D 170 16.45 -31.10 9.93
N LEU D 171 17.01 -30.18 9.14
CA LEU D 171 17.34 -28.85 9.64
C LEU D 171 16.29 -27.88 9.13
N LEU D 172 15.38 -27.47 10.02
CA LEU D 172 14.27 -26.61 9.63
C LEU D 172 14.46 -25.19 10.17
N GLY D 173 14.20 -24.20 9.33
CA GLY D 173 14.39 -22.81 9.75
C GLY D 173 15.23 -21.90 8.87
N PRO D 174 16.45 -22.33 8.49
CA PRO D 174 17.35 -21.45 7.73
C PRO D 174 16.75 -20.93 6.43
N SER D 175 17.03 -19.66 6.13
CA SER D 175 16.46 -19.01 4.97
C SER D 175 17.30 -17.80 4.56
N LEU D 176 17.14 -17.38 3.32
CA LEU D 176 17.73 -16.13 2.86
C LEU D 176 17.07 -14.99 3.63
N LEU D 177 17.82 -13.91 3.85
CA LEU D 177 17.40 -12.80 4.71
C LEU D 177 17.22 -13.22 6.17
N GLY D 178 17.64 -14.44 6.49
CA GLY D 178 17.80 -14.86 7.87
C GLY D 178 19.21 -14.47 8.30
N PHE D 179 19.50 -14.54 9.59
CA PHE D 179 20.77 -14.03 10.10
C PHE D 179 21.86 -15.10 10.11
N ARG D 180 22.77 -15.01 9.15
CA ARG D 180 23.92 -15.91 9.03
C ARG D 180 23.50 -17.37 8.82
N CYS D 181 22.36 -17.57 8.18
CA CYS D 181 21.83 -18.91 7.92
C CYS D 181 22.78 -19.73 7.07
N ARG D 182 23.48 -19.06 6.16
CA ARG D 182 24.41 -19.73 5.25
C ARG D 182 25.44 -20.55 6.01
N ASP D 183 26.00 -19.95 7.06
CA ASP D 183 27.09 -20.58 7.79
C ASP D 183 26.62 -21.36 9.02
N ASP D 184 25.51 -20.95 9.61
CA ASP D 184 24.92 -21.68 10.73
C ASP D 184 24.61 -23.11 10.31
N VAL D 185 24.04 -23.26 9.11
CA VAL D 185 23.73 -24.56 8.55
C VAL D 185 24.99 -25.40 8.41
N LEU D 186 26.04 -24.78 7.87
CA LEU D 186 27.31 -25.46 7.67
C LEU D 186 27.90 -25.93 8.99
N GLU D 187 27.92 -25.02 9.97
CA GLU D 187 28.50 -25.33 11.28
C GLU D 187 27.77 -26.48 11.97
N ILE D 188 26.45 -26.36 12.05
CA ILE D 188 25.62 -27.38 12.70
C ILE D 188 25.70 -28.73 11.98
N GLN D 189 25.69 -28.71 10.65
CA GLN D 189 25.82 -29.94 9.86
C GLN D 189 27.17 -30.62 10.14
N LYS D 190 28.21 -29.81 10.25
CA LYS D 190 29.54 -30.30 10.57
C LYS D 190 29.56 -30.96 11.94
N ILE D 191 29.02 -30.27 12.93
CA ILE D 191 29.01 -30.75 14.31
C ILE D 191 28.19 -32.04 14.47
N LEU D 192 27.05 -32.12 13.80
CA LEU D 192 26.22 -33.31 13.85
C LEU D 192 26.93 -34.53 13.24
N GLY D 193 27.67 -34.30 12.16
CA GLY D 193 28.40 -35.36 11.50
C GLY D 193 29.52 -35.91 12.37
N GLU D 194 30.14 -35.03 13.15
CA GLU D 194 31.19 -35.43 14.07
C GLU D 194 30.59 -36.19 15.25
N ASN D 195 29.31 -35.96 15.50
CA ASN D 195 28.58 -36.68 16.54
C ASN D 195 27.85 -37.89 15.99
N GLY D 196 28.11 -38.21 14.73
CA GLY D 196 27.54 -39.39 14.09
C GLY D 196 26.08 -39.24 13.71
N ILE D 197 25.70 -38.02 13.36
CA ILE D 197 24.31 -37.73 13.00
C ILE D 197 24.19 -37.14 11.60
N ASP D 198 23.54 -37.87 10.71
CA ASP D 198 23.38 -37.45 9.32
C ASP D 198 22.29 -36.39 9.16
N ILE D 199 22.33 -35.70 8.02
CA ILE D 199 21.30 -34.73 7.68
C ILE D 199 20.35 -35.33 6.63
N ASN D 200 19.05 -35.20 6.87
CA ASN D 200 18.05 -35.72 5.95
C ASN D 200 17.62 -34.67 4.93
N VAL D 201 16.94 -33.63 5.40
CA VAL D 201 16.50 -32.54 4.54
C VAL D 201 16.73 -31.19 5.21
N ILE D 202 17.39 -30.28 4.49
CA ILE D 202 17.56 -28.91 4.96
C ILE D 202 16.53 -28.02 4.27
N ALA D 203 15.69 -27.37 5.07
CA ALA D 203 14.56 -26.61 4.53
C ALA D 203 14.23 -25.39 5.38
N PRO D 204 13.74 -24.31 4.75
CA PRO D 204 13.46 -24.16 3.31
C PRO D 204 14.72 -23.98 2.46
N LEU D 205 15.78 -23.46 3.07
CA LEU D 205 17.02 -23.13 2.35
C LEU D 205 17.62 -24.32 1.62
N GLY D 206 17.50 -24.34 0.30
CA GLY D 206 18.11 -25.37 -0.52
C GLY D 206 17.18 -26.50 -0.90
N ALA D 207 15.98 -26.50 -0.34
CA ALA D 207 15.04 -27.61 -0.54
C ALA D 207 14.08 -27.37 -1.69
N SER D 208 13.66 -28.45 -2.33
CA SER D 208 12.61 -28.40 -3.34
C SER D 208 11.33 -28.94 -2.71
N PRO D 209 10.18 -28.71 -3.36
CA PRO D 209 8.95 -29.37 -2.89
C PRO D 209 9.11 -30.88 -2.78
N SER D 210 9.91 -31.47 -3.68
CA SER D 210 10.20 -32.89 -3.65
C SER D 210 10.97 -33.29 -2.40
N ASP D 211 11.88 -32.41 -1.97
CA ASP D 211 12.65 -32.63 -0.75
C ASP D 211 11.74 -32.60 0.47
N LEU D 212 10.79 -31.68 0.46
CA LEU D 212 9.84 -31.53 1.56
C LEU D 212 9.02 -32.79 1.76
N MET D 213 8.85 -33.57 0.70
CA MET D 213 8.12 -34.82 0.78
C MET D 213 8.88 -35.85 1.62
N ARG D 214 10.18 -35.62 1.79
CA ARG D 214 11.02 -36.56 2.53
C ARG D 214 11.10 -36.22 4.03
N LEU D 215 10.44 -35.14 4.42
CA LEU D 215 10.48 -34.68 5.81
C LEU D 215 10.12 -35.72 6.88
N PRO D 216 9.09 -36.56 6.63
CA PRO D 216 8.82 -37.60 7.64
C PRO D 216 9.91 -38.67 7.76
N LYS D 217 10.83 -38.73 6.80
CA LYS D 217 11.87 -39.76 6.81
C LYS D 217 12.96 -39.53 7.85
N ALA D 218 12.92 -38.38 8.52
CA ALA D 218 13.93 -38.05 9.52
C ALA D 218 13.60 -38.65 10.88
N ASP D 219 14.64 -38.92 11.68
CA ASP D 219 14.47 -39.46 13.01
C ASP D 219 14.09 -38.38 14.01
N ALA D 220 14.41 -37.13 13.67
CA ALA D 220 14.10 -35.98 14.52
C ALA D 220 14.21 -34.69 13.73
N ASN D 221 13.46 -33.67 14.15
CA ASN D 221 13.54 -32.36 13.53
C ASN D 221 14.37 -31.39 14.36
N VAL D 222 15.33 -30.73 13.73
CA VAL D 222 16.10 -29.70 14.42
C VAL D 222 15.55 -28.32 14.06
N CYS D 223 14.99 -27.64 15.06
CA CYS D 223 14.38 -26.33 14.84
C CYS D 223 15.38 -25.22 15.12
N LEU D 224 16.18 -24.88 14.11
CA LEU D 224 17.24 -23.87 14.26
C LEU D 224 16.70 -22.46 14.39
N TYR D 225 15.58 -22.17 13.71
CA TYR D 225 15.00 -20.83 13.73
C TYR D 225 13.49 -20.89 13.97
N PRO D 226 13.09 -20.94 15.26
CA PRO D 226 11.70 -21.05 15.70
C PRO D 226 10.78 -20.00 15.08
N GLU D 227 11.28 -18.79 14.87
CA GLU D 227 10.48 -17.73 14.25
C GLU D 227 9.99 -18.14 12.87
N ILE D 228 10.73 -19.05 12.22
CA ILE D 228 10.39 -19.48 10.88
C ILE D 228 9.77 -20.88 10.86
N ALA D 229 10.22 -21.76 11.76
CA ALA D 229 9.90 -23.17 11.62
C ALA D 229 9.24 -23.86 12.82
N GLU D 230 8.85 -23.11 13.85
CA GLU D 230 8.23 -23.74 15.01
C GLU D 230 6.85 -24.30 14.70
N SER D 231 6.05 -23.54 13.95
CA SER D 231 4.71 -23.98 13.55
C SER D 231 4.78 -25.27 12.76
N THR D 232 5.80 -25.37 11.90
CA THR D 232 5.99 -26.54 11.06
C THR D 232 6.40 -27.78 11.85
N CYS D 233 7.38 -27.61 12.74
CA CYS D 233 7.84 -28.69 13.60
C CYS D 233 6.69 -29.23 14.45
N LEU D 234 5.84 -28.32 14.92
CA LEU D 234 4.66 -28.70 15.69
C LEU D 234 3.69 -29.53 14.84
N TRP D 235 3.51 -29.11 13.59
CA TRP D 235 2.62 -29.82 12.68
C TRP D 235 3.20 -31.19 12.31
N LEU D 236 4.51 -31.22 12.08
CA LEU D 236 5.19 -32.48 11.76
C LEU D 236 5.15 -33.44 12.93
N GLU D 237 5.17 -32.90 14.15
CA GLU D 237 5.13 -33.73 15.34
C GLU D 237 3.74 -34.34 15.52
N ARG D 238 2.70 -33.54 15.32
CA ARG D 238 1.32 -34.01 15.48
C ARG D 238 0.94 -35.06 14.46
N ASN D 239 1.45 -34.90 13.24
CA ASN D 239 1.02 -35.74 12.13
C ASN D 239 1.93 -36.93 11.83
N PHE D 240 3.21 -36.82 12.18
CA PHE D 240 4.17 -37.86 11.85
C PHE D 240 4.99 -38.34 13.05
N LYS D 241 4.61 -37.87 14.24
CA LYS D 241 5.26 -38.27 15.49
C LYS D 241 6.72 -37.84 15.61
N THR D 242 7.19 -37.00 14.69
CA THR D 242 8.58 -36.56 14.69
C THR D 242 8.84 -35.55 15.81
N PRO D 243 9.71 -35.90 16.76
CA PRO D 243 10.04 -34.99 17.85
C PRO D 243 10.97 -33.90 17.34
N PHE D 244 11.01 -32.76 18.01
CA PHE D 244 11.90 -31.69 17.59
C PHE D 244 12.62 -30.97 18.73
N THR D 245 13.87 -30.59 18.48
CA THR D 245 14.68 -29.89 19.46
C THR D 245 14.15 -28.49 19.68
N LYS D 246 14.35 -27.96 20.89
CA LYS D 246 13.84 -26.64 21.24
C LYS D 246 14.97 -25.73 21.69
N VAL D 247 16.13 -26.32 21.96
CA VAL D 247 17.33 -25.56 22.29
C VAL D 247 18.01 -25.09 21.01
N VAL D 248 18.06 -23.79 20.80
CA VAL D 248 18.80 -23.23 19.68
C VAL D 248 20.28 -23.10 20.07
N PRO D 249 21.17 -23.75 19.30
CA PRO D 249 22.59 -23.84 19.62
C PRO D 249 23.40 -22.60 19.27
N ILE D 250 23.11 -21.47 19.90
CA ILE D 250 23.93 -20.28 19.80
C ILE D 250 24.55 -20.01 21.16
N GLY D 251 25.87 -20.13 21.26
CA GLY D 251 26.56 -20.06 22.53
C GLY D 251 27.12 -21.42 22.89
N VAL D 252 28.21 -21.43 23.65
CA VAL D 252 28.88 -22.68 23.99
C VAL D 252 27.98 -23.60 24.81
N LYS D 253 27.44 -23.06 25.89
CA LYS D 253 26.55 -23.82 26.77
C LYS D 253 25.28 -24.25 26.03
N ALA D 254 24.75 -23.36 25.21
CA ALA D 254 23.54 -23.65 24.44
C ALA D 254 23.78 -24.79 23.45
N THR D 255 24.95 -24.81 22.84
CA THR D 255 25.30 -25.85 21.88
C THR D 255 25.43 -27.19 22.59
N GLN D 256 25.96 -27.15 23.81
CA GLN D 256 26.08 -28.36 24.63
C GLN D 256 24.73 -28.91 25.03
N ASP D 257 23.84 -28.02 25.47
CA ASP D 257 22.47 -28.42 25.84
C ASP D 257 21.76 -28.99 24.64
N PHE D 258 21.92 -28.32 23.49
CA PHE D 258 21.33 -28.76 22.23
C PHE D 258 21.78 -30.17 21.87
N LEU D 259 23.07 -30.44 22.03
CA LEU D 259 23.61 -31.76 21.75
C LEU D 259 23.01 -32.82 22.68
N GLU D 260 22.90 -32.48 23.96
CA GLU D 260 22.32 -33.40 24.94
C GLU D 260 20.86 -33.65 24.65
N GLU D 261 20.14 -32.62 24.23
CA GLU D 261 18.72 -32.73 23.92
C GLU D 261 18.49 -33.65 22.73
N LEU D 262 19.21 -33.41 21.65
CA LEU D 262 19.06 -34.18 20.43
C LEU D 262 19.41 -35.66 20.65
N TYR D 263 20.42 -35.89 21.47
CA TYR D 263 20.82 -37.25 21.82
C TYR D 263 19.67 -38.01 22.49
N GLU D 264 18.94 -37.33 23.35
CA GLU D 264 17.80 -37.92 24.04
C GLU D 264 16.70 -38.30 23.06
N LEU D 265 16.36 -37.37 22.18
CA LEU D 265 15.30 -37.59 21.19
C LEU D 265 15.66 -38.71 20.22
N LEU D 266 16.95 -38.94 20.04
CA LEU D 266 17.43 -40.01 19.16
C LEU D 266 17.75 -41.28 19.95
N GLY D 267 17.99 -41.13 21.24
CA GLY D 267 18.24 -42.28 22.11
C GLY D 267 19.70 -42.72 22.15
N MET D 268 20.61 -41.77 21.96
CA MET D 268 22.04 -42.05 22.00
C MET D 268 22.57 -41.87 23.42
N GLU D 269 23.87 -42.11 23.65
CA GLU D 269 24.38 -42.08 25.02
C GLU D 269 25.14 -40.80 25.36
N VAL D 270 26.36 -40.66 24.87
CA VAL D 270 27.25 -39.56 25.24
C VAL D 270 28.28 -39.29 24.14
N SER D 275 31.04 -33.16 22.57
CA SER D 275 30.25 -32.13 23.25
C SER D 275 31.10 -31.32 24.23
N ASN D 276 32.40 -31.63 24.28
CA ASN D 276 33.31 -30.96 25.20
C ASN D 276 33.34 -29.44 24.98
N SER D 277 33.63 -28.72 26.05
CA SER D 277 33.54 -27.26 26.05
C SER D 277 34.62 -26.55 25.23
N ASP D 278 35.85 -27.06 25.30
N ASP D 278 35.86 -27.04 25.31
CA ASP D 278 37.00 -26.43 24.66
CA ASP D 278 36.97 -26.38 24.65
C ASP D 278 37.04 -26.60 23.14
C ASP D 278 37.07 -26.73 23.16
N GLN D 279 35.96 -27.10 22.56
CA GLN D 279 35.87 -27.27 21.11
C GLN D 279 35.65 -25.89 20.49
N SER D 280 35.17 -24.96 21.30
CA SER D 280 35.14 -23.56 20.97
C SER D 280 36.29 -22.86 21.68
N LYS D 281 36.73 -21.73 21.15
CA LYS D 281 37.82 -20.99 21.77
C LYS D 281 37.33 -19.89 22.71
N LEU D 282 36.04 -19.59 22.62
CA LEU D 282 35.42 -18.58 23.50
C LEU D 282 35.66 -18.79 25.00
N PRO D 283 35.49 -20.04 25.50
CA PRO D 283 35.74 -20.24 26.94
C PRO D 283 37.13 -19.81 27.39
N TRP D 284 38.18 -20.15 26.64
CA TRP D 284 39.53 -19.76 27.03
C TRP D 284 39.75 -18.26 26.88
N TYR D 285 39.31 -17.70 25.76
CA TYR D 285 39.44 -16.27 25.51
C TYR D 285 38.76 -15.46 26.61
N SER D 286 37.56 -15.88 27.00
CA SER D 286 36.81 -15.20 28.05
C SER D 286 37.38 -15.47 29.45
N LYS D 287 38.08 -16.58 29.59
CA LYS D 287 38.70 -16.93 30.88
C LYS D 287 40.05 -16.23 31.02
N SER D 288 40.71 -15.98 29.89
CA SER D 288 42.04 -15.36 29.90
C SER D 288 42.00 -13.97 30.53
N VAL D 289 43.15 -13.52 31.03
CA VAL D 289 43.21 -12.33 31.89
C VAL D 289 42.86 -11.01 31.20
N ASP D 290 42.98 -10.97 29.87
CA ASP D 290 42.65 -9.74 29.16
C ASP D 290 41.14 -9.54 29.06
N SER D 291 40.39 -10.51 29.56
CA SER D 291 38.94 -10.44 29.61
C SER D 291 38.48 -10.12 31.03
N ASN D 292 39.42 -9.95 31.95
CA ASN D 292 39.09 -9.59 33.32
C ASN D 292 38.25 -8.32 33.41
N TYR D 293 38.65 -7.30 32.65
CA TYR D 293 37.95 -6.01 32.69
C TYR D 293 36.58 -6.04 32.02
N LEU D 294 36.26 -7.15 31.36
CA LEU D 294 34.94 -7.31 30.75
C LEU D 294 33.87 -7.55 31.80
N THR D 295 34.30 -7.97 32.99
CA THR D 295 33.37 -8.28 34.07
C THR D 295 32.52 -7.08 34.46
N GLY D 296 31.21 -7.22 34.26
CA GLY D 296 30.28 -6.21 34.73
C GLY D 296 30.02 -5.07 33.77
N LYS D 297 30.61 -5.12 32.58
CA LYS D 297 30.30 -4.13 31.55
C LYS D 297 28.81 -4.21 31.24
N ARG D 298 28.16 -3.05 31.18
CA ARG D 298 26.70 -3.00 31.08
C ARG D 298 26.22 -3.06 29.64
N VAL D 299 25.35 -4.02 29.35
CA VAL D 299 24.93 -4.29 27.98
C VAL D 299 23.41 -4.30 27.79
N PHE D 300 22.95 -3.69 26.70
CA PHE D 300 21.54 -3.71 26.31
C PHE D 300 21.37 -4.68 25.15
N ILE D 301 20.32 -5.51 25.20
CA ILE D 301 20.12 -6.54 24.19
C ILE D 301 18.76 -6.44 23.51
N PHE D 302 18.74 -6.55 22.19
CA PHE D 302 17.49 -6.45 21.44
C PHE D 302 17.57 -7.17 20.08
N GLY D 303 16.42 -7.54 19.54
CA GLY D 303 16.38 -8.28 18.29
C GLY D 303 15.22 -9.25 18.28
N ASP D 304 15.28 -10.28 17.43
CA ASP D 304 14.23 -11.30 17.43
C ASP D 304 14.41 -12.19 18.65
N GLY D 305 13.36 -12.94 18.99
CA GLY D 305 13.35 -13.74 20.20
C GLY D 305 14.53 -14.68 20.36
N THR D 306 14.79 -15.48 19.33
CA THR D 306 15.85 -16.48 19.36
C THR D 306 17.22 -15.92 19.68
N HIS D 307 17.63 -14.89 18.93
CA HIS D 307 18.96 -14.32 19.10
C HIS D 307 19.09 -13.51 20.39
N VAL D 308 17.99 -12.94 20.86
CA VAL D 308 18.00 -12.21 22.12
C VAL D 308 18.20 -13.17 23.28
N LEU D 309 17.45 -14.28 23.27
CA LEU D 309 17.58 -15.29 24.31
C LEU D 309 18.98 -15.88 24.34
N ALA D 310 19.53 -16.13 23.15
CA ALA D 310 20.88 -16.68 23.03
C ALA D 310 21.91 -15.70 23.57
N ALA D 311 21.84 -14.45 23.10
CA ALA D 311 22.77 -13.40 23.51
C ALA D 311 22.74 -13.18 25.02
N ALA D 312 21.54 -13.27 25.60
CA ALA D 312 21.35 -13.05 27.02
C ALA D 312 22.15 -14.02 27.88
N ARG D 313 22.12 -15.30 27.51
CA ARG D 313 22.84 -16.31 28.26
C ARG D 313 24.35 -16.14 28.09
N ILE D 314 24.77 -15.84 26.87
CA ILE D 314 26.18 -15.62 26.56
C ILE D 314 26.74 -14.43 27.35
N ALA D 315 26.03 -13.31 27.29
CA ALA D 315 26.46 -12.10 27.99
C ALA D 315 26.53 -12.34 29.50
N ASN D 316 25.58 -13.11 30.01
CA ASN D 316 25.47 -13.32 31.45
C ASN D 316 26.29 -14.48 31.98
N GLU D 317 26.37 -15.57 31.22
CA GLU D 317 27.02 -16.79 31.72
C GLU D 317 28.37 -17.11 31.06
N GLU D 318 28.66 -16.49 29.93
CA GLU D 318 29.87 -16.83 29.20
C GLU D 318 30.87 -15.67 29.05
N LEU D 319 30.38 -14.44 29.12
CA LEU D 319 31.24 -13.28 28.95
C LEU D 319 31.42 -12.47 30.24
N GLY D 320 30.44 -12.56 31.13
CA GLY D 320 30.50 -11.87 32.41
C GLY D 320 30.00 -10.44 32.38
N PHE D 321 29.24 -10.10 31.34
CA PHE D 321 28.62 -8.80 31.24
C PHE D 321 27.47 -8.69 32.23
N GLU D 322 27.06 -7.47 32.55
CA GLU D 322 25.80 -7.28 33.26
C GLU D 322 24.74 -6.77 32.31
N VAL D 323 23.73 -7.60 32.06
CA VAL D 323 22.61 -7.20 31.21
C VAL D 323 21.74 -6.21 31.97
N VAL D 324 21.69 -4.97 31.47
CA VAL D 324 20.95 -3.91 32.13
C VAL D 324 19.65 -3.58 31.39
N GLY D 325 19.45 -4.21 30.24
CA GLY D 325 18.26 -4.01 29.45
C GLY D 325 18.09 -5.13 28.44
N ILE D 326 16.86 -5.56 28.24
CA ILE D 326 16.59 -6.67 27.33
C ILE D 326 15.18 -6.60 26.73
N GLY D 327 15.07 -6.96 25.46
CA GLY D 327 13.77 -6.95 24.80
C GLY D 327 13.77 -7.62 23.44
N THR D 328 12.57 -7.76 22.86
CA THR D 328 12.43 -8.39 21.56
C THR D 328 11.27 -7.76 20.80
N TYR D 329 11.29 -7.88 19.47
CA TYR D 329 10.16 -7.43 18.66
C TYR D 329 9.29 -8.61 18.28
N SER D 330 9.76 -9.82 18.58
CA SER D 330 8.98 -11.02 18.33
C SER D 330 7.97 -11.24 19.45
N ARG D 331 6.72 -10.85 19.22
CA ARG D 331 5.69 -10.98 20.24
C ARG D 331 5.36 -12.44 20.54
N GLU D 332 5.55 -13.30 19.54
CA GLU D 332 5.33 -14.73 19.72
C GLU D 332 6.37 -15.35 20.65
N MET D 333 7.45 -14.62 20.90
CA MET D 333 8.53 -15.08 21.77
C MET D 333 8.51 -14.34 23.11
N ALA D 334 7.45 -13.58 23.34
CA ALA D 334 7.39 -12.67 24.49
C ALA D 334 7.54 -13.32 25.86
N ARG D 335 6.77 -14.39 26.10
CA ARG D 335 6.77 -15.02 27.42
C ARG D 335 8.15 -15.58 27.78
N LYS D 336 8.90 -16.03 26.79
CA LYS D 336 10.24 -16.57 27.02
C LYS D 336 11.24 -15.46 27.33
N VAL D 337 11.13 -14.34 26.62
CA VAL D 337 12.01 -13.20 26.86
C VAL D 337 11.71 -12.58 28.22
N ARG D 338 10.45 -12.62 28.63
CA ARG D 338 10.06 -12.12 29.95
C ARG D 338 10.60 -13.01 31.07
N ALA D 339 10.57 -14.32 30.84
CA ALA D 339 11.12 -15.27 31.81
C ALA D 339 12.63 -15.07 31.96
N ALA D 340 13.31 -14.90 30.82
CA ALA D 340 14.74 -14.67 30.82
C ALA D 340 15.08 -13.34 31.50
N ALA D 341 14.26 -12.33 31.24
CA ALA D 341 14.46 -11.01 31.84
C ALA D 341 14.27 -11.07 33.35
N THR D 342 13.32 -11.89 33.80
CA THR D 342 13.02 -12.03 35.22
C THR D 342 14.20 -12.64 35.96
N GLU D 343 14.83 -13.65 35.35
CA GLU D 343 16.04 -14.24 35.92
C GLU D 343 17.14 -13.20 36.05
N LEU D 344 17.20 -12.29 35.07
CA LEU D 344 18.22 -11.25 35.04
C LEU D 344 17.83 -10.06 35.90
N GLY D 345 16.67 -10.14 36.54
CA GLY D 345 16.20 -9.08 37.42
C GLY D 345 15.74 -7.85 36.64
N LEU D 346 15.29 -8.07 35.41
CA LEU D 346 14.87 -6.98 34.54
C LEU D 346 13.42 -7.12 34.12
N GLU D 347 12.87 -6.04 33.59
CA GLU D 347 11.57 -6.09 32.93
C GLU D 347 11.83 -6.06 31.42
N ALA D 348 11.29 -7.04 30.71
CA ALA D 348 11.51 -7.17 29.28
C ALA D 348 10.76 -6.12 28.47
N LEU D 349 11.44 -5.54 27.49
CA LEU D 349 10.81 -4.57 26.61
C LEU D 349 10.26 -5.27 25.37
N ILE D 350 8.95 -5.46 25.34
CA ILE D 350 8.30 -6.11 24.20
C ILE D 350 7.65 -5.04 23.34
N THR D 351 8.28 -4.72 22.22
CA THR D 351 7.80 -3.64 21.35
C THR D 351 8.37 -3.72 19.94
N ASN D 352 7.69 -3.08 19.01
CA ASN D 352 8.20 -2.88 17.66
C ASN D 352 8.40 -1.40 17.41
N ASP D 353 8.31 -0.61 18.49
CA ASP D 353 8.46 0.84 18.42
C ASP D 353 9.91 1.22 18.63
N TYR D 354 10.58 1.63 17.55
CA TYR D 354 11.98 2.02 17.59
C TYR D 354 12.24 3.11 18.64
N LEU D 355 11.33 4.07 18.73
CA LEU D 355 11.47 5.17 19.68
C LEU D 355 11.43 4.69 21.13
N GLU D 356 10.69 3.63 21.38
CA GLU D 356 10.66 3.02 22.72
C GLU D 356 11.98 2.34 23.04
N VAL D 357 12.54 1.65 22.04
CA VAL D 357 13.82 0.98 22.22
C VAL D 357 14.93 1.99 22.46
N GLU D 358 14.98 3.02 21.62
CA GLU D 358 15.94 4.09 21.77
C GLU D 358 15.87 4.69 23.17
N GLU D 359 14.64 4.94 23.62
CA GLU D 359 14.40 5.54 24.93
C GLU D 359 14.91 4.64 26.05
N SER D 360 14.66 3.34 25.93
CA SER D 360 15.08 2.38 26.94
C SER D 360 16.61 2.31 27.03
N ILE D 361 17.27 2.37 25.89
CA ILE D 361 18.72 2.38 25.84
C ILE D 361 19.25 3.64 26.51
N LYS D 362 18.69 4.78 26.14
CA LYS D 362 19.07 6.07 26.69
C LYS D 362 18.94 6.08 28.21
N GLU D 363 17.90 5.44 28.72
CA GLU D 363 17.61 5.47 30.15
C GLU D 363 18.56 4.61 30.98
N CYS D 364 18.92 3.44 30.48
CA CYS D 364 19.81 2.56 31.24
C CYS D 364 21.28 2.79 30.90
N ALA D 365 21.53 3.60 29.87
CA ALA D 365 22.88 4.03 29.48
C ALA D 365 23.95 2.94 29.50
N PRO D 366 23.79 1.91 28.67
CA PRO D 366 24.73 0.77 28.72
C PRO D 366 26.07 1.12 28.10
N GLU D 367 27.06 0.26 28.33
CA GLU D 367 28.38 0.43 27.73
C GLU D 367 28.43 -0.26 26.38
N LEU D 368 27.49 -1.17 26.14
CA LEU D 368 27.44 -1.90 24.87
C LEU D 368 26.00 -2.23 24.49
N VAL D 369 25.68 -2.07 23.20
CA VAL D 369 24.37 -2.45 22.70
C VAL D 369 24.49 -3.62 21.75
N LEU D 370 23.80 -4.72 22.07
CA LEU D 370 23.75 -5.88 21.19
C LEU D 370 22.36 -5.98 20.56
N GLY D 371 22.19 -5.37 19.40
CA GLY D 371 20.88 -5.29 18.79
C GLY D 371 20.84 -5.53 17.30
N THR D 372 19.89 -4.90 16.64
CA THR D 372 19.70 -5.05 15.20
C THR D 372 20.37 -3.91 14.48
N GLN D 373 20.15 -3.83 13.16
CA GLN D 373 20.66 -2.73 12.37
C GLN D 373 20.11 -1.40 12.87
N MET D 374 18.90 -1.43 13.42
CA MET D 374 18.23 -0.23 13.89
C MET D 374 18.84 0.31 15.17
N GLU D 375 19.45 -0.57 15.96
CA GLU D 375 20.08 -0.14 17.20
C GLU D 375 21.37 0.63 16.95
N ARG D 376 21.94 0.46 15.76
CA ARG D 376 23.12 1.21 15.37
C ARG D 376 22.75 2.69 15.27
N HIS D 377 21.53 2.97 14.84
CA HIS D 377 21.03 4.33 14.72
C HIS D 377 21.02 5.03 16.08
N SER D 378 20.44 4.37 17.08
CA SER D 378 20.31 4.96 18.41
C SER D 378 21.65 4.96 19.15
N ALA D 379 22.48 3.94 18.90
CA ALA D 379 23.80 3.87 19.51
C ALA D 379 24.72 4.96 18.98
N LYS D 380 24.58 5.28 17.69
CA LYS D 380 25.36 6.34 17.07
C LYS D 380 25.00 7.68 17.72
N ARG D 381 23.71 7.92 17.89
CA ARG D 381 23.24 9.16 18.48
C ARG D 381 23.65 9.30 19.94
N LEU D 382 23.69 8.17 20.64
CA LEU D 382 24.00 8.14 22.06
C LEU D 382 25.49 7.89 22.31
N GLY D 383 26.23 7.59 21.25
CA GLY D 383 27.66 7.37 21.37
C GLY D 383 28.01 6.10 22.12
N ILE D 384 27.27 5.03 21.87
CA ILE D 384 27.49 3.76 22.53
C ILE D 384 28.02 2.72 21.54
N PRO D 385 29.08 2.00 21.94
CA PRO D 385 29.60 0.89 21.13
C PRO D 385 28.50 -0.12 20.80
N CYS D 386 28.39 -0.50 19.53
CA CYS D 386 27.30 -1.36 19.10
C CYS D 386 27.79 -2.54 18.27
N ALA D 387 27.01 -3.62 18.29
CA ALA D 387 27.26 -4.78 17.44
C ALA D 387 25.92 -5.41 17.05
N VAL D 388 25.83 -5.90 15.82
CA VAL D 388 24.59 -6.50 15.33
C VAL D 388 24.53 -7.98 15.64
N ILE D 389 23.43 -8.42 16.25
CA ILE D 389 23.25 -9.81 16.64
C ILE D 389 22.02 -10.42 16.01
N SER D 390 21.29 -9.63 15.22
CA SER D 390 20.00 -10.08 14.72
C SER D 390 19.47 -9.22 13.57
N THR D 391 18.60 -9.80 12.75
CA THR D 391 17.87 -9.05 11.75
C THR D 391 16.89 -8.12 12.47
N PRO D 392 16.50 -7.00 11.83
CA PRO D 392 16.84 -6.53 10.48
C PRO D 392 18.32 -6.20 10.34
N MET D 393 18.87 -6.50 9.18
CA MET D 393 20.27 -6.28 8.90
C MET D 393 20.40 -5.63 7.54
N HIS D 394 21.63 -5.31 7.15
CA HIS D 394 21.91 -4.92 5.77
C HIS D 394 23.13 -5.66 5.27
N VAL D 395 23.71 -5.19 4.18
CA VAL D 395 24.70 -5.96 3.42
C VAL D 395 25.97 -6.34 4.20
N GLN D 396 26.38 -5.51 5.16
CA GLN D 396 27.59 -5.80 5.95
C GLN D 396 27.46 -7.13 6.68
N ASP D 397 26.24 -7.53 7.02
CA ASP D 397 26.02 -8.76 7.76
C ASP D 397 25.73 -9.97 6.88
N VAL D 398 26.02 -9.83 5.59
CA VAL D 398 26.04 -10.98 4.68
C VAL D 398 27.44 -11.07 4.06
N PRO D 399 28.44 -11.40 4.89
CA PRO D 399 29.84 -11.30 4.47
C PRO D 399 30.29 -12.49 3.62
N ALA D 400 31.42 -12.33 2.96
CA ALA D 400 31.98 -13.40 2.14
C ALA D 400 32.55 -14.52 2.99
N ARG D 401 33.15 -14.17 4.12
CA ARG D 401 33.82 -15.14 4.98
C ARG D 401 32.84 -15.98 5.80
N TYR D 402 33.36 -17.08 6.33
CA TYR D 402 32.58 -18.00 7.16
C TYR D 402 32.23 -17.31 8.48
N SER D 403 30.93 -17.10 8.71
CA SER D 403 30.50 -16.28 9.84
C SER D 403 29.27 -16.82 10.56
N PRO D 404 29.35 -18.05 11.09
CA PRO D 404 28.20 -18.58 11.80
C PRO D 404 28.02 -17.89 13.15
N GLN D 405 26.84 -18.02 13.73
CA GLN D 405 26.61 -17.59 15.10
C GLN D 405 26.44 -18.84 15.95
N MET D 406 26.13 -19.95 15.31
CA MET D 406 25.82 -21.20 16.00
C MET D 406 27.06 -22.09 16.19
N GLY D 407 26.96 -23.01 17.15
CA GLY D 407 28.00 -24.00 17.36
C GLY D 407 29.29 -23.45 17.93
N TRP D 408 30.34 -24.26 17.83
CA TRP D 408 31.64 -23.91 18.41
C TRP D 408 32.28 -22.69 17.76
N GLU D 409 32.32 -22.68 16.43
CA GLU D 409 32.93 -21.59 15.69
C GLU D 409 32.09 -20.32 15.76
N GLY D 410 30.77 -20.49 15.86
CA GLY D 410 29.87 -19.36 16.00
C GLY D 410 30.19 -18.57 17.25
N ALA D 411 30.52 -19.29 18.32
CA ALA D 411 30.88 -18.66 19.58
C ALA D 411 32.20 -17.90 19.44
N ASN D 412 33.08 -18.41 18.58
CA ASN D 412 34.34 -17.73 18.29
C ASN D 412 34.10 -16.40 17.60
N VAL D 413 33.23 -16.42 16.59
CA VAL D 413 32.85 -15.22 15.86
C VAL D 413 32.19 -14.22 16.81
N ILE D 414 31.30 -14.75 17.65
CA ILE D 414 30.58 -13.94 18.63
C ILE D 414 31.52 -13.24 19.62
N PHE D 415 32.54 -13.95 20.10
CA PHE D 415 33.51 -13.35 21.00
C PHE D 415 34.24 -12.17 20.36
N ASP D 416 34.75 -12.39 19.14
CA ASP D 416 35.48 -11.34 18.43
C ASP D 416 34.59 -10.12 18.20
N ASP D 417 33.39 -10.36 17.68
CA ASP D 417 32.50 -9.30 17.26
C ASP D 417 31.85 -8.50 18.39
N TRP D 418 31.58 -9.16 19.51
CA TRP D 418 30.89 -8.49 20.61
C TRP D 418 31.86 -7.71 21.51
N VAL D 419 33.15 -8.08 21.45
CA VAL D 419 34.16 -7.42 22.25
C VAL D 419 34.82 -6.28 21.48
N HIS D 420 34.86 -6.42 20.16
CA HIS D 420 35.48 -5.42 19.27
C HIS D 420 35.08 -3.95 19.48
N PRO D 421 33.77 -3.67 19.64
CA PRO D 421 33.39 -2.25 19.77
C PRO D 421 33.86 -1.61 21.08
N LEU D 422 34.21 -2.44 22.07
CA LEU D 422 34.64 -1.94 23.37
C LEU D 422 36.05 -1.36 23.30
N MET D 423 36.29 -0.30 24.07
CA MET D 423 37.64 0.23 24.22
C MET D 423 38.53 -0.86 24.82
N MET D 424 39.77 -0.93 24.37
CA MET D 424 40.68 -1.99 24.80
C MET D 424 41.31 -1.68 26.16
N GLY D 425 41.84 -2.72 26.80
CA GLY D 425 42.29 -2.64 28.18
C GLY D 425 43.23 -1.51 28.56
N LEU D 426 44.40 -1.46 27.94
CA LEU D 426 45.41 -0.46 28.28
C LEU D 426 44.91 0.96 28.06
N GLU D 427 44.27 1.19 26.91
CA GLU D 427 43.76 2.51 26.57
C GLU D 427 42.69 2.97 27.54
N GLU D 428 41.82 2.06 27.96
CA GLU D 428 40.77 2.37 28.91
C GLU D 428 41.34 2.74 30.28
N HIS D 429 42.39 2.03 30.69
CA HIS D 429 43.05 2.33 31.95
C HIS D 429 43.72 3.70 31.90
N LEU D 430 44.37 3.99 30.78
CA LEU D 430 45.09 5.26 30.64
C LEU D 430 44.16 6.46 30.62
N ILE D 431 42.98 6.30 30.05
CA ILE D 431 42.02 7.40 30.00
C ILE D 431 41.39 7.63 31.38
N GLY D 432 41.35 6.60 32.20
CA GLY D 432 40.88 6.74 33.57
C GLY D 432 41.93 7.40 34.44
N MET D 433 43.18 7.29 34.02
CA MET D 433 44.30 7.88 34.76
C MET D 433 44.56 9.33 34.35
N PHE D 434 44.66 9.56 33.05
CA PHE D 434 45.05 10.87 32.54
C PHE D 434 44.08 11.42 31.50
N ARG D 435 43.50 12.57 31.80
CA ARG D 435 42.40 13.14 31.03
C ARG D 435 42.80 14.36 30.21
N HIS D 436 44.08 14.73 30.26
CA HIS D 436 44.52 15.99 29.67
C HIS D 436 45.32 15.83 28.38
N ASP D 437 45.15 14.71 27.69
CA ASP D 437 45.91 14.44 26.48
C ASP D 437 45.42 15.28 25.29
N PHE D 438 46.28 15.42 24.28
CA PHE D 438 45.92 16.16 23.08
C PHE D 438 45.40 15.24 21.98
N GLU D 439 45.67 13.94 22.11
CA GLU D 439 45.24 12.96 21.12
C GLU D 439 44.30 11.92 21.72
N PHE D 440 44.70 11.36 22.86
CA PHE D 440 43.90 10.32 23.51
C PHE D 440 42.92 10.95 24.50
N THR D 441 41.85 11.51 23.95
CA THR D 441 40.88 12.25 24.72
C THR D 441 39.74 11.38 25.25
N ASP D 442 38.75 12.02 25.85
CA ASP D 442 37.63 11.32 26.45
C ASP D 442 36.70 10.76 25.36
N GLY D 443 36.41 9.47 25.45
CA GLY D 443 35.53 8.82 24.48
C GLY D 443 36.26 8.35 23.24
N HIS D 444 37.56 8.61 23.19
CA HIS D 444 38.37 8.23 22.04
C HIS D 444 38.73 6.75 22.08
N GLN D 445 38.58 6.08 20.95
CA GLN D 445 38.95 4.67 20.80
C GLN D 445 39.88 4.53 19.61
N SER D 446 41.19 4.54 19.87
CA SER D 446 42.19 4.59 18.79
C SER D 446 42.21 3.32 17.94
N HIS D 447 41.80 2.19 18.51
CA HIS D 447 41.82 0.93 17.77
C HIS D 447 40.77 0.92 16.65
N LEU D 448 39.96 1.96 16.61
CA LEU D 448 39.03 2.16 15.51
C LEU D 448 39.62 3.16 14.51
N GLY D 449 40.84 3.60 14.77
CA GLY D 449 41.62 4.39 13.85
C GLY D 449 41.04 5.73 13.42
N HIS D 450 40.51 6.49 14.38
CA HIS D 450 39.86 7.76 14.09
C HIS D 450 40.27 8.83 15.09
N LEU D 451 40.75 9.96 14.59
CA LEU D 451 41.12 11.09 15.45
C LEU D 451 39.89 11.86 15.91
N ILE D 479 17.87 17.73 41.50
CA ILE D 479 17.42 18.10 40.16
C ILE D 479 18.42 19.06 39.51
N HIS D 480 19.15 19.80 40.34
CA HIS D 480 20.16 20.73 39.86
C HIS D 480 21.56 20.30 40.27
N TRP D 481 22.50 20.34 39.33
CA TRP D 481 23.88 19.97 39.63
C TRP D 481 24.74 21.19 39.92
N THR D 482 25.44 21.17 41.04
CA THR D 482 26.38 22.25 41.37
C THR D 482 27.63 22.13 40.51
N SER D 483 28.36 23.24 40.39
CA SER D 483 29.63 23.25 39.66
C SER D 483 30.59 22.27 40.32
N GLU D 484 30.45 22.10 41.62
CA GLU D 484 31.23 21.13 42.38
C GLU D 484 30.79 19.70 42.04
N GLY D 485 29.49 19.53 41.82
CA GLY D 485 28.92 18.23 41.54
C GLY D 485 29.28 17.68 40.17
N GLU D 486 29.23 18.53 39.16
CA GLU D 486 29.53 18.12 37.79
C GLU D 486 31.01 17.86 37.59
N SER D 487 31.84 18.43 38.46
CA SER D 487 33.28 18.24 38.39
C SER D 487 33.65 16.80 38.76
N GLU D 488 32.95 16.26 39.75
CA GLU D 488 33.17 14.88 40.18
C GLU D 488 32.55 13.93 39.17
N LEU D 489 31.59 14.43 38.39
CA LEU D 489 30.92 13.63 37.37
C LEU D 489 31.79 13.49 36.12
N ALA D 490 32.56 14.53 35.82
CA ALA D 490 33.46 14.49 34.68
C ALA D 490 34.64 13.56 34.94
N LYS D 491 34.91 13.32 36.22
CA LYS D 491 35.96 12.39 36.63
C LYS D 491 35.66 10.98 36.15
N ILE D 492 34.37 10.63 36.11
CA ILE D 492 33.93 9.31 35.68
C ILE D 492 34.34 9.04 34.24
N PRO D 493 35.02 7.90 34.00
CA PRO D 493 35.63 7.58 32.70
C PRO D 493 34.63 7.24 31.59
N PHE D 494 33.99 8.25 31.02
CA PHE D 494 33.14 8.07 29.84
C PHE D 494 32.02 7.03 29.98
N PHE D 495 32.12 5.94 29.23
CA PHE D 495 30.98 5.06 28.95
C PHE D 495 30.16 4.66 30.18
N VAL D 496 30.78 4.68 31.36
CA VAL D 496 30.04 4.45 32.61
C VAL D 496 29.48 5.73 33.26
N ARG D 497 29.78 6.89 32.67
CA ARG D 497 29.34 8.19 33.20
C ARG D 497 27.83 8.33 33.15
N GLY D 498 27.21 7.72 32.14
CA GLY D 498 25.78 7.77 31.96
C GLY D 498 25.03 7.17 33.13
N LYS D 499 25.43 5.97 33.53
CA LYS D 499 24.79 5.29 34.66
C LYS D 499 25.06 6.01 35.97
N VAL D 500 26.26 6.56 36.11
CA VAL D 500 26.65 7.29 37.31
C VAL D 500 25.77 8.51 37.53
N ARG D 501 25.51 9.25 36.46
CA ARG D 501 24.64 10.42 36.53
C ARG D 501 23.22 10.02 36.91
N ARG D 502 22.73 8.91 36.36
CA ARG D 502 21.40 8.41 36.67
C ARG D 502 21.30 7.99 38.13
N ASN D 503 22.26 7.17 38.57
CA ASN D 503 22.26 6.65 39.94
C ASN D 503 22.39 7.75 40.99
N THR D 504 23.12 8.80 40.67
CA THR D 504 23.29 9.91 41.59
C THR D 504 22.01 10.71 41.74
N GLU D 505 21.34 10.96 40.62
CA GLU D 505 20.06 11.67 40.62
C GLU D 505 18.99 10.82 41.31
N LYS D 506 19.03 9.51 41.07
CA LYS D 506 18.11 8.60 41.74
C LYS D 506 18.39 8.59 43.23
N TYR D 507 19.68 8.64 43.60
CA TYR D 507 20.08 8.67 44.99
C TYR D 507 19.63 9.97 45.67
N ALA D 508 19.81 11.09 44.96
CA ALA D 508 19.46 12.40 45.50
C ALA D 508 17.96 12.53 45.73
N ARG D 509 17.17 11.90 44.86
CA ARG D 509 15.71 11.89 45.01
C ARG D 509 15.33 10.94 46.15
N GLN D 510 16.02 9.81 46.22
CA GLN D 510 15.74 8.77 47.20
C GLN D 510 15.96 9.24 48.63
N ALA D 511 16.62 10.38 48.78
CA ALA D 511 16.90 10.97 50.08
C ALA D 511 16.37 12.40 50.12
N GLY D 512 16.63 13.09 51.22
CA GLY D 512 16.20 14.48 51.36
C GLY D 512 17.14 15.44 50.67
N CYS D 513 18.03 14.89 49.84
CA CYS D 513 19.03 15.69 49.13
C CYS D 513 18.41 16.69 48.17
N ARG D 514 18.90 17.93 48.24
CA ARG D 514 18.58 18.94 47.26
C ARG D 514 19.87 19.35 46.58
N GLU D 515 19.73 19.93 45.39
CA GLU D 515 20.78 20.11 44.38
C GLU D 515 21.54 18.80 44.12
N ILE D 516 22.84 18.87 43.85
CA ILE D 516 23.76 17.74 43.92
C ILE D 516 25.18 18.30 44.11
N ASP D 517 26.05 17.60 44.82
CA ASP D 517 27.43 18.03 44.92
C ASP D 517 28.42 16.88 44.74
N GLY D 518 29.71 17.18 44.88
CA GLY D 518 30.75 16.19 44.70
C GLY D 518 30.68 15.05 45.70
N GLU D 519 30.19 15.36 46.89
CA GLU D 519 30.10 14.35 47.95
C GLU D 519 28.92 13.39 47.74
N THR D 520 27.79 13.92 47.29
CA THR D 520 26.60 13.07 47.09
C THR D 520 26.78 12.13 45.91
N LEU D 521 27.70 12.47 45.01
CA LEU D 521 28.02 11.58 43.90
C LEU D 521 28.82 10.40 44.43
N LEU D 522 29.70 10.68 45.38
CA LEU D 522 30.49 9.65 46.05
C LEU D 522 29.60 8.85 47.01
N ASP D 523 28.58 9.50 47.53
CA ASP D 523 27.62 8.84 48.41
C ASP D 523 26.76 7.86 47.61
N ALA D 524 26.34 8.27 46.43
CA ALA D 524 25.53 7.43 45.55
C ALA D 524 26.30 6.18 45.14
N LYS D 525 27.59 6.35 44.87
CA LYS D 525 28.46 5.25 44.48
C LYS D 525 28.53 4.18 45.58
N ALA D 526 28.73 4.63 46.81
CA ALA D 526 28.82 3.72 47.95
C ALA D 526 27.46 3.12 48.28
N HIS D 527 26.39 3.82 47.88
CA HIS D 527 25.03 3.37 48.14
C HIS D 527 24.64 2.19 47.25
N PHE D 528 25.04 2.26 45.98
CA PHE D 528 24.78 1.18 45.04
C PHE D 528 25.94 0.19 45.00
#